data_4QAA
#
_entry.id   4QAA
#
_cell.length_a   83.414
_cell.length_b   129.934
_cell.length_c   122.752
_cell.angle_alpha   90.00
_cell.angle_beta   106.21
_cell.angle_gamma   90.00
#
_symmetry.space_group_name_H-M   'P 1 21 1'
#
loop_
_entity.id
_entity.type
_entity.pdbx_description
1 polymer 'Acetylcholine-binding protein'
2 non-polymer 6-(4-methoxyphenyl)-N~4~-octylpyrimidine-2,4-diamine
3 non-polymer 2-acetamido-2-deoxy-beta-D-glucopyranose
4 non-polymer 'PHOSPHATE ION'
5 water water
#
_entity_poly.entity_id   1
_entity_poly.type   'polypeptide(L)'
_entity_poly.pdbx_seq_one_letter_code
;DYKDDDDKLDRADILYNIRQTSRPDVIPTQRDRPVAVSVSLKFINILEVNEITNEVDVVFWQQTTWSDRTLAWNSSHSPD
QVSVPISSLWVPDLAAYNAISKPEVLTPQLARVVSDGEVLYMPSIRQRFSCDVSGVDTESGATCRIKIGSWTHHSREISV
DPTTENSDDSEYFSQYSRFEILDVTQKKNSVTYSCCPEAYEDVEVSLNFRKKGRSEI
;
_entity_poly.pdbx_strand_id   A,B,C,D,E,F,G,H,I,J
#
loop_
_chem_comp.id
_chem_comp.type
_chem_comp.name
_chem_comp.formula
KK1 non-polymer 6-(4-methoxyphenyl)-N~4~-octylpyrimidine-2,4-diamine 'C19 H28 N4 O'
NAG D-saccharide, beta linking 2-acetamido-2-deoxy-beta-D-glucopyranose 'C8 H15 N O6'
PO4 non-polymer 'PHOSPHATE ION' 'O4 P -3'
#
# COMPACT_ATOMS: atom_id res chain seq x y z
N ASP A 1 -35.35 9.75 4.16
CA ASP A 1 -36.62 9.07 4.42
C ASP A 1 -36.82 7.89 3.48
N TYR A 2 -38.07 7.49 3.27
CA TYR A 2 -38.39 6.37 2.40
C TYR A 2 -38.26 6.67 0.89
N LYS A 3 -38.46 7.94 0.52
CA LYS A 3 -38.43 8.34 -0.89
C LYS A 3 -37.03 8.48 -1.47
N ASP A 4 -36.05 8.70 -0.60
CA ASP A 4 -34.65 8.83 -1.00
C ASP A 4 -33.86 7.57 -0.64
N ASP A 5 -34.59 6.48 -0.37
CA ASP A 5 -33.97 5.20 -0.03
C ASP A 5 -33.13 4.62 -1.18
N ASP A 6 -33.59 4.81 -2.41
CA ASP A 6 -32.92 4.24 -3.58
C ASP A 6 -31.97 5.23 -4.28
N ASP A 7 -31.51 6.25 -3.56
CA ASP A 7 -30.51 7.15 -4.11
C ASP A 7 -29.12 6.52 -4.00
N LYS A 8 -28.54 6.13 -5.13
CA LYS A 8 -27.34 5.32 -5.10
C LYS A 8 -26.14 5.97 -4.42
N LEU A 9 -25.89 7.24 -4.76
CA LEU A 9 -24.75 7.97 -4.24
C LEU A 9 -24.87 8.28 -2.73
N ASP A 10 -26.10 8.52 -2.28
CA ASP A 10 -26.34 8.70 -0.85
C ASP A 10 -26.03 7.42 -0.07
N ARG A 11 -26.25 6.28 -0.71
CA ARG A 11 -25.90 4.99 -0.11
C ARG A 11 -24.38 4.77 -0.05
N ALA A 12 -23.70 5.04 -1.16
CA ALA A 12 -22.24 4.93 -1.22
C ALA A 12 -21.58 5.73 -0.11
N ASP A 13 -22.12 6.91 0.17
CA ASP A 13 -21.56 7.81 1.17
C ASP A 13 -21.79 7.38 2.60
N ILE A 14 -22.98 6.86 2.89
CA ILE A 14 -23.24 6.26 4.20
C ILE A 14 -22.27 5.08 4.46
N LEU A 15 -22.13 4.18 3.50
CA LEU A 15 -21.15 3.10 3.60
C LEU A 15 -19.76 3.62 3.95
N TYR A 16 -19.30 4.59 3.15
CA TYR A 16 -18.05 5.29 3.38
C TYR A 16 -17.99 5.89 4.79
N ASN A 17 -19.06 6.55 5.21
CA ASN A 17 -19.11 7.10 6.55
C ASN A 17 -18.97 6.02 7.60
N ILE A 18 -19.78 4.95 7.47
CA ILE A 18 -19.71 3.80 8.37
C ILE A 18 -18.29 3.25 8.41
N ARG A 19 -17.70 3.04 7.25
CA ARG A 19 -16.38 2.42 7.23
C ARG A 19 -15.29 3.29 7.86
N GLN A 20 -15.52 4.59 7.87
CA GLN A 20 -14.56 5.51 8.45
C GLN A 20 -14.70 5.62 9.95
N THR A 21 -15.91 5.40 10.44
CA THR A 21 -16.18 5.52 11.86
C THR A 21 -16.12 4.18 12.60
N SER A 22 -16.63 3.13 11.95
CA SER A 22 -16.71 1.80 12.57
C SER A 22 -15.34 1.30 13.02
N ARG A 23 -15.30 0.71 14.22
CA ARG A 23 -14.10 0.07 14.72
C ARG A 23 -14.46 -1.40 14.89
N PRO A 24 -14.19 -2.23 13.88
CA PRO A 24 -14.66 -3.62 13.88
C PRO A 24 -14.17 -4.52 15.03
N ASP A 25 -13.11 -4.14 15.74
CA ASP A 25 -12.53 -5.00 16.78
C ASP A 25 -12.73 -4.43 18.20
N VAL A 26 -13.40 -3.30 18.30
CA VAL A 26 -13.63 -2.67 19.58
C VAL A 26 -15.10 -2.73 19.95
N ILE A 27 -15.41 -3.17 21.17
CA ILE A 27 -16.81 -3.16 21.59
C ILE A 27 -17.36 -1.73 21.60
N PRO A 28 -18.55 -1.55 21.03
CA PRO A 28 -19.20 -0.24 20.87
C PRO A 28 -19.82 0.22 22.17
N THR A 29 -19.04 0.17 23.23
CA THR A 29 -19.50 0.53 24.56
C THR A 29 -19.73 2.05 24.69
N GLN A 30 -20.99 2.42 24.85
CA GLN A 30 -21.37 3.82 24.92
C GLN A 30 -21.63 4.23 26.37
N ARG A 31 -21.11 5.39 26.77
CA ARG A 31 -21.38 5.98 28.09
C ARG A 31 -21.05 5.09 29.29
N ASP A 32 -20.00 4.28 29.20
CA ASP A 32 -19.71 3.33 30.26
C ASP A 32 -20.89 2.46 30.75
N ARG A 33 -21.63 1.92 29.79
CA ARG A 33 -22.61 0.85 30.01
C ARG A 33 -22.28 -0.28 29.03
N PRO A 34 -22.33 -1.53 29.49
CA PRO A 34 -22.03 -2.63 28.56
C PRO A 34 -22.93 -2.62 27.32
N VAL A 35 -22.37 -3.02 26.18
CA VAL A 35 -23.15 -3.14 24.97
C VAL A 35 -24.31 -4.06 25.24
N ALA A 36 -25.52 -3.58 25.01
CA ALA A 36 -26.68 -4.42 25.18
C ALA A 36 -27.00 -5.10 23.86
N VAL A 37 -26.79 -6.42 23.82
CA VAL A 37 -27.05 -7.22 22.63
C VAL A 37 -28.37 -8.01 22.74
N SER A 38 -29.26 -7.81 21.77
CA SER A 38 -30.48 -8.59 21.66
C SER A 38 -30.30 -9.83 20.82
N VAL A 39 -30.58 -11.00 21.39
CA VAL A 39 -30.56 -12.26 20.65
C VAL A 39 -31.92 -12.95 20.66
N SER A 40 -32.35 -13.45 19.51
CA SER A 40 -33.57 -14.23 19.42
C SER A 40 -33.32 -15.40 18.46
N LEU A 41 -33.57 -16.63 18.90
CA LEU A 41 -33.46 -17.77 18.00
C LEU A 41 -34.84 -18.08 17.45
N LYS A 42 -34.96 -18.16 16.14
CA LYS A 42 -36.22 -18.45 15.48
C LYS A 42 -36.08 -19.69 14.61
N PHE A 43 -36.52 -20.81 15.15
CA PHE A 43 -36.25 -22.12 14.56
C PHE A 43 -36.90 -22.39 13.22
N ILE A 44 -36.11 -22.89 12.29
CA ILE A 44 -36.59 -23.15 10.93
C ILE A 44 -36.78 -24.64 10.75
N ASN A 45 -35.85 -25.44 11.26
CA ASN A 45 -35.92 -26.88 11.04
C ASN A 45 -35.10 -27.68 12.06
N ILE A 46 -35.55 -28.90 12.29
CA ILE A 46 -34.78 -29.89 13.00
C ILE A 46 -34.55 -31.00 12.00
N LEU A 47 -33.30 -31.26 11.64
CA LEU A 47 -32.98 -32.16 10.52
C LEU A 47 -32.75 -33.63 10.89
N GLU A 48 -32.15 -33.86 12.06
CA GLU A 48 -31.66 -35.17 12.45
C GLU A 48 -31.62 -35.15 13.95
N VAL A 49 -32.06 -36.23 14.56
CA VAL A 49 -32.07 -36.33 16.00
C VAL A 49 -31.53 -37.69 16.36
N ASN A 50 -30.51 -37.74 17.21
CA ASN A 50 -29.91 -39.02 17.55
C ASN A 50 -30.10 -39.35 19.03
N GLU A 51 -30.95 -40.33 19.29
CA GLU A 51 -31.40 -40.63 20.64
C GLU A 51 -30.37 -41.47 21.36
N ILE A 52 -29.51 -42.11 20.58
CA ILE A 52 -28.43 -42.90 21.11
C ILE A 52 -27.36 -41.99 21.70
N THR A 53 -26.82 -41.10 20.86
CA THR A 53 -25.76 -40.18 21.25
C THR A 53 -26.20 -38.80 21.77
N ASN A 54 -27.50 -38.54 21.79
CA ASN A 54 -28.03 -37.26 22.29
C ASN A 54 -27.56 -36.00 21.57
N GLU A 55 -27.41 -36.09 20.24
CA GLU A 55 -27.06 -34.98 19.39
C GLU A 55 -28.30 -34.59 18.59
N VAL A 56 -28.40 -33.31 18.27
CA VAL A 56 -29.51 -32.84 17.48
C VAL A 56 -28.95 -31.89 16.39
N ASP A 57 -29.58 -31.87 15.23
CA ASP A 57 -29.11 -31.06 14.11
C ASP A 57 -30.19 -30.07 13.71
N VAL A 58 -29.93 -28.78 13.95
CA VAL A 58 -30.95 -27.75 13.85
C VAL A 58 -30.58 -26.63 12.87
N VAL A 59 -31.61 -26.08 12.23
CA VAL A 59 -31.50 -24.90 11.37
C VAL A 59 -32.28 -23.76 12.00
N PHE A 60 -31.60 -22.67 12.30
CA PHE A 60 -32.26 -21.52 12.91
C PHE A 60 -31.76 -20.17 12.40
N TRP A 61 -32.63 -19.17 12.59
CA TRP A 61 -32.30 -17.78 12.30
C TRP A 61 -31.89 -17.08 13.59
N GLN A 62 -30.63 -16.66 13.66
CA GLN A 62 -30.12 -16.04 14.88
C GLN A 62 -30.31 -14.53 14.85
N GLN A 63 -31.47 -14.07 15.30
CA GLN A 63 -31.78 -12.64 15.22
C GLN A 63 -30.99 -11.87 16.26
N THR A 64 -30.14 -10.97 15.79
CA THR A 64 -29.21 -10.25 16.66
C THR A 64 -29.23 -8.76 16.38
N THR A 65 -29.47 -7.98 17.43
CA THR A 65 -29.43 -6.54 17.31
C THR A 65 -28.67 -5.94 18.48
N TRP A 66 -28.11 -4.75 18.27
CA TRP A 66 -27.41 -4.01 19.32
C TRP A 66 -27.34 -2.60 18.83
N SER A 67 -26.70 -1.71 19.59
CA SER A 67 -26.65 -0.29 19.21
C SER A 67 -25.23 0.25 19.15
N ASP A 68 -24.89 0.91 18.05
CA ASP A 68 -23.67 1.76 17.99
C ASP A 68 -23.96 3.18 17.47
N ARG A 69 -24.23 4.09 18.38
CA ARG A 69 -24.79 5.40 17.99
C ARG A 69 -23.81 6.29 17.23
N THR A 70 -22.51 6.05 17.37
CA THR A 70 -21.49 6.73 16.57
C THR A 70 -21.62 6.43 15.06
N LEU A 71 -22.37 5.39 14.71
CA LEU A 71 -22.63 5.04 13.30
C LEU A 71 -23.87 5.75 12.76
N ALA A 72 -24.57 6.48 13.63
CA ALA A 72 -25.82 7.13 13.26
C ALA A 72 -25.61 8.32 12.33
N TRP A 73 -26.65 8.62 11.56
CA TRP A 73 -26.64 9.77 10.67
C TRP A 73 -28.03 10.40 10.52
N ASN A 74 -28.04 11.60 9.95
CA ASN A 74 -29.27 12.36 9.74
C ASN A 74 -29.96 11.90 8.47
N SER A 75 -31.11 11.25 8.61
CA SER A 75 -31.80 10.66 7.46
C SER A 75 -32.93 11.51 6.89
N SER A 76 -32.93 12.81 7.18
CA SER A 76 -33.98 13.71 6.69
C SER A 76 -34.16 13.63 5.19
N HIS A 77 -33.05 13.45 4.46
CA HIS A 77 -33.10 13.40 3.00
C HIS A 77 -32.16 12.36 2.41
N SER A 78 -31.78 11.37 3.23
CA SER A 78 -30.91 10.29 2.82
C SER A 78 -31.63 9.01 3.27
N PRO A 79 -31.20 7.84 2.75
CA PRO A 79 -31.80 6.55 3.14
C PRO A 79 -31.92 6.29 4.64
N ASP A 80 -32.89 5.47 5.04
CA ASP A 80 -33.11 5.12 6.45
C ASP A 80 -32.10 4.10 6.90
N GLN A 81 -31.82 3.13 6.03
CA GLN A 81 -30.92 2.03 6.34
C GLN A 81 -30.16 1.59 5.11
N VAL A 82 -29.07 0.86 5.34
CA VAL A 82 -28.32 0.21 4.29
C VAL A 82 -27.79 -1.16 4.75
N SER A 83 -27.26 -1.92 3.79
CA SER A 83 -26.62 -3.18 4.10
C SER A 83 -25.09 -3.03 4.05
N VAL A 84 -24.42 -3.54 5.08
CA VAL A 84 -22.98 -3.46 5.22
C VAL A 84 -22.37 -4.86 5.29
N PRO A 85 -21.24 -5.10 4.62
CA PRO A 85 -20.61 -6.40 4.82
C PRO A 85 -20.11 -6.54 6.26
N ILE A 86 -20.42 -7.68 6.89
CA ILE A 86 -20.12 -7.94 8.30
C ILE A 86 -18.66 -7.71 8.70
N SER A 87 -17.76 -7.84 7.73
CA SER A 87 -16.35 -7.51 7.95
C SER A 87 -16.05 -6.02 8.22
N SER A 88 -16.94 -5.13 7.77
CA SER A 88 -16.79 -3.72 8.06
C SER A 88 -17.26 -3.30 9.47
N LEU A 89 -17.99 -4.17 10.17
CA LEU A 89 -18.55 -3.79 11.46
C LEU A 89 -18.13 -4.69 12.59
N TRP A 90 -18.22 -4.16 13.81
CA TRP A 90 -18.04 -4.99 14.98
C TRP A 90 -19.26 -5.87 15.15
N VAL A 91 -19.01 -7.09 15.60
CA VAL A 91 -20.05 -8.12 15.75
C VAL A 91 -19.82 -8.85 17.08
N PRO A 92 -20.88 -9.03 17.87
CA PRO A 92 -20.72 -9.73 19.15
C PRO A 92 -20.15 -11.16 18.96
N ASP A 93 -19.18 -11.54 19.77
CA ASP A 93 -18.53 -12.85 19.67
C ASP A 93 -19.31 -13.95 20.41
N LEU A 94 -20.54 -14.17 19.96
CA LEU A 94 -21.42 -15.17 20.54
C LEU A 94 -20.90 -16.57 20.27
N ALA A 95 -21.15 -17.47 21.22
CA ALA A 95 -20.85 -18.90 21.07
C ALA A 95 -21.89 -19.75 21.81
N ALA A 96 -22.25 -20.88 21.23
CA ALA A 96 -23.10 -21.87 21.93
C ALA A 96 -22.24 -22.87 22.71
N TYR A 97 -22.42 -22.94 24.02
CA TYR A 97 -21.55 -23.80 24.85
C TYR A 97 -21.72 -25.28 24.57
N ASN A 98 -22.92 -25.69 24.19
CA ASN A 98 -23.17 -27.09 23.93
C ASN A 98 -23.23 -27.37 22.43
N ALA A 99 -22.46 -26.59 21.68
CA ALA A 99 -22.29 -26.80 20.26
C ALA A 99 -21.26 -27.90 20.05
N ILE A 100 -21.48 -28.74 19.06
CA ILE A 100 -20.49 -29.77 18.79
C ILE A 100 -20.02 -29.76 17.34
N SER A 101 -20.41 -28.72 16.61
CA SER A 101 -19.95 -28.48 15.25
C SER A 101 -19.83 -26.97 15.05
N LYS A 102 -19.01 -26.55 14.08
CA LYS A 102 -18.86 -25.13 13.73
C LYS A 102 -20.17 -24.60 13.17
N PRO A 103 -20.50 -23.35 13.50
CA PRO A 103 -21.75 -22.82 12.95
C PRO A 103 -21.64 -22.65 11.43
N GLU A 104 -22.44 -23.40 10.68
CA GLU A 104 -22.48 -23.29 9.24
C GLU A 104 -23.47 -22.16 8.89
N VAL A 105 -22.96 -21.05 8.36
CA VAL A 105 -23.82 -19.92 8.01
C VAL A 105 -24.41 -20.10 6.61
N LEU A 106 -25.74 -20.08 6.51
CA LEU A 106 -26.42 -20.38 5.24
C LEU A 106 -26.77 -19.14 4.42
N THR A 107 -26.67 -17.96 5.02
CA THR A 107 -27.10 -16.72 4.38
C THR A 107 -25.94 -15.74 4.09
N PRO A 108 -26.17 -14.76 3.18
CA PRO A 108 -25.17 -13.73 2.92
C PRO A 108 -24.76 -13.00 4.20
N GLN A 109 -23.47 -12.75 4.36
CA GLN A 109 -22.97 -12.10 5.57
C GLN A 109 -23.13 -10.58 5.54
N LEU A 110 -24.38 -10.13 5.41
CA LEU A 110 -24.68 -8.72 5.38
C LEU A 110 -25.43 -8.30 6.64
N ALA A 111 -25.13 -7.11 7.16
CA ALA A 111 -25.88 -6.62 8.31
C ALA A 111 -26.78 -5.51 7.84
N ARG A 112 -27.67 -5.04 8.71
CA ARG A 112 -28.39 -3.81 8.41
C ARG A 112 -28.00 -2.77 9.44
N VAL A 113 -27.61 -1.59 8.96
CA VAL A 113 -27.29 -0.50 9.86
C VAL A 113 -28.39 0.55 9.71
N VAL A 114 -29.07 0.86 10.81
CA VAL A 114 -30.17 1.84 10.79
C VAL A 114 -29.63 3.23 11.12
N SER A 115 -30.25 4.26 10.55
CA SER A 115 -29.73 5.63 10.68
C SER A 115 -29.66 6.17 12.12
N ASP A 116 -30.29 5.45 13.06
CA ASP A 116 -30.16 5.79 14.49
C ASP A 116 -29.03 5.05 15.24
N GLY A 117 -28.31 4.16 14.54
CA GLY A 117 -27.21 3.43 15.18
C GLY A 117 -27.52 1.97 15.51
N GLU A 118 -28.70 1.52 15.13
CA GLU A 118 -29.03 0.12 15.35
C GLU A 118 -28.42 -0.74 14.25
N VAL A 119 -27.79 -1.83 14.68
CA VAL A 119 -27.25 -2.81 13.75
C VAL A 119 -28.08 -4.09 13.91
N LEU A 120 -28.56 -4.63 12.79
CA LEU A 120 -29.29 -5.89 12.78
C LEU A 120 -28.49 -6.89 11.96
N TYR A 121 -28.18 -8.03 12.54
CA TYR A 121 -27.55 -9.12 11.82
C TYR A 121 -28.36 -10.36 12.13
N MET A 122 -28.85 -11.02 11.09
CA MET A 122 -29.65 -12.24 11.29
C MET A 122 -29.27 -13.31 10.30
N PRO A 123 -28.23 -14.06 10.60
CA PRO A 123 -27.88 -15.14 9.69
C PRO A 123 -28.76 -16.39 9.92
N SER A 124 -28.97 -17.16 8.86
CA SER A 124 -29.57 -18.47 9.04
C SER A 124 -28.41 -19.41 9.34
N ILE A 125 -28.56 -20.22 10.39
CA ILE A 125 -27.48 -21.11 10.79
C ILE A 125 -27.90 -22.59 10.93
N ARG A 126 -27.07 -23.50 10.43
CA ARG A 126 -27.20 -24.90 10.75
C ARG A 126 -26.12 -25.30 11.72
N GLN A 127 -26.46 -26.02 12.79
CA GLN A 127 -25.46 -26.46 13.76
C GLN A 127 -25.91 -27.65 14.63
N ARG A 128 -25.00 -28.58 14.92
CA ARG A 128 -25.29 -29.71 15.78
C ARG A 128 -25.06 -29.39 17.26
N PHE A 129 -25.96 -29.82 18.13
CA PHE A 129 -25.78 -29.61 19.56
C PHE A 129 -25.79 -30.91 20.33
N SER A 130 -25.24 -30.88 21.53
CA SER A 130 -25.34 -32.01 22.42
C SER A 130 -26.32 -31.63 23.52
N CYS A 131 -27.51 -32.26 23.50
CA CYS A 131 -28.62 -31.95 24.42
C CYS A 131 -29.55 -33.15 24.70
N ASP A 132 -30.34 -33.05 25.77
CA ASP A 132 -31.25 -34.12 26.21
C ASP A 132 -32.34 -34.36 25.18
N VAL A 133 -32.30 -35.51 24.51
CA VAL A 133 -33.31 -35.82 23.51
C VAL A 133 -34.27 -36.91 23.99
N SER A 134 -34.09 -37.36 25.22
CA SER A 134 -34.97 -38.35 25.79
C SER A 134 -36.38 -37.79 25.85
N GLY A 135 -37.33 -38.52 25.25
CA GLY A 135 -38.72 -38.11 25.23
C GLY A 135 -39.18 -37.57 23.90
N VAL A 136 -38.29 -37.52 22.92
CA VAL A 136 -38.64 -36.93 21.63
C VAL A 136 -39.72 -37.72 20.90
N ASP A 137 -39.72 -39.03 21.14
CA ASP A 137 -40.82 -39.92 20.78
C ASP A 137 -42.06 -39.56 21.59
N THR A 138 -41.83 -39.22 22.85
CA THR A 138 -42.89 -38.96 23.83
C THR A 138 -43.74 -37.75 23.48
N GLU A 139 -45.03 -37.83 23.81
CA GLU A 139 -45.98 -36.78 23.46
C GLU A 139 -45.62 -35.43 24.07
N SER A 140 -45.17 -35.42 25.32
CA SER A 140 -44.79 -34.17 25.94
C SER A 140 -43.42 -33.75 25.40
N GLY A 141 -42.81 -34.62 24.61
CA GLY A 141 -41.58 -34.34 23.89
C GLY A 141 -40.27 -34.34 24.66
N ALA A 142 -39.18 -34.09 23.94
CA ALA A 142 -37.88 -33.81 24.55
C ALA A 142 -37.78 -32.30 24.72
N THR A 143 -36.86 -31.87 25.58
CA THR A 143 -36.51 -30.44 25.67
C THR A 143 -34.99 -30.23 25.49
N CYS A 144 -34.63 -29.61 24.38
CA CYS A 144 -33.22 -29.34 24.13
C CYS A 144 -32.89 -27.92 24.56
N ARG A 145 -31.95 -27.80 25.49
CA ARG A 145 -31.52 -26.49 25.97
C ARG A 145 -30.22 -26.06 25.32
N ILE A 146 -30.29 -25.01 24.50
CA ILE A 146 -29.10 -24.39 23.91
C ILE A 146 -28.70 -23.13 24.66
N LYS A 147 -27.47 -23.09 25.19
CA LYS A 147 -26.97 -21.91 25.91
C LYS A 147 -25.98 -21.08 25.09
N ILE A 148 -26.40 -19.84 24.78
CA ILE A 148 -25.63 -18.92 23.93
C ILE A 148 -25.15 -17.66 24.68
N GLY A 149 -23.84 -17.47 24.75
CA GLY A 149 -23.30 -16.26 25.35
C GLY A 149 -22.11 -15.66 24.60
N SER A 150 -21.68 -14.50 25.04
CA SER A 150 -20.44 -13.94 24.53
C SER A 150 -19.27 -14.76 25.05
N TRP A 151 -18.40 -15.18 24.13
CA TRP A 151 -17.29 -16.04 24.50
C TRP A 151 -16.20 -15.36 25.32
N THR A 152 -15.84 -14.12 25.00
CA THR A 152 -14.70 -13.55 25.72
C THR A 152 -15.03 -12.34 26.56
N HIS A 153 -16.20 -11.76 26.37
CA HIS A 153 -16.53 -10.55 27.10
C HIS A 153 -17.40 -10.84 28.30
N HIS A 154 -16.94 -10.46 29.49
CA HIS A 154 -17.75 -10.64 30.69
C HIS A 154 -18.95 -9.66 30.76
N SER A 155 -19.70 -9.69 31.86
CA SER A 155 -20.97 -8.96 31.95
C SER A 155 -20.82 -7.44 31.91
N ARG A 156 -19.75 -6.92 32.49
CA ARG A 156 -19.52 -5.48 32.46
C ARG A 156 -19.18 -4.97 31.05
N GLU A 157 -18.86 -5.89 30.14
CA GLU A 157 -18.46 -5.54 28.79
C GLU A 157 -19.59 -5.77 27.77
N ILE A 158 -20.21 -6.95 27.80
CA ILE A 158 -21.36 -7.30 26.94
C ILE A 158 -22.47 -7.98 27.74
N SER A 159 -23.71 -7.55 27.48
CA SER A 159 -24.89 -8.13 28.13
C SER A 159 -25.86 -8.66 27.08
N VAL A 160 -26.40 -9.85 27.33
CA VAL A 160 -27.32 -10.47 26.39
C VAL A 160 -28.78 -10.33 26.79
N ASP A 161 -29.66 -9.94 25.88
CA ASP A 161 -31.08 -9.89 26.19
C ASP A 161 -31.85 -10.74 25.20
N PRO A 162 -32.75 -11.62 25.65
CA PRO A 162 -33.46 -12.40 24.63
C PRO A 162 -34.95 -12.05 24.58
N THR A 163 -35.42 -11.64 23.40
CA THR A 163 -36.84 -11.41 23.18
C THR A 163 -37.27 -12.06 21.86
N THR A 164 -38.42 -12.72 21.85
CA THR A 164 -39.26 -12.90 23.03
C THR A 164 -39.39 -14.38 23.38
N GLU A 165 -39.60 -14.65 24.66
CA GLU A 165 -39.83 -15.99 25.18
C GLU A 165 -41.14 -15.95 25.97
N ASN A 166 -41.98 -16.95 25.77
CA ASN A 166 -41.66 -18.10 24.91
C ASN A 166 -42.34 -18.09 23.53
N SER A 167 -42.90 -16.94 23.17
CA SER A 167 -43.92 -16.78 22.14
C SER A 167 -43.65 -17.58 20.87
N ASP A 168 -42.41 -17.64 20.40
CA ASP A 168 -42.13 -18.49 19.24
C ASP A 168 -41.80 -19.93 19.66
N ASP A 169 -41.95 -20.87 18.73
CA ASP A 169 -42.24 -20.56 17.33
C ASP A 169 -43.29 -21.45 16.67
N SER A 170 -44.11 -20.82 15.84
CA SER A 170 -44.89 -21.52 14.84
C SER A 170 -44.85 -20.76 13.52
N GLU A 171 -44.03 -19.71 13.42
CA GLU A 171 -44.16 -18.88 12.31
C GLU A 171 -43.27 -19.35 11.26
N TYR A 172 -42.05 -19.73 11.63
CA TYR A 172 -41.09 -19.96 10.56
C TYR A 172 -40.70 -21.42 10.44
N PHE A 173 -41.11 -22.22 11.42
CA PHE A 173 -40.72 -23.62 11.44
C PHE A 173 -41.29 -24.43 10.26
N SER A 174 -40.43 -25.23 9.64
CA SER A 174 -40.81 -25.99 8.45
C SER A 174 -41.94 -26.98 8.74
N GLN A 175 -43.01 -26.90 7.96
CA GLN A 175 -44.14 -27.79 8.12
C GLN A 175 -43.77 -29.20 7.65
N TYR A 176 -42.74 -29.28 6.81
CA TYR A 176 -42.32 -30.53 6.19
C TYR A 176 -41.29 -31.30 7.01
N SER A 177 -40.88 -30.72 8.15
CA SER A 177 -40.01 -31.43 9.09
C SER A 177 -40.70 -32.63 9.78
N ARG A 178 -39.94 -33.69 10.08
CA ARG A 178 -40.48 -34.84 10.80
C ARG A 178 -40.86 -34.46 12.23
N PHE A 179 -40.53 -33.24 12.62
CA PHE A 179 -40.77 -32.82 14.00
C PHE A 179 -41.74 -31.64 14.05
N GLU A 180 -42.26 -31.41 15.25
CA GLU A 180 -43.07 -30.22 15.49
C GLU A 180 -42.69 -29.61 16.82
N ILE A 181 -42.80 -28.29 16.91
CA ILE A 181 -42.47 -27.59 18.14
C ILE A 181 -43.69 -27.48 19.04
N LEU A 182 -43.51 -27.84 20.30
CA LEU A 182 -44.55 -27.72 21.29
C LEU A 182 -44.42 -26.35 21.94
N ASP A 183 -43.18 -25.98 22.23
CA ASP A 183 -42.88 -24.70 22.84
C ASP A 183 -41.42 -24.30 22.63
N VAL A 184 -41.16 -23.01 22.77
CA VAL A 184 -39.80 -22.49 22.84
C VAL A 184 -39.71 -21.50 24.00
N THR A 185 -38.64 -21.59 24.77
CA THR A 185 -38.42 -20.73 25.93
C THR A 185 -37.00 -20.12 25.92
N GLN A 186 -36.93 -18.79 25.98
CA GLN A 186 -35.65 -18.08 25.94
C GLN A 186 -35.47 -17.26 27.21
N LYS A 187 -34.56 -17.68 28.08
CA LYS A 187 -34.35 -17.04 29.40
C LYS A 187 -32.92 -16.56 29.67
N LYS A 188 -32.82 -15.40 30.32
CA LYS A 188 -31.56 -14.87 30.79
C LYS A 188 -30.97 -15.79 31.87
N ASN A 189 -29.64 -15.78 32.01
CA ASN A 189 -28.93 -16.58 33.01
C ASN A 189 -27.49 -16.11 33.09
N SER A 190 -26.76 -16.46 34.14
CA SER A 190 -25.35 -16.04 34.23
C SER A 190 -24.44 -17.06 34.94
N VAL A 191 -23.21 -16.68 35.25
CA VAL A 191 -22.26 -17.61 35.86
C VAL A 191 -21.38 -17.01 36.96
N GLU A 198 -15.95 -13.26 38.05
CA GLU A 198 -16.64 -12.31 37.15
C GLU A 198 -17.54 -13.07 36.19
N ALA A 199 -18.65 -12.44 35.82
CA ALA A 199 -19.79 -13.15 35.21
C ALA A 199 -19.86 -13.07 33.70
N TYR A 200 -20.35 -14.14 33.07
CA TYR A 200 -20.69 -14.16 31.65
C TYR A 200 -22.19 -14.34 31.52
N GLU A 201 -22.88 -13.29 31.09
CA GLU A 201 -24.30 -13.39 30.76
C GLU A 201 -24.51 -14.29 29.55
N ASP A 202 -25.69 -14.91 29.49
CA ASP A 202 -26.06 -15.78 28.37
C ASP A 202 -27.58 -16.00 28.30
N VAL A 203 -28.07 -16.32 27.11
CA VAL A 203 -29.48 -16.64 26.91
C VAL A 203 -29.70 -18.15 26.76
N GLU A 204 -30.35 -18.79 27.73
CA GLU A 204 -30.65 -20.22 27.61
C GLU A 204 -31.93 -20.39 26.80
N VAL A 205 -31.83 -21.13 25.70
CA VAL A 205 -32.98 -21.35 24.84
C VAL A 205 -33.43 -22.78 25.04
N SER A 206 -34.72 -22.97 25.28
CA SER A 206 -35.27 -24.29 25.54
C SER A 206 -36.30 -24.69 24.49
N LEU A 207 -35.95 -25.70 23.71
CA LEU A 207 -36.78 -26.14 22.60
C LEU A 207 -37.50 -27.43 22.96
N ASN A 208 -38.82 -27.33 23.11
CA ASN A 208 -39.66 -28.49 23.38
C ASN A 208 -40.20 -29.02 22.06
N PHE A 209 -39.73 -30.18 21.66
CA PHE A 209 -40.16 -30.75 20.38
C PHE A 209 -40.48 -32.26 20.51
N ARG A 210 -41.22 -32.80 19.54
CA ARG A 210 -41.51 -34.23 19.50
C ARG A 210 -41.74 -34.73 18.06
N LYS A 211 -41.57 -36.04 17.87
CA LYS A 211 -41.80 -36.63 16.55
C LYS A 211 -43.28 -36.67 16.22
N LYS A 212 -43.60 -36.88 14.95
CA LYS A 212 -44.99 -36.95 14.52
C LYS A 212 -45.52 -38.39 14.42
N GLY A 213 -46.75 -38.59 14.87
CA GLY A 213 -47.39 -39.90 14.83
C GLY A 213 -48.90 -39.83 15.03
N LYS B 3 -14.07 -1.64 36.32
CA LYS B 3 -13.16 -0.51 36.43
C LYS B 3 -13.58 0.64 35.50
N ASP B 4 -12.70 1.01 34.57
CA ASP B 4 -13.04 1.98 33.53
C ASP B 4 -13.45 1.21 32.28
N ASP B 5 -13.62 -0.10 32.46
CA ASP B 5 -13.63 -1.10 31.40
C ASP B 5 -14.44 -0.68 30.17
N ASP B 6 -15.40 0.22 30.36
CA ASP B 6 -16.31 0.57 29.27
C ASP B 6 -16.00 1.90 28.55
N ASP B 7 -14.74 2.33 28.54
CA ASP B 7 -14.34 3.50 27.77
C ASP B 7 -13.85 3.07 26.38
N LYS B 8 -14.67 3.27 25.36
CA LYS B 8 -14.39 2.78 24.02
C LYS B 8 -13.06 3.27 23.47
N LEU B 9 -12.75 4.55 23.73
CA LEU B 9 -11.50 5.12 23.25
C LEU B 9 -10.28 4.54 23.99
N ASP B 10 -10.39 4.39 25.30
CA ASP B 10 -9.36 3.72 26.08
C ASP B 10 -9.04 2.37 25.46
N ARG B 11 -10.07 1.58 25.16
CA ARG B 11 -9.93 0.25 24.57
C ARG B 11 -9.28 0.26 23.17
N ALA B 12 -9.80 1.12 22.29
CA ALA B 12 -9.25 1.28 20.95
C ALA B 12 -7.79 1.66 20.97
N ASP B 13 -7.38 2.43 21.99
CA ASP B 13 -5.99 2.83 22.13
C ASP B 13 -5.11 1.69 22.59
N ILE B 14 -5.67 0.83 23.44
CA ILE B 14 -4.96 -0.35 23.92
C ILE B 14 -4.71 -1.33 22.77
N LEU B 15 -5.75 -1.58 21.98
CA LEU B 15 -5.64 -2.41 20.80
C LEU B 15 -4.55 -1.90 19.85
N TYR B 16 -4.57 -0.59 19.58
CA TYR B 16 -3.50 0.09 18.83
C TYR B 16 -2.09 -0.15 19.39
N ASN B 17 -1.88 0.07 20.69
CA ASN B 17 -0.60 -0.22 21.34
C ASN B 17 -0.16 -1.65 21.15
N ILE B 18 -1.04 -2.58 21.48
CA ILE B 18 -0.80 -3.99 21.23
C ILE B 18 -0.41 -4.26 19.77
N ARG B 19 -1.18 -3.74 18.81
CA ARG B 19 -0.87 -4.04 17.42
C ARG B 19 0.46 -3.50 16.97
N GLN B 20 0.99 -2.54 17.72
CA GLN B 20 2.25 -1.88 17.35
C GLN B 20 3.44 -2.58 18.00
N THR B 21 3.25 -3.13 19.18
CA THR B 21 4.32 -3.85 19.87
C THR B 21 4.38 -5.31 19.48
N SER B 22 3.25 -5.90 19.19
CA SER B 22 3.16 -7.34 19.03
C SER B 22 3.82 -7.81 17.75
N ARG B 23 4.66 -8.81 17.87
CA ARG B 23 5.26 -9.44 16.71
C ARG B 23 4.70 -10.86 16.57
N PRO B 24 3.64 -11.01 15.78
CA PRO B 24 2.89 -12.28 15.71
C PRO B 24 3.71 -13.53 15.32
N ASP B 25 4.91 -13.34 14.77
CA ASP B 25 5.72 -14.49 14.36
C ASP B 25 6.97 -14.76 15.18
N VAL B 26 7.24 -13.92 16.17
CA VAL B 26 8.44 -14.07 16.98
C VAL B 26 8.08 -14.46 18.39
N ILE B 27 8.74 -15.47 18.95
CA ILE B 27 8.42 -15.92 20.31
C ILE B 27 8.73 -14.84 21.36
N PRO B 28 7.75 -14.55 22.23
CA PRO B 28 7.96 -13.48 23.21
C PRO B 28 8.85 -13.94 24.34
N THR B 29 10.12 -14.23 24.06
CA THR B 29 11.04 -14.56 25.12
C THR B 29 11.42 -13.28 25.87
N GLN B 30 11.60 -13.41 27.18
CA GLN B 30 11.94 -12.28 28.04
C GLN B 30 13.16 -12.70 28.85
N ARG B 31 14.14 -11.82 28.96
CA ARG B 31 15.32 -12.13 29.75
C ARG B 31 15.94 -13.42 29.24
N ASP B 32 15.82 -13.68 27.94
CA ASP B 32 16.49 -14.83 27.33
C ASP B 32 16.18 -16.18 27.99
N ARG B 33 14.93 -16.39 28.38
CA ARG B 33 14.53 -17.65 28.98
C ARG B 33 13.39 -18.15 28.12
N PRO B 34 13.12 -19.47 28.16
CA PRO B 34 12.00 -20.02 27.38
C PRO B 34 10.67 -19.34 27.73
N VAL B 35 9.83 -19.12 26.73
CA VAL B 35 8.46 -18.73 27.00
C VAL B 35 7.85 -19.84 27.80
N ALA B 36 7.23 -19.48 28.91
CA ALA B 36 6.55 -20.46 29.73
C ALA B 36 5.07 -20.42 29.37
N VAL B 37 4.67 -21.26 28.41
CA VAL B 37 3.27 -21.45 28.08
C VAL B 37 2.65 -22.45 29.05
N SER B 38 1.42 -22.21 29.47
CA SER B 38 0.71 -23.18 30.29
C SER B 38 -0.51 -23.68 29.53
N VAL B 39 -0.70 -25.00 29.45
CA VAL B 39 -1.89 -25.57 28.83
C VAL B 39 -2.69 -26.45 29.77
N SER B 40 -4.00 -26.39 29.64
CA SER B 40 -4.90 -27.30 30.31
C SER B 40 -6.13 -27.59 29.44
N LEU B 41 -6.40 -28.87 29.20
CA LEU B 41 -7.64 -29.29 28.55
C LEU B 41 -8.74 -29.41 29.60
N LYS B 42 -9.89 -28.79 29.35
CA LYS B 42 -11.08 -28.94 30.19
C LYS B 42 -12.15 -29.69 29.39
N PHE B 43 -12.36 -30.96 29.73
CA PHE B 43 -13.21 -31.77 28.87
C PHE B 43 -14.68 -31.37 28.92
N ILE B 44 -15.31 -31.41 27.75
CA ILE B 44 -16.68 -30.94 27.57
C ILE B 44 -17.54 -32.07 27.07
N ASN B 45 -16.97 -32.90 26.20
CA ASN B 45 -17.74 -33.99 25.63
C ASN B 45 -16.89 -35.12 25.06
N ILE B 46 -17.49 -36.30 24.98
CA ILE B 46 -16.90 -37.45 24.30
C ILE B 46 -18.00 -38.03 23.42
N LEU B 47 -17.81 -37.99 22.11
CA LEU B 47 -18.91 -38.14 21.16
C LEU B 47 -19.03 -39.53 20.53
N GLU B 48 -17.91 -40.06 20.08
CA GLU B 48 -17.89 -41.37 19.47
C GLU B 48 -16.63 -41.99 20.03
N VAL B 49 -16.71 -43.26 20.31
CA VAL B 49 -15.56 -44.00 20.74
C VAL B 49 -15.63 -45.30 19.96
N ASN B 50 -14.52 -45.66 19.34
CA ASN B 50 -14.46 -46.91 18.62
C ASN B 50 -13.42 -47.79 19.29
N GLU B 51 -13.85 -48.92 19.83
CA GLU B 51 -12.95 -49.76 20.62
C GLU B 51 -12.11 -50.67 19.74
N ILE B 52 -12.57 -50.86 18.52
CA ILE B 52 -11.80 -51.65 17.56
C ILE B 52 -10.65 -50.85 16.90
N THR B 53 -10.96 -49.69 16.32
CA THR B 53 -9.90 -48.88 15.71
C THR B 53 -9.08 -48.10 16.73
N ASN B 54 -9.54 -48.06 17.99
CA ASN B 54 -8.94 -47.25 19.05
C ASN B 54 -8.95 -45.77 18.67
N GLU B 55 -10.14 -45.23 18.42
CA GLU B 55 -10.27 -43.83 18.06
C GLU B 55 -11.35 -43.15 18.89
N VAL B 56 -11.03 -41.98 19.43
CA VAL B 56 -11.97 -41.16 20.21
C VAL B 56 -12.21 -39.78 19.58
N ASP B 57 -13.43 -39.28 19.75
CA ASP B 57 -13.81 -37.99 19.22
C ASP B 57 -14.21 -37.11 20.41
N VAL B 58 -13.42 -36.09 20.72
CA VAL B 58 -13.66 -35.32 21.95
C VAL B 58 -13.86 -33.83 21.75
N VAL B 59 -14.54 -33.19 22.69
CA VAL B 59 -14.65 -31.73 22.71
C VAL B 59 -14.07 -31.23 24.03
N PHE B 60 -13.17 -30.26 23.94
CA PHE B 60 -12.49 -29.75 25.12
C PHE B 60 -12.15 -28.28 24.99
N TRP B 61 -12.08 -27.61 26.12
CA TRP B 61 -11.58 -26.25 26.18
C TRP B 61 -10.08 -26.34 26.30
N GLN B 62 -9.38 -25.82 25.29
CA GLN B 62 -7.94 -25.83 25.31
C GLN B 62 -7.44 -24.50 25.90
N GLN B 63 -7.52 -24.42 27.22
CA GLN B 63 -7.09 -23.26 27.97
C GLN B 63 -5.58 -23.08 27.89
N THR B 64 -5.15 -21.97 27.28
CA THR B 64 -3.73 -21.69 27.11
C THR B 64 -3.39 -20.30 27.62
N THR B 65 -2.25 -20.17 28.28
CA THR B 65 -1.81 -18.85 28.77
C THR B 65 -0.30 -18.68 28.73
N TRP B 66 0.13 -17.43 28.66
CA TRP B 66 1.54 -17.09 28.71
C TRP B 66 1.62 -15.58 28.96
N SER B 67 2.82 -15.09 29.22
CA SER B 67 2.99 -13.67 29.44
C SER B 67 3.92 -13.02 28.40
N ASP B 68 3.53 -11.83 27.97
CA ASP B 68 4.36 -10.99 27.11
C ASP B 68 4.43 -9.61 27.75
N ARG B 69 5.50 -9.36 28.50
CA ARG B 69 5.57 -8.15 29.32
C ARG B 69 5.61 -6.87 28.49
N THR B 70 6.02 -6.98 27.24
CA THR B 70 6.07 -5.80 26.38
C THR B 70 4.67 -5.30 26.01
N LEU B 71 3.69 -6.17 26.11
CA LEU B 71 2.29 -5.81 25.87
C LEU B 71 1.61 -5.16 27.09
N ALA B 72 2.38 -4.84 28.12
CA ALA B 72 1.80 -4.37 29.38
C ALA B 72 1.48 -2.88 29.34
N TRP B 73 0.59 -2.43 30.24
CA TRP B 73 0.24 -1.02 30.29
C TRP B 73 -0.33 -0.59 31.64
N ASN B 74 -0.18 0.70 31.95
CA ASN B 74 -0.70 1.26 33.19
C ASN B 74 -2.24 1.29 33.20
N SER B 75 -2.84 0.51 34.09
CA SER B 75 -4.30 0.36 34.09
C SER B 75 -5.01 1.01 35.28
N SER B 76 -4.31 1.92 35.95
CA SER B 76 -4.90 2.75 37.01
C SER B 76 -6.26 3.31 36.60
N HIS B 77 -6.30 3.94 35.42
CA HIS B 77 -7.53 4.59 34.96
C HIS B 77 -7.94 4.17 33.56
N SER B 78 -7.44 3.02 33.14
CA SER B 78 -7.76 2.43 31.85
C SER B 78 -8.19 0.98 32.09
N PRO B 79 -8.92 0.38 31.14
CA PRO B 79 -9.40 -0.99 31.26
C PRO B 79 -8.32 -1.99 31.64
N ASP B 80 -8.69 -3.02 32.38
CA ASP B 80 -7.72 -4.00 32.87
C ASP B 80 -7.41 -5.05 31.81
N GLN B 81 -8.33 -5.22 30.86
CA GLN B 81 -8.09 -6.16 29.77
C GLN B 81 -9.01 -5.94 28.57
N VAL B 82 -8.58 -6.46 27.42
CA VAL B 82 -9.32 -6.34 26.18
C VAL B 82 -9.29 -7.65 25.37
N SER B 83 -10.20 -7.75 24.41
CA SER B 83 -10.23 -8.88 23.48
C SER B 83 -9.44 -8.50 22.22
N VAL B 84 -8.57 -9.41 21.79
CA VAL B 84 -7.70 -9.17 20.63
C VAL B 84 -7.87 -10.34 19.68
N PRO B 85 -8.00 -10.06 18.37
CA PRO B 85 -8.04 -11.17 17.40
C PRO B 85 -6.67 -11.83 17.35
N ILE B 86 -6.60 -13.15 17.31
CA ILE B 86 -5.30 -13.84 17.41
C ILE B 86 -4.29 -13.61 16.26
N SER B 87 -4.75 -13.16 15.10
CA SER B 87 -3.82 -12.73 14.03
C SER B 87 -2.96 -11.53 14.42
N SER B 88 -3.46 -10.65 15.27
CA SER B 88 -2.66 -9.52 15.74
C SER B 88 -1.66 -9.92 16.83
N LEU B 89 -1.62 -11.22 17.18
CA LEU B 89 -0.79 -11.72 18.29
C LEU B 89 0.01 -12.98 17.98
N TRP B 90 1.03 -13.24 18.78
CA TRP B 90 1.70 -14.51 18.70
C TRP B 90 0.97 -15.52 19.57
N VAL B 91 0.66 -16.68 19.00
CA VAL B 91 0.18 -17.81 19.79
C VAL B 91 1.20 -18.93 19.67
N PRO B 92 1.28 -19.78 20.68
CA PRO B 92 2.25 -20.87 20.56
C PRO B 92 1.75 -21.99 19.57
N ASP B 93 2.68 -22.67 18.91
CA ASP B 93 2.34 -23.59 17.85
C ASP B 93 2.08 -24.99 18.40
N LEU B 94 1.03 -25.11 19.20
CA LEU B 94 0.75 -26.37 19.87
C LEU B 94 0.26 -27.40 18.86
N ALA B 95 0.47 -28.67 19.18
CA ALA B 95 -0.03 -29.75 18.35
C ALA B 95 -0.30 -30.97 19.22
N ALA B 96 -1.33 -31.73 18.88
CA ALA B 96 -1.57 -33.01 19.56
C ALA B 96 -0.82 -34.12 18.84
N TYR B 97 0.11 -34.78 19.53
CA TYR B 97 0.94 -35.82 18.88
C TYR B 97 0.15 -37.02 18.34
N ASN B 98 -0.94 -37.40 19.00
CA ASN B 98 -1.72 -38.56 18.56
C ASN B 98 -3.01 -38.14 17.89
N ALA B 99 -3.06 -36.89 17.45
CA ALA B 99 -4.23 -36.38 16.73
C ALA B 99 -4.36 -37.02 15.34
N ILE B 100 -5.60 -37.23 14.90
CA ILE B 100 -5.84 -37.80 13.56
C ILE B 100 -6.87 -37.01 12.77
N SER B 101 -7.11 -35.77 13.19
CA SER B 101 -7.95 -34.85 12.44
C SER B 101 -7.51 -33.46 12.80
N LYS B 102 -7.70 -32.50 11.88
CA LYS B 102 -7.41 -31.09 12.14
C LYS B 102 -8.22 -30.65 13.35
N PRO B 103 -7.66 -29.78 14.21
CA PRO B 103 -8.54 -29.22 15.24
C PRO B 103 -9.68 -28.42 14.61
N GLU B 104 -10.91 -28.64 15.04
CA GLU B 104 -12.04 -27.85 14.56
C GLU B 104 -12.38 -26.87 15.66
N VAL B 105 -12.08 -25.60 15.44
CA VAL B 105 -12.29 -24.58 16.43
C VAL B 105 -13.76 -24.14 16.36
N LEU B 106 -14.45 -24.24 17.49
CA LEU B 106 -15.89 -24.00 17.56
C LEU B 106 -16.24 -22.62 18.14
N THR B 107 -15.27 -21.92 18.68
CA THR B 107 -15.50 -20.59 19.28
C THR B 107 -14.85 -19.47 18.49
N PRO B 108 -15.29 -18.22 18.72
CA PRO B 108 -14.61 -17.05 18.16
C PRO B 108 -13.13 -17.03 18.48
N GLN B 109 -12.33 -16.63 17.50
CA GLN B 109 -10.86 -16.64 17.58
C GLN B 109 -10.27 -15.38 18.24
N LEU B 110 -10.62 -15.16 19.52
CA LEU B 110 -10.21 -13.99 20.26
C LEU B 110 -9.39 -14.43 21.46
N ALA B 111 -8.38 -13.66 21.83
CA ALA B 111 -7.66 -13.87 23.07
C ALA B 111 -7.94 -12.68 23.99
N ARG B 112 -7.56 -12.76 25.25
CA ARG B 112 -7.62 -11.60 26.12
C ARG B 112 -6.20 -11.25 26.40
N VAL B 113 -5.89 -9.97 26.35
CA VAL B 113 -4.61 -9.52 26.88
C VAL B 113 -4.90 -8.73 28.15
N VAL B 114 -4.27 -9.15 29.24
CA VAL B 114 -4.41 -8.50 30.54
C VAL B 114 -3.30 -7.44 30.71
N SER B 115 -3.58 -6.38 31.49
CA SER B 115 -2.63 -5.26 31.61
C SER B 115 -1.23 -5.65 32.10
N ASP B 116 -1.11 -6.65 32.96
CA ASP B 116 0.20 -7.09 33.39
C ASP B 116 1.02 -7.75 32.25
N GLY B 117 0.41 -7.96 31.10
CA GLY B 117 1.09 -8.55 29.95
C GLY B 117 0.79 -10.03 29.74
N GLU B 118 -0.26 -10.51 30.38
CA GLU B 118 -0.59 -11.91 30.28
C GLU B 118 -1.55 -12.09 29.13
N VAL B 119 -1.35 -13.14 28.33
CA VAL B 119 -2.24 -13.46 27.22
C VAL B 119 -2.96 -14.78 27.49
N LEU B 120 -4.27 -14.80 27.30
CA LEU B 120 -5.01 -16.05 27.46
C LEU B 120 -5.82 -16.36 26.23
N TYR B 121 -5.61 -17.56 25.68
CA TYR B 121 -6.38 -18.06 24.55
C TYR B 121 -7.02 -19.36 24.99
N MET B 122 -8.36 -19.39 25.00
CA MET B 122 -9.07 -20.63 25.32
C MET B 122 -10.11 -21.00 24.29
N PRO B 123 -9.69 -21.51 23.15
CA PRO B 123 -10.68 -21.98 22.17
C PRO B 123 -11.38 -23.30 22.59
N SER B 124 -12.63 -23.45 22.20
CA SER B 124 -13.29 -24.74 22.34
C SER B 124 -13.06 -25.57 21.09
N ILE B 125 -12.51 -26.77 21.28
CA ILE B 125 -12.05 -27.57 20.16
C ILE B 125 -12.68 -28.95 20.12
N ARG B 126 -13.09 -29.36 18.93
CA ARG B 126 -13.45 -30.76 18.71
C ARG B 126 -12.39 -31.40 17.83
N GLN B 127 -11.89 -32.56 18.26
CA GLN B 127 -10.83 -33.25 17.53
C GLN B 127 -10.87 -34.77 17.73
N ARG B 128 -10.36 -35.53 16.76
CA ARG B 128 -10.27 -36.99 16.93
C ARG B 128 -8.84 -37.42 17.26
N PHE B 129 -8.70 -38.37 18.18
CA PHE B 129 -7.40 -38.91 18.56
C PHE B 129 -7.32 -40.43 18.39
N SER B 130 -6.10 -40.93 18.42
CA SER B 130 -5.82 -42.35 18.41
C SER B 130 -5.23 -42.66 19.76
N CYS B 131 -5.90 -43.52 20.52
CA CYS B 131 -5.49 -43.82 21.88
C CYS B 131 -6.08 -45.15 22.35
N ASP B 132 -5.53 -45.70 23.43
CA ASP B 132 -6.10 -46.91 24.01
C ASP B 132 -7.55 -46.74 24.44
N VAL B 133 -8.45 -47.45 23.78
CA VAL B 133 -9.87 -47.33 24.05
C VAL B 133 -10.28 -48.59 24.81
N SER B 134 -9.38 -49.55 24.87
CA SER B 134 -9.70 -50.84 25.49
C SER B 134 -10.04 -50.64 26.97
N GLY B 135 -11.18 -51.21 27.40
CA GLY B 135 -11.59 -51.14 28.78
C GLY B 135 -12.78 -50.24 28.97
N VAL B 136 -13.34 -49.76 27.87
CA VAL B 136 -14.35 -48.71 27.94
C VAL B 136 -15.68 -49.21 28.51
N ASP B 137 -15.93 -50.52 28.39
CA ASP B 137 -17.17 -51.14 28.86
C ASP B 137 -17.06 -51.86 30.20
N THR B 138 -15.94 -51.68 30.89
CA THR B 138 -15.78 -52.26 32.21
C THR B 138 -15.99 -51.21 33.30
N GLU B 139 -15.72 -51.59 34.55
CA GLU B 139 -15.90 -50.71 35.71
C GLU B 139 -14.77 -49.70 35.78
N SER B 140 -13.56 -50.20 35.56
CA SER B 140 -12.36 -49.39 35.73
C SER B 140 -12.05 -48.56 34.46
N GLY B 141 -12.82 -48.79 33.40
CA GLY B 141 -12.83 -47.93 32.24
C GLY B 141 -11.59 -47.97 31.38
N ALA B 142 -11.51 -47.05 30.41
CA ALA B 142 -10.35 -46.93 29.53
C ALA B 142 -9.51 -45.73 29.90
N THR B 143 -8.23 -45.74 29.52
CA THR B 143 -7.37 -44.58 29.74
C THR B 143 -6.68 -44.14 28.45
N CYS B 144 -7.21 -43.07 27.85
CA CYS B 144 -6.68 -42.52 26.61
C CYS B 144 -5.76 -41.33 26.89
N ARG B 145 -4.58 -41.34 26.29
CA ARG B 145 -3.54 -40.36 26.58
C ARG B 145 -3.26 -39.38 25.43
N ILE B 146 -3.35 -38.10 25.71
CA ILE B 146 -3.13 -37.07 24.68
C ILE B 146 -1.91 -36.22 25.05
N LYS B 147 -1.03 -36.01 24.09
CA LYS B 147 0.13 -35.15 24.29
C LYS B 147 0.03 -33.87 23.46
N ILE B 148 0.00 -32.74 24.16
CA ILE B 148 -0.04 -31.42 23.55
C ILE B 148 1.28 -30.72 23.86
N GLY B 149 2.06 -30.42 22.82
CA GLY B 149 3.34 -29.75 22.95
C GLY B 149 3.59 -28.76 21.83
N SER B 150 4.72 -28.04 21.90
CA SER B 150 5.15 -27.19 20.78
C SER B 150 5.62 -28.03 19.63
N TRP B 151 5.12 -27.74 18.44
CA TRP B 151 5.51 -28.48 17.25
C TRP B 151 6.92 -28.14 16.74
N THR B 152 7.29 -26.85 16.66
CA THR B 152 8.58 -26.47 16.07
C THR B 152 9.62 -25.94 17.08
N HIS B 153 9.19 -25.57 18.27
CA HIS B 153 10.10 -25.00 19.26
C HIS B 153 10.49 -25.99 20.36
N HIS B 154 11.77 -26.21 20.53
CA HIS B 154 12.29 -27.11 21.57
C HIS B 154 12.40 -26.45 22.96
N SER B 155 12.69 -27.26 23.98
CA SER B 155 12.57 -26.83 25.37
C SER B 155 13.29 -25.52 25.71
N ARG B 156 14.43 -25.26 25.09
CA ARG B 156 15.13 -24.01 25.38
C ARG B 156 14.42 -22.75 24.79
N GLU B 157 13.65 -22.95 23.72
CA GLU B 157 12.81 -21.88 23.17
C GLU B 157 11.41 -21.76 23.82
N ILE B 158 10.79 -22.89 24.13
CA ILE B 158 9.44 -22.87 24.70
C ILE B 158 9.23 -24.00 25.72
N SER B 159 8.73 -23.65 26.90
CA SER B 159 8.42 -24.67 27.89
C SER B 159 6.91 -24.76 28.15
N VAL B 160 6.38 -25.95 27.95
CA VAL B 160 4.95 -26.19 28.06
C VAL B 160 4.64 -26.93 29.35
N ASP B 161 3.94 -26.25 30.25
CA ASP B 161 3.60 -26.77 31.56
C ASP B 161 2.10 -26.81 31.81
N PRO B 162 1.65 -27.59 32.78
CA PRO B 162 0.21 -27.56 32.99
C PRO B 162 -0.17 -26.39 33.86
N THR B 163 -1.39 -25.90 33.70
CA THR B 163 -1.89 -24.84 34.55
C THR B 163 -1.89 -25.33 35.99
N THR B 164 -1.90 -24.40 36.94
CA THR B 164 -1.84 -24.76 38.34
C THR B 164 -3.04 -25.63 38.70
N GLU B 165 -4.18 -25.35 38.09
CA GLU B 165 -5.39 -26.08 38.43
C GLU B 165 -5.83 -27.10 37.37
N ASN B 166 -5.85 -28.36 37.79
CA ASN B 166 -6.29 -29.45 36.94
C ASN B 166 -7.65 -30.04 37.33
N SER B 167 -8.06 -29.70 38.55
CA SER B 167 -9.39 -29.96 39.06
C SER B 167 -10.34 -29.03 38.34
N ASP B 168 -11.59 -29.44 38.21
CA ASP B 168 -12.54 -28.69 37.39
C ASP B 168 -12.30 -29.01 35.91
N ASP B 169 -11.38 -29.94 35.69
CA ASP B 169 -11.07 -30.40 34.36
C ASP B 169 -12.32 -31.03 33.78
N SER B 170 -13.06 -31.77 34.62
CA SER B 170 -14.28 -32.40 34.11
C SER B 170 -15.53 -31.70 34.59
N GLU B 171 -15.33 -30.51 35.17
CA GLU B 171 -16.41 -29.69 35.73
C GLU B 171 -17.47 -29.19 34.75
N TYR B 172 -17.10 -29.00 33.49
CA TYR B 172 -18.08 -28.52 32.51
C TYR B 172 -18.39 -29.63 31.52
N PHE B 173 -18.26 -30.87 31.97
CA PHE B 173 -18.49 -31.98 31.08
C PHE B 173 -19.99 -32.30 30.93
N SER B 174 -20.44 -32.47 29.68
CA SER B 174 -21.86 -32.59 29.38
C SER B 174 -22.51 -33.79 30.05
N GLN B 175 -23.52 -33.54 30.86
CA GLN B 175 -24.29 -34.62 31.49
C GLN B 175 -25.00 -35.54 30.48
N TYR B 176 -25.08 -35.11 29.22
CA TYR B 176 -25.77 -35.91 28.19
C TYR B 176 -24.84 -36.74 27.30
N SER B 177 -23.57 -36.79 27.66
CA SER B 177 -22.63 -37.71 27.02
C SER B 177 -22.97 -39.16 27.38
N ARG B 178 -22.77 -40.08 26.45
CA ARG B 178 -22.93 -41.50 26.77
C ARG B 178 -21.79 -41.99 27.64
N PHE B 179 -20.86 -41.09 27.94
CA PHE B 179 -19.67 -41.47 28.70
C PHE B 179 -19.58 -40.67 30.00
N GLU B 180 -18.70 -41.11 30.91
CA GLU B 180 -18.50 -40.41 32.18
C GLU B 180 -17.01 -40.45 32.52
N ILE B 181 -16.50 -39.34 33.03
CA ILE B 181 -15.07 -39.26 33.34
C ILE B 181 -14.80 -39.74 34.76
N LEU B 182 -13.92 -40.73 34.87
CA LEU B 182 -13.56 -41.31 36.14
C LEU B 182 -12.43 -40.53 36.76
N ASP B 183 -11.45 -40.14 35.95
CA ASP B 183 -10.29 -39.36 36.44
C ASP B 183 -9.48 -38.67 35.32
N VAL B 184 -8.98 -37.46 35.59
CA VAL B 184 -8.09 -36.78 34.66
C VAL B 184 -6.80 -36.35 35.35
N THR B 185 -5.65 -36.76 34.81
CA THR B 185 -4.38 -36.23 35.28
C THR B 185 -3.64 -35.48 34.16
N GLN B 186 -2.91 -34.43 34.52
CA GLN B 186 -2.30 -33.54 33.53
C GLN B 186 -0.88 -33.23 33.94
N LYS B 187 0.10 -33.98 33.41
CA LYS B 187 1.50 -33.89 33.87
C LYS B 187 2.50 -33.39 32.82
N LYS B 188 3.65 -32.90 33.27
CA LYS B 188 4.75 -32.55 32.37
C LYS B 188 5.40 -33.78 31.77
N ASN B 189 5.95 -33.62 30.56
CA ASN B 189 6.59 -34.71 29.84
C ASN B 189 7.53 -34.09 28.79
N SER B 190 8.50 -34.85 28.31
CA SER B 190 9.43 -34.31 27.32
C SER B 190 9.87 -35.38 26.32
N VAL B 191 9.51 -35.19 25.05
CA VAL B 191 9.82 -36.13 23.99
C VAL B 191 11.25 -35.97 23.47
N THR B 192 11.86 -37.06 23.01
CA THR B 192 13.16 -37.02 22.34
C THR B 192 13.29 -38.21 21.42
N PRO B 197 19.35 -34.17 19.29
CA PRO B 197 19.76 -33.84 20.65
C PRO B 197 18.74 -32.98 21.41
N GLU B 198 17.84 -32.29 20.70
CA GLU B 198 16.88 -31.38 21.36
C GLU B 198 15.56 -32.04 21.76
N ALA B 199 15.06 -31.64 22.93
CA ALA B 199 13.83 -32.17 23.51
C ALA B 199 12.66 -31.22 23.28
N TYR B 200 11.45 -31.78 23.19
CA TYR B 200 10.26 -30.94 23.14
C TYR B 200 9.40 -31.25 24.33
N GLU B 201 9.08 -30.23 25.10
CA GLU B 201 8.19 -30.40 26.22
C GLU B 201 6.75 -30.49 25.72
N ASP B 202 5.91 -31.13 26.52
CA ASP B 202 4.51 -31.31 26.19
C ASP B 202 3.77 -31.52 27.51
N VAL B 203 2.44 -31.39 27.47
CA VAL B 203 1.63 -31.78 28.60
C VAL B 203 0.89 -33.08 28.26
N GLU B 204 1.15 -34.11 29.03
CA GLU B 204 0.44 -35.38 28.85
C GLU B 204 -0.87 -35.34 29.62
N VAL B 205 -1.97 -35.49 28.89
CA VAL B 205 -3.28 -35.58 29.52
C VAL B 205 -3.74 -37.04 29.52
N SER B 206 -3.94 -37.59 30.72
CA SER B 206 -4.48 -38.94 30.87
C SER B 206 -5.94 -38.84 31.23
N LEU B 207 -6.78 -39.37 30.35
CA LEU B 207 -8.22 -39.25 30.51
C LEU B 207 -8.80 -40.63 30.71
N ASN B 208 -9.20 -40.91 31.94
CA ASN B 208 -9.79 -42.19 32.35
C ASN B 208 -11.31 -42.09 32.32
N PHE B 209 -11.95 -42.73 31.34
CA PHE B 209 -13.39 -42.60 31.11
C PHE B 209 -14.04 -43.98 30.90
N ARG B 210 -15.37 -44.05 31.00
CA ARG B 210 -16.07 -45.32 30.80
C ARG B 210 -17.48 -45.10 30.30
N LYS B 211 -18.02 -46.08 29.58
CA LYS B 211 -19.41 -45.99 29.10
C LYS B 211 -20.36 -45.99 30.31
N LYS B 212 -21.43 -45.21 30.23
CA LYS B 212 -22.37 -45.15 31.33
C LYS B 212 -23.24 -46.40 31.38
N GLY B 213 -22.99 -47.25 32.37
CA GLY B 213 -23.73 -48.49 32.56
C GLY B 213 -25.07 -48.18 33.17
N ASP C 1 24.64 -19.12 18.51
CA ASP C 1 25.05 -19.88 19.69
C ASP C 1 23.94 -19.97 20.74
N TYR C 2 24.00 -21.05 21.53
CA TYR C 2 22.94 -21.38 22.50
C TYR C 2 22.63 -20.26 23.47
N LYS C 3 23.69 -19.54 23.88
CA LYS C 3 23.62 -18.46 24.86
C LYS C 3 22.62 -17.35 24.47
N ASP C 4 22.59 -17.02 23.18
CA ASP C 4 21.86 -15.86 22.69
C ASP C 4 20.56 -16.24 21.96
N ASP C 5 20.18 -17.51 22.08
CA ASP C 5 19.05 -18.09 21.33
C ASP C 5 17.66 -17.58 21.71
N ASP C 6 17.51 -17.07 22.93
CA ASP C 6 16.21 -16.56 23.35
C ASP C 6 16.20 -15.03 23.43
N ASP C 7 17.09 -14.40 22.65
CA ASP C 7 17.08 -12.95 22.48
C ASP C 7 16.01 -12.57 21.46
N LYS C 8 14.93 -11.94 21.90
CA LYS C 8 13.79 -11.68 21.03
C LYS C 8 14.16 -10.78 19.84
N LEU C 9 14.82 -9.65 20.13
CA LEU C 9 15.21 -8.76 19.07
C LEU C 9 16.02 -9.50 17.97
N ASP C 10 17.01 -10.26 18.39
CA ASP C 10 17.78 -11.09 17.45
C ASP C 10 16.91 -12.02 16.62
N ARG C 11 15.91 -12.62 17.26
CA ARG C 11 14.98 -13.48 16.57
C ARG C 11 14.19 -12.68 15.54
N ALA C 12 13.69 -11.52 15.93
CA ALA C 12 12.95 -10.66 15.02
C ALA C 12 13.80 -10.15 13.81
N ASP C 13 15.08 -9.87 14.04
CA ASP C 13 15.97 -9.43 12.94
C ASP C 13 16.25 -10.53 11.93
N ILE C 14 16.38 -11.77 12.41
CA ILE C 14 16.60 -12.92 11.52
C ILE C 14 15.37 -13.10 10.64
N LEU C 15 14.19 -13.02 11.25
CA LEU C 15 12.92 -13.10 10.52
C LEU C 15 12.84 -12.05 9.42
N TYR C 16 13.13 -10.80 9.77
CA TYR C 16 13.28 -9.72 8.80
C TYR C 16 14.30 -10.01 7.69
N ASN C 17 15.51 -10.43 8.07
CA ASN C 17 16.53 -10.75 7.08
C ASN C 17 16.03 -11.74 6.07
N ILE C 18 15.51 -12.89 6.55
CA ILE C 18 14.98 -13.95 5.70
C ILE C 18 13.82 -13.48 4.80
N ARG C 19 12.93 -12.66 5.34
CA ARG C 19 11.83 -12.17 4.52
C ARG C 19 12.27 -11.21 3.46
N GLN C 20 13.50 -10.74 3.57
CA GLN C 20 14.05 -9.87 2.54
C GLN C 20 14.71 -10.66 1.44
N THR C 21 15.44 -11.72 1.79
CA THR C 21 16.17 -12.47 0.78
C THR C 21 15.33 -13.57 0.17
N SER C 22 14.28 -13.97 0.86
CA SER C 22 13.50 -15.13 0.44
C SER C 22 12.73 -14.85 -0.83
N ARG C 23 12.90 -15.74 -1.80
CA ARG C 23 12.04 -15.76 -2.97
C ARG C 23 11.15 -17.01 -2.93
N PRO C 24 9.94 -16.89 -2.37
CA PRO C 24 9.02 -18.00 -2.15
C PRO C 24 8.63 -18.73 -3.43
N ASP C 25 8.84 -18.13 -4.59
CA ASP C 25 8.37 -18.73 -5.81
C ASP C 25 9.48 -19.19 -6.74
N VAL C 26 10.72 -19.02 -6.31
CA VAL C 26 11.84 -19.33 -7.16
C VAL C 26 12.64 -20.42 -6.49
N ILE C 27 13.01 -21.44 -7.25
CA ILE C 27 13.76 -22.54 -6.67
C ILE C 27 15.13 -22.04 -6.24
N PRO C 28 15.56 -22.44 -5.03
CA PRO C 28 16.83 -22.04 -4.39
C PRO C 28 17.96 -22.80 -5.02
N THR C 29 18.01 -22.74 -6.34
CA THR C 29 18.96 -23.48 -7.13
C THR C 29 20.33 -22.83 -6.93
N GLN C 30 21.36 -23.66 -6.82
CA GLN C 30 22.68 -23.14 -6.46
C GLN C 30 23.76 -23.63 -7.39
N ARG C 31 24.52 -22.70 -7.96
CA ARG C 31 25.70 -23.04 -8.76
C ARG C 31 25.34 -23.89 -9.99
N ASP C 32 24.18 -23.63 -10.58
CA ASP C 32 23.67 -24.45 -11.69
C ASP C 32 23.62 -25.95 -11.33
N ARG C 33 23.29 -26.24 -10.07
CA ARG C 33 23.05 -27.60 -9.64
C ARG C 33 21.61 -27.68 -9.15
N PRO C 34 20.92 -28.79 -9.44
CA PRO C 34 19.54 -29.03 -8.97
C PRO C 34 19.44 -28.86 -7.46
N VAL C 35 18.32 -28.35 -6.97
CA VAL C 35 18.08 -28.28 -5.54
C VAL C 35 17.95 -29.70 -5.03
N ALA C 36 18.74 -30.05 -4.03
CA ALA C 36 18.70 -31.39 -3.46
C ALA C 36 17.73 -31.43 -2.28
N VAL C 37 16.55 -32.03 -2.50
CA VAL C 37 15.55 -32.15 -1.44
C VAL C 37 15.52 -33.56 -0.84
N SER C 38 15.76 -33.64 0.46
CA SER C 38 15.67 -34.90 1.17
C SER C 38 14.26 -35.13 1.70
N VAL C 39 13.65 -36.25 1.32
CA VAL C 39 12.34 -36.60 1.84
C VAL C 39 12.40 -37.90 2.59
N SER C 40 11.84 -37.90 3.81
CA SER C 40 11.73 -39.11 4.58
C SER C 40 10.37 -39.19 5.27
N LEU C 41 9.59 -40.23 4.98
CA LEU C 41 8.31 -40.46 5.67
C LEU C 41 8.45 -41.31 6.92
N LYS C 42 8.00 -40.77 8.06
CA LYS C 42 7.89 -41.54 9.30
C LYS C 42 6.41 -41.81 9.62
N PHE C 43 6.00 -43.08 9.49
CA PHE C 43 4.60 -43.43 9.65
C PHE C 43 4.14 -43.43 11.10
N ILE C 44 2.96 -42.88 11.33
CA ILE C 44 2.45 -42.64 12.67
C ILE C 44 1.27 -43.56 12.93
N ASN C 45 0.43 -43.72 11.93
CA ASN C 45 -0.77 -44.49 12.11
C ASN C 45 -1.30 -44.95 10.76
N ILE C 46 -1.87 -46.16 10.77
CA ILE C 46 -2.60 -46.68 9.63
C ILE C 46 -4.01 -46.84 10.16
N LEU C 47 -4.98 -46.22 9.51
CA LEU C 47 -6.30 -46.08 10.11
C LEU C 47 -7.39 -46.96 9.47
N GLU C 48 -7.54 -46.84 8.17
CA GLU C 48 -8.60 -47.53 7.44
C GLU C 48 -7.99 -48.23 6.25
N VAL C 49 -7.95 -49.54 6.31
CA VAL C 49 -7.46 -50.31 5.19
C VAL C 49 -8.67 -51.00 4.58
N ASN C 50 -8.73 -51.05 3.26
CA ASN C 50 -9.80 -51.74 2.56
C ASN C 50 -9.21 -52.77 1.59
N GLU C 51 -9.55 -54.04 1.78
CA GLU C 51 -8.91 -55.12 1.02
C GLU C 51 -9.58 -55.28 -0.34
N ILE C 52 -10.83 -54.83 -0.41
CA ILE C 52 -11.60 -54.83 -1.64
C ILE C 52 -11.21 -53.70 -2.62
N THR C 53 -11.30 -52.46 -2.17
CA THR C 53 -10.97 -51.30 -3.02
C THR C 53 -9.47 -50.97 -3.11
N ASN C 54 -8.64 -51.63 -2.31
CA ASN C 54 -7.20 -51.37 -2.31
C ASN C 54 -6.86 -49.93 -1.92
N GLU C 55 -7.51 -49.41 -0.88
CA GLU C 55 -7.20 -48.07 -0.41
C GLU C 55 -6.69 -48.15 1.02
N VAL C 56 -5.96 -47.12 1.45
CA VAL C 56 -5.51 -47.03 2.83
C VAL C 56 -5.63 -45.58 3.29
N ASP C 57 -5.51 -45.36 4.59
CA ASP C 57 -5.70 -44.05 5.18
C ASP C 57 -4.61 -43.92 6.24
N VAL C 58 -3.52 -43.26 5.87
CA VAL C 58 -2.33 -43.26 6.72
C VAL C 58 -2.11 -41.88 7.33
N VAL C 59 -1.29 -41.86 8.37
CA VAL C 59 -0.84 -40.62 8.95
C VAL C 59 0.68 -40.74 9.05
N PHE C 60 1.39 -39.74 8.55
CA PHE C 60 2.85 -39.77 8.56
C PHE C 60 3.43 -38.35 8.75
N TRP C 61 4.60 -38.30 9.36
CA TRP C 61 5.37 -37.09 9.44
C TRP C 61 6.26 -37.03 8.22
N GLN C 62 6.05 -36.01 7.38
CA GLN C 62 6.83 -35.83 6.16
C GLN C 62 8.09 -35.01 6.43
N GLN C 63 9.18 -35.67 6.77
CA GLN C 63 10.41 -34.96 7.06
C GLN C 63 11.09 -34.50 5.78
N THR C 64 11.04 -33.19 5.53
CA THR C 64 11.58 -32.59 4.32
C THR C 64 12.65 -31.61 4.71
N THR C 65 13.83 -31.71 4.10
CA THR C 65 14.89 -30.73 4.30
C THR C 65 15.57 -30.36 2.99
N TRP C 66 16.08 -29.14 2.92
CA TRP C 66 16.86 -28.72 1.78
C TRP C 66 17.69 -27.55 2.21
N SER C 67 18.40 -26.94 1.28
CA SER C 67 19.23 -25.80 1.66
C SER C 67 19.04 -24.60 0.75
N ASP C 68 18.91 -23.43 1.38
CA ASP C 68 19.09 -22.10 0.78
C ASP C 68 20.19 -21.35 1.43
N ARG C 69 21.33 -21.32 0.77
CA ARG C 69 22.50 -20.64 1.29
C ARG C 69 22.21 -19.16 1.46
N THR C 70 21.46 -18.58 0.52
CA THR C 70 21.23 -17.13 0.58
C THR C 70 20.50 -16.66 1.86
N LEU C 71 19.89 -17.60 2.60
CA LEU C 71 19.24 -17.28 3.86
C LEU C 71 20.19 -17.41 5.05
N ALA C 72 21.43 -17.80 4.77
CA ALA C 72 22.43 -17.99 5.83
C ALA C 72 22.81 -16.71 6.59
N TRP C 73 23.05 -16.84 7.89
CA TRP C 73 23.61 -15.76 8.68
C TRP C 73 24.64 -16.28 9.68
N ASN C 74 25.43 -15.37 10.32
CA ASN C 74 26.62 -15.82 11.07
C ASN C 74 26.41 -16.78 12.27
N SER C 75 25.42 -16.57 13.10
CA SER C 75 24.98 -17.54 14.11
C SER C 75 25.89 -17.78 15.34
N SER C 76 26.98 -17.03 15.47
CA SER C 76 27.82 -17.11 16.66
C SER C 76 27.23 -16.36 17.86
N HIS C 77 26.70 -15.21 17.62
CA HIS C 77 26.11 -14.54 18.72
C HIS C 77 24.68 -14.20 18.50
N SER C 78 23.98 -14.95 17.66
CA SER C 78 22.52 -14.95 17.51
C SER C 78 22.01 -16.38 17.41
N PRO C 79 20.67 -16.56 17.80
CA PRO C 79 20.26 -17.98 17.73
C PRO C 79 20.35 -18.52 16.31
N ASP C 80 20.85 -19.74 16.18
CA ASP C 80 21.03 -20.36 14.87
C ASP C 80 19.72 -20.59 14.14
N GLN C 81 18.69 -21.01 14.87
CA GLN C 81 17.44 -21.38 14.28
C GLN C 81 16.29 -20.58 14.70
N VAL C 82 15.31 -20.48 13.83
CA VAL C 82 14.07 -19.80 14.11
C VAL C 82 12.98 -20.55 13.38
N SER C 83 11.73 -20.35 13.79
CA SER C 83 10.58 -20.84 13.06
C SER C 83 10.09 -19.76 12.08
N VAL C 84 9.76 -20.16 10.87
CA VAL C 84 9.31 -19.20 9.88
C VAL C 84 8.02 -19.75 9.31
N PRO C 85 7.00 -18.89 9.13
CA PRO C 85 5.79 -19.39 8.45
C PRO C 85 6.18 -19.81 7.03
N ILE C 86 5.71 -20.94 6.53
CA ILE C 86 6.15 -21.42 5.21
C ILE C 86 5.68 -20.56 4.03
N SER C 87 4.69 -19.70 4.24
CA SER C 87 4.30 -18.73 3.21
C SER C 87 5.39 -17.67 2.93
N SER C 88 6.34 -17.58 3.85
CA SER C 88 7.47 -16.68 3.73
C SER C 88 8.65 -17.32 3.00
N LEU C 89 8.56 -18.63 2.72
CA LEU C 89 9.69 -19.37 2.15
C LEU C 89 9.30 -20.18 0.94
N TRP C 90 10.30 -20.53 0.12
CA TRP C 90 10.09 -21.54 -0.91
C TRP C 90 10.05 -22.93 -0.26
N VAL C 91 8.99 -23.69 -0.53
CA VAL C 91 8.98 -25.11 -0.18
C VAL C 91 8.79 -25.94 -1.45
N PRO C 92 9.41 -27.14 -1.49
CA PRO C 92 9.24 -27.93 -2.72
C PRO C 92 7.79 -28.34 -2.95
N ASP C 93 7.42 -28.38 -4.24
CA ASP C 93 6.10 -28.72 -4.68
C ASP C 93 5.91 -30.25 -4.81
N LEU C 94 6.28 -30.99 -3.77
CA LEU C 94 6.10 -32.44 -3.78
C LEU C 94 4.64 -32.84 -3.92
N ALA C 95 4.41 -33.99 -4.56
CA ALA C 95 3.08 -34.60 -4.64
C ALA C 95 3.25 -36.10 -4.53
N ALA C 96 2.20 -36.80 -4.09
CA ALA C 96 2.20 -38.25 -4.08
C ALA C 96 1.40 -38.76 -5.27
N TYR C 97 2.06 -39.46 -6.19
CA TYR C 97 1.42 -39.93 -7.41
C TYR C 97 0.15 -40.74 -7.16
N ASN C 98 0.15 -41.57 -6.12
CA ASN C 98 -1.02 -42.42 -5.88
C ASN C 98 -1.95 -41.96 -4.74
N ALA C 99 -1.92 -40.68 -4.41
CA ALA C 99 -2.82 -40.14 -3.41
C ALA C 99 -4.18 -40.00 -4.05
N ILE C 100 -5.24 -40.31 -3.30
CA ILE C 100 -6.58 -40.22 -3.86
C ILE C 100 -7.44 -39.21 -3.09
N SER C 101 -6.79 -38.53 -2.14
CA SER C 101 -7.39 -37.40 -1.43
C SER C 101 -6.32 -36.33 -1.28
N LYS C 102 -6.76 -35.12 -0.93
CA LYS C 102 -5.86 -34.04 -0.57
C LYS C 102 -5.15 -34.41 0.72
N PRO C 103 -3.88 -34.04 0.85
CA PRO C 103 -3.19 -34.22 2.12
C PRO C 103 -3.78 -33.28 3.19
N GLU C 104 -4.09 -33.82 4.37
CA GLU C 104 -4.62 -33.00 5.45
CA GLU C 104 -4.63 -33.00 5.45
C GLU C 104 -3.49 -32.70 6.42
N VAL C 105 -3.03 -31.45 6.44
CA VAL C 105 -1.96 -31.06 7.36
C VAL C 105 -2.56 -30.88 8.75
N LEU C 106 -2.03 -31.61 9.73
CA LEU C 106 -2.61 -31.60 11.07
C LEU C 106 -1.78 -30.79 12.06
N THR C 107 -0.75 -30.12 11.55
CA THR C 107 0.15 -29.36 12.39
C THR C 107 0.31 -27.91 11.91
N PRO C 108 0.82 -27.02 12.79
CA PRO C 108 0.96 -25.64 12.36
C PRO C 108 2.00 -25.60 11.24
N GLN C 109 1.77 -24.75 10.25
CA GLN C 109 2.58 -24.74 9.04
C GLN C 109 3.84 -23.91 9.24
N LEU C 110 4.81 -24.47 9.94
CA LEU C 110 6.01 -23.69 10.23
C LEU C 110 7.25 -24.45 9.83
N ALA C 111 8.22 -23.77 9.25
CA ALA C 111 9.45 -24.44 8.91
C ALA C 111 10.50 -23.97 9.89
N ARG C 112 11.63 -24.64 9.91
CA ARG C 112 12.74 -24.14 10.69
C ARG C 112 13.82 -23.74 9.70
N VAL C 113 14.43 -22.60 9.93
CA VAL C 113 15.53 -22.18 9.09
C VAL C 113 16.74 -22.22 9.99
N VAL C 114 17.81 -22.84 9.51
CA VAL C 114 19.07 -22.83 10.28
C VAL C 114 20.07 -21.84 9.70
N SER C 115 20.92 -21.27 10.55
CA SER C 115 21.84 -20.20 10.16
C SER C 115 22.77 -20.54 8.98
N ASP C 116 22.93 -21.82 8.70
CA ASP C 116 23.81 -22.25 7.63
C ASP C 116 23.06 -22.44 6.31
N GLY C 117 21.82 -21.98 6.26
CA GLY C 117 21.01 -22.10 5.06
C GLY C 117 20.09 -23.31 4.96
N GLU C 118 20.19 -24.24 5.91
CA GLU C 118 19.34 -25.43 5.86
C GLU C 118 17.91 -25.14 6.31
N VAL C 119 16.95 -25.65 5.53
CA VAL C 119 15.53 -25.47 5.78
C VAL C 119 14.88 -26.83 6.05
N LEU C 120 14.20 -26.90 7.18
CA LEU C 120 13.60 -28.13 7.67
C LEU C 120 12.10 -27.88 7.79
N TYR C 121 11.31 -28.68 7.09
CA TYR C 121 9.87 -28.59 7.19
C TYR C 121 9.27 -29.99 7.34
N MET C 122 8.54 -30.22 8.42
CA MET C 122 7.98 -31.55 8.72
C MET C 122 6.54 -31.49 9.18
N PRO C 123 5.60 -31.41 8.26
CA PRO C 123 4.20 -31.47 8.65
C PRO C 123 3.71 -32.91 8.97
N SER C 124 2.63 -32.98 9.72
CA SER C 124 1.96 -34.25 9.94
C SER C 124 0.83 -34.28 8.94
N ILE C 125 0.76 -35.35 8.19
CA ILE C 125 -0.24 -35.46 7.14
C ILE C 125 -1.11 -36.72 7.27
N ARG C 126 -2.41 -36.54 7.09
CA ARG C 126 -3.29 -37.66 6.90
C ARG C 126 -3.84 -37.64 5.48
N GLN C 127 -3.62 -38.73 4.76
CA GLN C 127 -3.98 -38.81 3.34
C GLN C 127 -4.43 -40.26 3.00
N ARG C 128 -5.33 -40.38 2.04
CA ARG C 128 -5.73 -41.66 1.50
C ARG C 128 -4.94 -42.02 0.24
N PHE C 129 -4.69 -43.32 0.04
CA PHE C 129 -3.93 -43.78 -1.11
C PHE C 129 -4.54 -44.98 -1.84
N SER C 130 -4.16 -45.11 -3.11
CA SER C 130 -4.44 -46.29 -3.91
C SER C 130 -3.15 -47.11 -4.07
N CYS C 131 -3.14 -48.31 -3.51
CA CYS C 131 -1.96 -49.18 -3.52
C CYS C 131 -2.33 -50.62 -3.09
N ASP C 132 -1.34 -51.52 -3.11
CA ASP C 132 -1.63 -52.95 -2.93
C ASP C 132 -1.83 -53.36 -1.48
N VAL C 133 -3.06 -53.76 -1.19
CA VAL C 133 -3.49 -54.09 0.15
C VAL C 133 -3.63 -55.62 0.36
N SER C 134 -3.63 -56.39 -0.74
CA SER C 134 -3.74 -57.84 -0.67
C SER C 134 -2.72 -58.46 0.29
N GLY C 135 -3.13 -59.53 0.96
CA GLY C 135 -2.24 -60.24 1.89
C GLY C 135 -2.05 -59.55 3.23
N VAL C 136 -2.92 -58.58 3.52
CA VAL C 136 -2.78 -57.78 4.73
C VAL C 136 -3.05 -58.61 5.99
N ASP C 137 -4.01 -59.55 5.90
CA ASP C 137 -4.31 -60.42 7.02
C ASP C 137 -3.19 -61.45 7.29
N THR C 138 -2.45 -61.78 6.23
CA THR C 138 -1.37 -62.79 6.25
C THR C 138 -0.10 -62.37 7.00
N GLU C 139 0.71 -63.34 7.43
CA GLU C 139 1.84 -63.06 8.29
C GLU C 139 2.86 -62.14 7.63
N SER C 140 3.07 -62.31 6.32
CA SER C 140 4.10 -61.53 5.64
C SER C 140 3.57 -60.19 5.12
N GLY C 141 2.24 -60.07 5.02
CA GLY C 141 1.57 -58.78 4.92
C GLY C 141 1.52 -58.08 3.57
N ALA C 142 0.63 -57.10 3.47
CA ALA C 142 0.54 -56.27 2.27
C ALA C 142 1.78 -55.40 2.19
N THR C 143 2.10 -54.95 0.99
CA THR C 143 3.14 -53.94 0.83
C THR C 143 2.61 -52.79 0.01
N CYS C 144 2.23 -51.71 0.67
CA CYS C 144 1.73 -50.53 -0.01
C CYS C 144 2.89 -49.63 -0.45
N ARG C 145 2.94 -49.30 -1.73
CA ARG C 145 3.99 -48.42 -2.23
C ARG C 145 3.50 -47.01 -2.54
N ILE C 146 4.10 -46.02 -1.87
CA ILE C 146 3.78 -44.60 -2.11
C ILE C 146 4.90 -43.88 -2.85
N LYS C 147 4.57 -43.23 -3.97
CA LYS C 147 5.57 -42.45 -4.71
C LYS C 147 5.39 -40.93 -4.55
N ILE C 148 6.39 -40.31 -3.91
CA ILE C 148 6.41 -38.88 -3.64
C ILE C 148 7.47 -38.21 -4.53
N GLY C 149 7.06 -37.24 -5.36
CA GLY C 149 8.00 -36.52 -6.19
C GLY C 149 7.70 -35.04 -6.39
N SER C 150 8.66 -34.31 -6.93
CA SER C 150 8.41 -32.94 -7.36
C SER C 150 7.38 -32.95 -8.45
N TRP C 151 6.44 -32.02 -8.42
CA TRP C 151 5.34 -32.07 -9.38
C TRP C 151 5.57 -31.27 -10.68
N THR C 152 6.20 -30.10 -10.61
CA THR C 152 6.41 -29.34 -11.83
C THR C 152 7.88 -29.24 -12.21
N HIS C 153 8.77 -29.57 -11.30
CA HIS C 153 10.18 -29.38 -11.57
C HIS C 153 10.89 -30.66 -11.93
N HIS C 154 11.27 -30.80 -13.20
CA HIS C 154 12.03 -31.96 -13.66
C HIS C 154 13.39 -32.11 -12.95
N SER C 155 14.06 -33.22 -13.16
CA SER C 155 15.21 -33.64 -12.34
C SER C 155 16.46 -32.79 -12.49
N ARG C 156 16.52 -31.99 -13.56
CA ARG C 156 17.62 -31.06 -13.73
C ARG C 156 17.41 -29.78 -12.87
N GLU C 157 16.22 -29.66 -12.28
CA GLU C 157 15.87 -28.55 -11.38
C GLU C 157 15.81 -28.99 -9.90
N ILE C 158 15.08 -30.06 -9.62
CA ILE C 158 14.97 -30.58 -8.26
C ILE C 158 15.36 -32.05 -8.22
N SER C 159 16.17 -32.42 -7.24
CA SER C 159 16.48 -33.83 -6.99
C SER C 159 15.91 -34.24 -5.66
N VAL C 160 15.30 -35.41 -5.62
CA VAL C 160 14.79 -35.90 -4.35
C VAL C 160 15.62 -37.10 -3.93
N ASP C 161 16.04 -37.10 -2.67
CA ASP C 161 16.86 -38.19 -2.13
C ASP C 161 16.40 -38.58 -0.74
N PRO C 162 16.17 -39.86 -0.45
CA PRO C 162 15.68 -40.24 0.89
C PRO C 162 16.76 -40.44 2.01
N THR C 163 16.64 -39.69 3.11
CA THR C 163 17.61 -39.75 4.24
C THR C 163 17.78 -41.02 5.11
N THR C 164 16.68 -41.62 5.56
CA THR C 164 16.70 -42.99 6.09
C THR C 164 16.17 -44.00 5.07
N GLU C 165 16.99 -45.02 4.77
CA GLU C 165 16.70 -45.99 3.71
C GLU C 165 15.90 -47.19 4.23
N ASN C 166 16.13 -47.62 5.47
CA ASN C 166 15.35 -48.72 6.05
C ASN C 166 15.14 -48.63 7.54
N SER C 167 13.98 -49.08 7.99
CA SER C 167 13.75 -49.16 9.40
C SER C 167 12.44 -49.87 9.73
N ASP C 168 12.33 -50.32 10.98
CA ASP C 168 11.07 -50.70 11.62
C ASP C 168 10.04 -49.62 11.88
N ASP C 169 10.46 -48.40 12.06
CA ASP C 169 9.55 -47.30 12.32
C ASP C 169 9.02 -47.23 13.74
N SER C 170 9.62 -48.02 14.60
CA SER C 170 9.13 -48.32 15.91
C SER C 170 9.03 -47.11 16.74
N GLU C 171 9.80 -46.11 16.42
CA GLU C 171 9.82 -44.95 17.22
C GLU C 171 8.55 -44.21 17.20
N TYR C 172 7.94 -44.05 16.05
CA TYR C 172 6.82 -43.15 15.93
C TYR C 172 5.48 -43.78 15.72
N PHE C 173 5.47 -45.03 15.34
CA PHE C 173 4.21 -45.65 15.00
C PHE C 173 3.36 -45.92 16.24
N SER C 174 2.08 -45.57 16.13
CA SER C 174 1.13 -45.73 17.23
C SER C 174 0.98 -47.18 17.64
N GLN C 175 1.15 -47.45 18.93
CA GLN C 175 1.02 -48.81 19.41
C GLN C 175 -0.46 -49.23 19.46
N TYR C 176 -1.39 -48.30 19.22
CA TYR C 176 -2.81 -48.60 19.34
C TYR C 176 -3.49 -48.79 17.99
N SER C 177 -2.70 -48.80 16.94
CA SER C 177 -3.24 -49.12 15.64
C SER C 177 -3.69 -50.59 15.55
N ARG C 178 -4.63 -50.88 14.66
CA ARG C 178 -5.00 -52.25 14.34
C ARG C 178 -3.88 -52.95 13.60
N PHE C 179 -2.91 -52.19 13.10
CA PHE C 179 -1.94 -52.81 12.21
C PHE C 179 -0.56 -52.73 12.81
N GLU C 180 0.36 -53.54 12.31
CA GLU C 180 1.74 -53.49 12.74
C GLU C 180 2.64 -53.27 11.54
N ILE C 181 3.81 -52.68 11.78
CA ILE C 181 4.74 -52.44 10.69
C ILE C 181 5.90 -53.43 10.70
N LEU C 182 6.10 -54.09 9.56
CA LEU C 182 7.14 -55.10 9.39
C LEU C 182 8.41 -54.43 8.89
N ASP C 183 8.29 -53.72 7.77
CA ASP C 183 9.43 -53.01 7.19
C ASP C 183 9.01 -51.74 6.45
N VAL C 184 9.83 -50.71 6.54
CA VAL C 184 9.67 -49.57 5.66
C VAL C 184 10.95 -49.41 4.83
N THR C 185 10.80 -49.46 3.52
CA THR C 185 11.93 -49.27 2.61
C THR C 185 11.67 -48.06 1.72
N GLN C 186 12.67 -47.21 1.56
CA GLN C 186 12.53 -46.03 0.70
C GLN C 186 13.66 -46.02 -0.32
N LYS C 187 13.30 -46.07 -1.59
CA LYS C 187 14.30 -46.04 -2.65
C LYS C 187 14.14 -44.83 -3.59
N LYS C 188 15.27 -44.30 -4.03
CA LYS C 188 15.31 -43.29 -5.07
C LYS C 188 15.02 -43.97 -6.40
N ASN C 189 13.98 -43.52 -7.07
CA ASN C 189 13.57 -44.10 -8.35
C ASN C 189 13.42 -42.93 -9.30
N SER C 190 13.04 -43.19 -10.55
CA SER C 190 12.89 -42.11 -11.52
C SER C 190 11.87 -42.47 -12.59
N VAL C 191 11.21 -41.47 -13.15
CA VAL C 191 10.26 -41.69 -14.24
C VAL C 191 10.31 -40.55 -15.24
N THR C 192 10.35 -40.91 -16.52
CA THR C 192 10.37 -39.93 -17.59
C THR C 192 9.02 -39.92 -18.31
N PRO C 197 9.08 -36.06 -22.07
CA PRO C 197 10.31 -35.39 -22.50
C PRO C 197 11.48 -35.50 -21.50
N GLU C 198 11.41 -34.81 -20.37
CA GLU C 198 12.46 -34.87 -19.36
C GLU C 198 12.16 -35.81 -18.20
N ALA C 199 12.95 -35.72 -17.14
CA ALA C 199 12.89 -36.70 -16.06
C ALA C 199 12.40 -36.11 -14.74
N TYR C 200 11.51 -36.83 -14.06
CA TYR C 200 11.11 -36.49 -12.69
C TYR C 200 11.61 -37.52 -11.67
N GLU C 201 12.39 -37.07 -10.69
CA GLU C 201 12.86 -37.94 -9.63
C GLU C 201 11.80 -38.08 -8.53
N ASP C 202 11.72 -39.27 -7.95
CA ASP C 202 10.83 -39.49 -6.79
C ASP C 202 11.48 -40.28 -5.65
N VAL C 203 10.69 -40.58 -4.63
CA VAL C 203 11.09 -41.55 -3.63
C VAL C 203 9.98 -42.58 -3.53
N GLU C 204 10.30 -43.83 -3.84
CA GLU C 204 9.32 -44.90 -3.67
C GLU C 204 9.37 -45.34 -2.22
N VAL C 205 8.26 -45.18 -1.51
CA VAL C 205 8.21 -45.63 -0.12
C VAL C 205 7.36 -46.89 0.00
N SER C 206 7.99 -48.00 0.37
CA SER C 206 7.28 -49.27 0.50
C SER C 206 6.95 -49.58 1.95
N LEU C 207 5.66 -49.52 2.27
CA LEU C 207 5.21 -49.77 3.63
C LEU C 207 4.71 -51.19 3.75
N ASN C 208 5.51 -52.03 4.40
CA ASN C 208 5.15 -53.42 4.62
C ASN C 208 4.49 -53.55 6.00
N PHE C 209 3.21 -53.92 5.99
CA PHE C 209 2.41 -53.96 7.21
C PHE C 209 1.44 -55.13 7.17
N ARG C 210 0.97 -55.54 8.35
CA ARG C 210 -0.11 -56.54 8.46
C ARG C 210 -1.05 -56.23 9.62
N LYS C 211 -2.30 -56.70 9.54
CA LYS C 211 -3.21 -56.65 10.68
C LYS C 211 -2.65 -57.49 11.83
N LYS C 212 -2.60 -56.92 13.02
CA LYS C 212 -2.14 -57.64 14.21
C LYS C 212 -2.90 -58.95 14.44
N GLY C 213 -2.19 -59.99 14.87
CA GLY C 213 -2.78 -61.28 15.12
C GLY C 213 -1.96 -62.14 16.07
N ASP D 1 18.66 -21.71 -22.96
CA ASP D 1 18.95 -23.12 -23.26
C ASP D 1 18.91 -23.97 -22.00
N TYR D 2 19.16 -25.27 -22.14
CA TYR D 2 19.07 -26.19 -21.01
C TYR D 2 20.25 -26.12 -20.03
N LYS D 3 21.32 -25.44 -20.42
CA LYS D 3 22.50 -25.35 -19.55
C LYS D 3 22.37 -24.20 -18.53
N ASP D 4 21.32 -23.39 -18.68
CA ASP D 4 21.08 -22.27 -17.79
C ASP D 4 19.83 -22.45 -16.93
N ASP D 5 19.22 -23.62 -16.97
CA ASP D 5 17.99 -23.91 -16.20
C ASP D 5 18.11 -23.58 -14.70
N ASP D 6 19.28 -23.79 -14.12
CA ASP D 6 19.50 -23.51 -12.70
C ASP D 6 20.24 -22.19 -12.44
N ASP D 7 19.94 -21.20 -13.25
CA ASP D 7 20.38 -19.84 -12.99
C ASP D 7 19.25 -19.19 -12.19
N LYS D 8 19.47 -18.99 -10.89
CA LYS D 8 18.40 -18.52 -10.03
C LYS D 8 17.99 -17.08 -10.38
N LEU D 9 18.98 -16.21 -10.56
CA LEU D 9 18.69 -14.83 -10.85
C LEU D 9 17.95 -14.71 -12.18
N ASP D 10 18.30 -15.56 -13.15
CA ASP D 10 17.50 -15.64 -14.38
C ASP D 10 16.06 -16.08 -14.13
N ARG D 11 15.88 -17.17 -13.38
CA ARG D 11 14.52 -17.66 -13.08
C ARG D 11 13.72 -16.58 -12.38
N ALA D 12 14.31 -15.99 -11.34
CA ALA D 12 13.66 -14.90 -10.61
C ALA D 12 13.29 -13.72 -11.53
N ASP D 13 14.19 -13.33 -12.44
CA ASP D 13 13.91 -12.21 -13.35
C ASP D 13 12.84 -12.51 -14.40
N ILE D 14 12.78 -13.77 -14.83
CA ILE D 14 11.72 -14.23 -15.72
C ILE D 14 10.39 -14.18 -15.01
N LEU D 15 10.40 -14.48 -13.72
CA LEU D 15 9.16 -14.45 -12.96
C LEU D 15 8.67 -13.02 -12.87
N TYR D 16 9.60 -12.11 -12.58
CA TYR D 16 9.34 -10.67 -12.63
C TYR D 16 8.74 -10.23 -13.97
N ASN D 17 9.35 -10.61 -15.08
CA ASN D 17 8.79 -10.24 -16.37
C ASN D 17 7.39 -10.77 -16.57
N ILE D 18 7.19 -12.07 -16.32
CA ILE D 18 5.86 -12.69 -16.44
C ILE D 18 4.83 -11.97 -15.58
N ARG D 19 5.14 -11.69 -14.32
CA ARG D 19 4.16 -11.00 -13.46
C ARG D 19 3.86 -9.53 -13.84
N GLN D 20 4.66 -8.97 -14.73
CA GLN D 20 4.44 -7.60 -15.17
C GLN D 20 3.59 -7.54 -16.43
N THR D 21 3.83 -8.49 -17.32
CA THR D 21 3.09 -8.57 -18.54
C THR D 21 1.70 -9.13 -18.31
N SER D 22 1.63 -10.15 -17.46
CA SER D 22 0.44 -10.97 -17.29
C SER D 22 -0.81 -10.24 -16.79
N ARG D 23 -1.88 -10.36 -17.57
CA ARG D 23 -3.19 -9.91 -17.14
C ARG D 23 -4.05 -11.15 -16.81
N PRO D 24 -4.09 -11.53 -15.53
CA PRO D 24 -4.81 -12.69 -14.99
C PRO D 24 -6.30 -12.75 -15.30
N ASP D 25 -6.90 -11.60 -15.60
CA ASP D 25 -8.34 -11.56 -15.81
C ASP D 25 -8.75 -11.32 -17.25
N VAL D 26 -7.78 -11.21 -18.16
CA VAL D 26 -8.08 -10.87 -19.55
C VAL D 26 -7.65 -11.99 -20.48
N ILE D 27 -8.55 -12.44 -21.36
CA ILE D 27 -8.23 -13.55 -22.27
C ILE D 27 -7.14 -13.21 -23.27
N PRO D 28 -6.10 -14.06 -23.37
CA PRO D 28 -4.91 -13.82 -24.20
C PRO D 28 -5.16 -14.01 -25.69
N THR D 29 -6.15 -13.34 -26.24
CA THR D 29 -6.45 -13.42 -27.67
C THR D 29 -5.41 -12.64 -28.44
N GLN D 30 -4.59 -13.35 -29.23
CA GLN D 30 -3.66 -12.68 -30.13
C GLN D 30 -4.25 -12.55 -31.53
N ARG D 31 -4.16 -11.35 -32.10
CA ARG D 31 -4.61 -11.07 -33.46
C ARG D 31 -6.10 -11.35 -33.76
N ASP D 32 -6.97 -11.01 -32.82
CA ASP D 32 -8.42 -11.17 -33.03
C ASP D 32 -8.88 -12.60 -33.31
N ARG D 33 -8.08 -13.57 -32.92
CA ARG D 33 -8.46 -14.97 -33.00
C ARG D 33 -8.77 -15.47 -31.60
N PRO D 34 -9.70 -16.43 -31.48
CA PRO D 34 -10.03 -17.05 -30.20
C PRO D 34 -8.79 -17.68 -29.58
N VAL D 35 -8.67 -17.68 -28.27
CA VAL D 35 -7.58 -18.41 -27.65
C VAL D 35 -7.80 -19.92 -27.91
N ALA D 36 -6.79 -20.58 -28.46
CA ALA D 36 -6.85 -22.01 -28.69
C ALA D 36 -6.38 -22.73 -27.45
N VAL D 37 -7.32 -23.33 -26.73
CA VAL D 37 -7.03 -24.09 -25.53
C VAL D 37 -7.12 -25.60 -25.83
N SER D 38 -6.06 -26.32 -25.48
CA SER D 38 -6.00 -27.77 -25.62
C SER D 38 -6.26 -28.42 -24.28
N VAL D 39 -7.26 -29.29 -24.21
CA VAL D 39 -7.48 -30.10 -23.00
C VAL D 39 -7.40 -31.59 -23.28
N SER D 40 -6.80 -32.33 -22.37
CA SER D 40 -6.88 -33.79 -22.40
C SER D 40 -6.94 -34.36 -20.98
N LEU D 41 -7.88 -35.26 -20.72
CA LEU D 41 -7.96 -35.92 -19.41
C LEU D 41 -7.18 -37.22 -19.38
N LYS D 42 -6.36 -37.42 -18.35
CA LYS D 42 -5.56 -38.63 -18.22
C LYS D 42 -5.92 -39.31 -16.91
N PHE D 43 -6.65 -40.42 -17.02
CA PHE D 43 -7.33 -40.99 -15.87
C PHE D 43 -6.39 -41.77 -14.99
N ILE D 44 -6.50 -41.55 -13.70
CA ILE D 44 -5.59 -42.15 -12.74
C ILE D 44 -6.32 -43.20 -11.92
N ASN D 45 -7.59 -42.95 -11.61
CA ASN D 45 -8.34 -43.88 -10.79
C ASN D 45 -9.84 -43.67 -10.88
N ILE D 46 -10.60 -44.73 -10.60
CA ILE D 46 -12.05 -44.65 -10.42
C ILE D 46 -12.26 -45.28 -9.07
N LEU D 47 -12.95 -44.59 -8.17
CA LEU D 47 -12.90 -44.98 -6.76
C LEU D 47 -14.22 -45.49 -6.20
N GLU D 48 -15.29 -44.97 -6.77
CA GLU D 48 -16.63 -45.24 -6.27
C GLU D 48 -17.53 -45.09 -7.46
N VAL D 49 -18.23 -46.16 -7.76
CA VAL D 49 -19.20 -46.21 -8.82
C VAL D 49 -20.50 -46.57 -8.10
N ASN D 50 -21.49 -45.70 -8.17
CA ASN D 50 -22.78 -45.92 -7.50
C ASN D 50 -23.84 -46.33 -8.48
N GLU D 51 -24.08 -47.64 -8.56
CA GLU D 51 -25.04 -48.25 -9.49
C GLU D 51 -26.46 -47.78 -9.26
N ILE D 52 -26.76 -47.40 -8.02
CA ILE D 52 -28.08 -46.92 -7.65
C ILE D 52 -28.37 -45.55 -8.25
N THR D 53 -27.47 -44.60 -8.03
CA THR D 53 -27.71 -43.18 -8.32
C THR D 53 -27.05 -42.61 -9.59
N ASN D 54 -26.35 -43.45 -10.35
CA ASN D 54 -25.65 -42.99 -11.54
C ASN D 54 -24.57 -41.94 -11.23
N GLU D 55 -23.66 -42.26 -10.33
CA GLU D 55 -22.59 -41.35 -9.97
C GLU D 55 -21.25 -42.08 -10.04
N VAL D 56 -20.19 -41.38 -10.46
CA VAL D 56 -18.81 -41.87 -10.41
C VAL D 56 -17.93 -40.86 -9.69
N ASP D 57 -16.86 -41.33 -9.07
CA ASP D 57 -15.91 -40.48 -8.41
C ASP D 57 -14.60 -40.83 -9.10
N VAL D 58 -14.00 -39.88 -9.81
CA VAL D 58 -12.82 -40.22 -10.59
C VAL D 58 -11.63 -39.34 -10.22
N VAL D 59 -10.42 -39.83 -10.50
CA VAL D 59 -9.20 -39.04 -10.35
C VAL D 59 -8.53 -39.00 -11.71
N PHE D 60 -8.29 -37.80 -12.21
CA PHE D 60 -7.63 -37.61 -13.50
C PHE D 60 -6.67 -36.43 -13.52
N TRP D 61 -5.62 -36.55 -14.32
CA TRP D 61 -4.73 -35.44 -14.63
C TRP D 61 -5.37 -34.60 -15.72
N GLN D 62 -5.89 -33.41 -15.39
CA GLN D 62 -6.50 -32.54 -16.38
C GLN D 62 -5.44 -31.72 -17.11
N GLN D 63 -5.02 -32.20 -18.27
CA GLN D 63 -3.91 -31.61 -19.00
C GLN D 63 -4.41 -30.45 -19.84
N THR D 64 -3.90 -29.24 -19.57
CA THR D 64 -4.40 -28.04 -20.22
C THR D 64 -3.27 -27.18 -20.75
N THR D 65 -3.33 -26.81 -22.03
CA THR D 65 -2.29 -25.97 -22.61
C THR D 65 -2.88 -24.89 -23.50
N TRP D 66 -2.23 -23.73 -23.52
CA TRP D 66 -2.63 -22.66 -24.43
C TRP D 66 -1.40 -21.82 -24.71
N SER D 67 -1.55 -20.83 -25.55
CA SER D 67 -0.41 -19.98 -25.89
C SER D 67 -0.73 -18.56 -25.51
N ASP D 68 0.24 -17.86 -24.92
CA ASP D 68 0.15 -16.41 -24.76
C ASP D 68 1.53 -15.85 -25.04
N ARG D 69 1.69 -15.29 -26.24
CA ARG D 69 3.00 -14.88 -26.71
C ARG D 69 3.59 -13.61 -26.06
N THR D 70 2.76 -12.78 -25.44
CA THR D 70 3.30 -11.61 -24.73
C THR D 70 4.29 -12.02 -23.63
N LEU D 71 4.12 -13.24 -23.11
CA LEU D 71 4.96 -13.71 -22.01
C LEU D 71 6.25 -14.34 -22.53
N ALA D 72 6.38 -14.45 -23.84
CA ALA D 72 7.54 -15.10 -24.41
C ALA D 72 8.83 -14.29 -24.17
N TRP D 73 9.92 -15.00 -23.92
CA TRP D 73 11.22 -14.37 -23.86
C TRP D 73 12.25 -15.16 -24.65
N ASN D 74 13.46 -14.62 -24.74
CA ASN D 74 14.58 -15.27 -25.41
C ASN D 74 15.11 -16.50 -24.67
N SER D 75 15.48 -17.53 -25.41
CA SER D 75 16.03 -18.76 -24.84
C SER D 75 17.54 -18.90 -25.00
N SER D 76 18.12 -17.77 -25.42
CA SER D 76 19.52 -17.62 -25.74
C SER D 76 20.43 -17.88 -24.56
N HIS D 77 20.09 -17.39 -23.36
CA HIS D 77 20.89 -17.86 -22.30
C HIS D 77 20.18 -17.66 -21.03
N SER D 78 18.87 -17.73 -21.08
CA SER D 78 17.99 -17.94 -19.91
C SER D 78 17.16 -19.23 -19.98
N PRO D 79 16.70 -19.70 -18.82
CA PRO D 79 16.04 -21.01 -18.72
C PRO D 79 14.85 -21.10 -19.67
N ASP D 80 14.67 -22.26 -20.31
CA ASP D 80 13.65 -22.43 -21.34
C ASP D 80 12.26 -22.25 -20.78
N GLN D 81 12.09 -22.72 -19.54
CA GLN D 81 10.83 -22.60 -18.83
C GLN D 81 10.96 -22.53 -17.31
N VAL D 82 9.90 -22.02 -16.67
CA VAL D 82 9.84 -21.89 -15.21
C VAL D 82 8.44 -22.19 -14.70
N SER D 83 8.34 -22.45 -13.41
CA SER D 83 7.05 -22.67 -12.77
C SER D 83 6.50 -21.38 -12.20
N VAL D 84 5.18 -21.22 -12.28
CA VAL D 84 4.47 -20.01 -11.86
C VAL D 84 3.18 -20.34 -11.10
N PRO D 85 2.95 -19.70 -9.94
CA PRO D 85 1.67 -19.87 -9.24
C PRO D 85 0.52 -19.43 -10.16
N ILE D 86 -0.54 -20.23 -10.26
CA ILE D 86 -1.62 -19.87 -11.16
C ILE D 86 -2.32 -18.56 -10.81
N SER D 87 -2.15 -18.05 -9.60
CA SER D 87 -2.72 -16.75 -9.31
C SER D 87 -2.05 -15.61 -10.12
N SER D 88 -0.85 -15.85 -10.62
CA SER D 88 -0.16 -14.86 -11.45
C SER D 88 -0.54 -14.89 -12.92
N LEU D 89 -1.24 -15.95 -13.35
CA LEU D 89 -1.55 -16.09 -14.77
C LEU D 89 -3.03 -16.04 -15.00
N TRP D 90 -3.41 -15.80 -16.25
CA TRP D 90 -4.75 -16.10 -16.69
C TRP D 90 -4.82 -17.62 -16.86
N VAL D 91 -5.91 -18.21 -16.37
CA VAL D 91 -6.22 -19.63 -16.54
C VAL D 91 -7.65 -19.74 -17.11
N PRO D 92 -7.86 -20.61 -18.12
CA PRO D 92 -9.19 -20.64 -18.74
C PRO D 92 -10.26 -21.19 -17.77
N ASP D 93 -11.49 -20.73 -17.90
CA ASP D 93 -12.51 -21.07 -16.92
C ASP D 93 -13.28 -22.33 -17.29
N LEU D 94 -12.57 -23.45 -17.33
CA LEU D 94 -13.16 -24.73 -17.68
C LEU D 94 -14.11 -25.21 -16.58
N ALA D 95 -15.18 -25.86 -17.02
CA ALA D 95 -16.12 -26.51 -16.11
C ALA D 95 -16.58 -27.79 -16.78
N ALA D 96 -16.94 -28.78 -15.98
CA ALA D 96 -17.53 -30.01 -16.49
C ALA D 96 -19.04 -29.91 -16.31
N TYR D 97 -19.79 -30.04 -17.40
CA TYR D 97 -21.24 -29.75 -17.37
C TYR D 97 -22.02 -30.73 -16.49
N ASN D 98 -21.47 -31.93 -16.31
CA ASN D 98 -22.13 -32.96 -15.52
C ASN D 98 -21.39 -33.21 -14.21
N ALA D 99 -20.62 -32.23 -13.78
CA ALA D 99 -19.94 -32.31 -12.49
C ALA D 99 -20.99 -32.19 -11.39
N ILE D 100 -20.92 -33.05 -10.38
CA ILE D 100 -21.83 -32.91 -9.26
C ILE D 100 -21.13 -32.57 -7.93
N SER D 101 -19.81 -32.59 -7.94
CA SER D 101 -19.04 -32.09 -6.83
C SER D 101 -18.10 -30.98 -7.38
N LYS D 102 -17.44 -30.24 -6.49
CA LYS D 102 -16.43 -29.26 -6.91
C LYS D 102 -15.22 -30.03 -7.37
N PRO D 103 -14.41 -29.43 -8.26
CA PRO D 103 -13.12 -30.06 -8.54
C PRO D 103 -12.18 -30.01 -7.33
N GLU D 104 -11.75 -31.16 -6.83
CA GLU D 104 -10.74 -31.23 -5.79
C GLU D 104 -9.32 -31.45 -6.33
N VAL D 105 -8.51 -30.41 -6.28
CA VAL D 105 -7.18 -30.40 -6.86
C VAL D 105 -6.18 -31.06 -5.91
N LEU D 106 -5.49 -32.11 -6.35
CA LEU D 106 -4.66 -32.89 -5.46
C LEU D 106 -3.18 -32.47 -5.46
N THR D 107 -2.85 -31.46 -6.28
CA THR D 107 -1.47 -31.14 -6.61
C THR D 107 -1.14 -29.66 -6.31
N PRO D 108 0.16 -29.30 -6.34
CA PRO D 108 0.50 -27.89 -6.17
C PRO D 108 -0.05 -27.10 -7.33
N GLN D 109 -0.47 -25.85 -7.12
CA GLN D 109 -1.10 -25.08 -8.20
C GLN D 109 -0.10 -24.22 -8.93
N LEU D 110 0.86 -24.86 -9.58
CA LEU D 110 1.86 -24.14 -10.36
C LEU D 110 1.63 -24.52 -11.81
N ALA D 111 1.78 -23.57 -12.71
CA ALA D 111 1.74 -23.85 -14.14
C ALA D 111 3.17 -23.84 -14.64
N ARG D 112 3.41 -24.28 -15.87
CA ARG D 112 4.73 -24.08 -16.46
C ARG D 112 4.59 -23.09 -17.61
N VAL D 113 5.44 -22.07 -17.60
CA VAL D 113 5.50 -21.19 -18.76
C VAL D 113 6.77 -21.45 -19.56
N VAL D 114 6.59 -21.67 -20.86
CA VAL D 114 7.71 -21.91 -21.78
C VAL D 114 8.17 -20.61 -22.50
N SER D 115 9.47 -20.50 -22.77
CA SER D 115 10.04 -19.27 -23.34
C SER D 115 9.37 -18.76 -24.61
N ASP D 116 8.68 -19.65 -25.33
CA ASP D 116 7.93 -19.21 -26.51
C ASP D 116 6.49 -18.84 -26.18
N GLY D 117 6.20 -18.64 -24.89
CA GLY D 117 4.90 -18.13 -24.48
C GLY D 117 3.84 -19.19 -24.30
N GLU D 118 4.24 -20.46 -24.37
CA GLU D 118 3.31 -21.54 -24.13
C GLU D 118 3.14 -21.73 -22.61
N VAL D 119 1.90 -21.94 -22.18
CA VAL D 119 1.58 -22.17 -20.79
C VAL D 119 0.91 -23.54 -20.65
N LEU D 120 1.41 -24.35 -19.73
CA LEU D 120 0.72 -25.61 -19.42
C LEU D 120 0.40 -25.72 -17.95
N TYR D 121 -0.84 -26.12 -17.67
CA TYR D 121 -1.32 -26.34 -16.33
C TYR D 121 -2.03 -27.70 -16.29
N MET D 122 -1.47 -28.62 -15.52
CA MET D 122 -2.02 -29.96 -15.38
C MET D 122 -2.20 -30.37 -13.94
N PRO D 123 -3.33 -29.96 -13.34
CA PRO D 123 -3.69 -30.44 -12.00
C PRO D 123 -4.21 -31.87 -12.01
N SER D 124 -3.87 -32.61 -10.96
CA SER D 124 -4.56 -33.85 -10.67
C SER D 124 -5.85 -33.43 -10.00
N ILE D 125 -6.97 -34.00 -10.44
CA ILE D 125 -8.29 -33.64 -9.92
C ILE D 125 -9.08 -34.88 -9.52
N ARG D 126 -9.70 -34.85 -8.36
CA ARG D 126 -10.68 -35.84 -8.01
C ARG D 126 -12.05 -35.18 -8.02
N GLN D 127 -12.99 -35.73 -8.78
CA GLN D 127 -14.30 -35.11 -8.93
C GLN D 127 -15.43 -36.14 -9.15
N ARG D 128 -16.64 -35.81 -8.74
CA ARG D 128 -17.75 -36.72 -8.84
C ARG D 128 -18.55 -36.34 -10.08
N PHE D 129 -19.00 -37.33 -10.83
CA PHE D 129 -19.81 -37.08 -12.03
C PHE D 129 -21.14 -37.80 -12.04
N SER D 130 -22.06 -37.28 -12.83
CA SER D 130 -23.36 -37.89 -13.05
C SER D 130 -23.43 -38.42 -14.47
N CYS D 131 -23.33 -39.75 -14.62
CA CYS D 131 -23.28 -40.40 -15.94
C CYS D 131 -23.80 -41.84 -15.93
N ASP D 132 -24.13 -42.38 -17.11
CA ASP D 132 -24.67 -43.75 -17.22
C ASP D 132 -23.70 -44.79 -16.69
N VAL D 133 -24.15 -45.58 -15.72
CA VAL D 133 -23.31 -46.51 -14.99
C VAL D 133 -23.73 -47.95 -15.29
N SER D 134 -24.84 -48.09 -16.01
CA SER D 134 -25.33 -49.40 -16.40
C SER D 134 -24.33 -50.11 -17.32
N GLY D 135 -24.05 -51.37 -17.01
CA GLY D 135 -23.14 -52.15 -17.82
C GLY D 135 -21.81 -52.38 -17.12
N VAL D 136 -21.59 -51.62 -16.04
CA VAL D 136 -20.35 -51.68 -15.29
C VAL D 136 -19.95 -53.12 -14.93
N ASP D 137 -20.95 -53.98 -14.79
CA ASP D 137 -20.68 -55.34 -14.36
C ASP D 137 -20.74 -56.35 -15.50
N THR D 138 -20.82 -55.86 -16.74
CA THR D 138 -20.88 -56.73 -17.92
C THR D 138 -19.58 -56.71 -18.71
N GLU D 139 -19.53 -57.51 -19.76
CA GLU D 139 -18.38 -57.57 -20.64
C GLU D 139 -18.10 -56.20 -21.23
N SER D 140 -19.16 -55.60 -21.78
CA SER D 140 -19.03 -54.40 -22.58
C SER D 140 -18.72 -53.14 -21.75
N GLY D 141 -18.96 -53.21 -20.43
CA GLY D 141 -18.65 -52.12 -19.52
C GLY D 141 -19.62 -50.94 -19.56
N ALA D 142 -19.45 -50.00 -18.64
CA ALA D 142 -20.25 -48.77 -18.62
C ALA D 142 -19.54 -47.73 -19.47
N THR D 143 -20.28 -46.75 -19.97
CA THR D 143 -19.67 -45.64 -20.73
C THR D 143 -20.10 -44.25 -20.23
N CYS D 144 -19.25 -43.62 -19.44
CA CYS D 144 -19.58 -42.31 -18.88
C CYS D 144 -18.95 -41.18 -19.71
N ARG D 145 -19.79 -40.22 -20.11
CA ARG D 145 -19.36 -39.11 -20.94
C ARG D 145 -19.21 -37.83 -20.11
N ILE D 146 -18.01 -37.27 -20.11
CA ILE D 146 -17.70 -36.01 -19.42
C ILE D 146 -17.44 -34.85 -20.41
N LYS D 147 -18.23 -33.79 -20.34
CA LYS D 147 -17.98 -32.62 -21.19
C LYS D 147 -17.26 -31.51 -20.42
N ILE D 148 -16.13 -31.05 -20.95
CA ILE D 148 -15.38 -29.91 -20.38
C ILE D 148 -15.25 -28.74 -21.38
N GLY D 149 -15.79 -27.58 -21.02
CA GLY D 149 -15.71 -26.42 -21.89
C GLY D 149 -15.44 -25.14 -21.12
N SER D 150 -15.49 -24.00 -21.80
CA SER D 150 -15.41 -22.74 -21.08
C SER D 150 -16.78 -22.35 -20.59
N TRP D 151 -16.86 -21.97 -19.33
CA TRP D 151 -18.10 -21.56 -18.72
C TRP D 151 -18.66 -20.23 -19.25
N THR D 152 -17.82 -19.20 -19.41
CA THR D 152 -18.38 -17.90 -19.75
C THR D 152 -17.99 -17.36 -21.13
N HIS D 153 -16.94 -17.92 -21.72
CA HIS D 153 -16.46 -17.42 -23.01
C HIS D 153 -16.95 -18.28 -24.19
N HIS D 154 -17.66 -17.64 -25.13
CA HIS D 154 -18.17 -18.35 -26.30
C HIS D 154 -17.06 -18.60 -27.36
N SER D 155 -17.43 -19.21 -28.48
CA SER D 155 -16.44 -19.78 -29.42
C SER D 155 -15.62 -18.77 -30.19
N ARG D 156 -16.14 -17.54 -30.32
CA ARG D 156 -15.34 -16.43 -30.83
C ARG D 156 -14.20 -16.11 -29.86
N GLU D 157 -14.43 -16.32 -28.57
CA GLU D 157 -13.48 -15.96 -27.53
C GLU D 157 -12.49 -17.08 -27.20
N ILE D 158 -13.02 -18.26 -26.88
CA ILE D 158 -12.15 -19.39 -26.59
C ILE D 158 -12.57 -20.64 -27.35
N SER D 159 -11.59 -21.29 -27.95
CA SER D 159 -11.81 -22.61 -28.53
C SER D 159 -11.16 -23.71 -27.66
N VAL D 160 -11.96 -24.72 -27.32
CA VAL D 160 -11.49 -25.85 -26.54
C VAL D 160 -11.26 -27.04 -27.46
N ASP D 161 -10.06 -27.60 -27.45
CA ASP D 161 -9.73 -28.69 -28.37
C ASP D 161 -9.12 -29.89 -27.65
N PRO D 162 -9.24 -31.10 -28.23
CA PRO D 162 -8.51 -32.22 -27.65
C PRO D 162 -7.05 -32.13 -28.04
N THR D 163 -6.18 -32.84 -27.34
CA THR D 163 -4.75 -32.75 -27.61
C THR D 163 -4.28 -33.77 -28.66
N THR D 164 -3.10 -33.51 -29.23
CA THR D 164 -2.57 -34.39 -30.29
C THR D 164 -2.28 -35.83 -29.81
N GLU D 165 -2.06 -36.03 -28.52
CA GLU D 165 -1.86 -37.39 -28.03
C GLU D 165 -3.03 -37.89 -27.19
N ASN D 166 -3.83 -38.76 -27.81
CA ASN D 166 -5.15 -39.11 -27.36
C ASN D 166 -5.36 -40.56 -26.96
N SER D 167 -4.26 -41.30 -26.89
CA SER D 167 -4.29 -42.63 -26.32
C SER D 167 -4.69 -42.46 -24.87
N ASP D 168 -4.17 -41.37 -24.29
CA ASP D 168 -4.28 -41.06 -22.87
C ASP D 168 -5.66 -40.59 -22.39
N ASP D 169 -5.93 -40.85 -21.11
CA ASP D 169 -4.97 -41.61 -20.33
C ASP D 169 -5.47 -43.04 -20.14
N SER D 170 -4.71 -44.00 -20.67
CA SER D 170 -4.92 -45.42 -20.36
C SER D 170 -3.83 -46.00 -19.45
N GLU D 171 -2.57 -45.71 -19.79
CA GLU D 171 -1.41 -46.33 -19.14
C GLU D 171 -1.18 -46.03 -17.66
N TYR D 172 -1.37 -44.77 -17.27
CA TYR D 172 -1.09 -44.34 -15.89
C TYR D 172 -2.04 -44.99 -14.90
N PHE D 173 -3.29 -45.17 -15.30
CA PHE D 173 -4.36 -45.42 -14.37
C PHE D 173 -3.98 -46.61 -13.50
N SER D 174 -4.25 -46.48 -12.20
CA SER D 174 -3.69 -47.37 -11.21
C SER D 174 -4.10 -48.81 -11.43
N GLN D 175 -3.15 -49.71 -11.29
CA GLN D 175 -3.38 -51.13 -11.44
C GLN D 175 -4.15 -51.70 -10.27
N TYR D 176 -4.45 -50.86 -9.28
CA TYR D 176 -5.05 -51.32 -8.04
C TYR D 176 -6.53 -50.97 -7.95
N SER D 177 -6.98 -50.12 -8.87
CA SER D 177 -8.39 -49.81 -8.99
C SER D 177 -9.21 -51.11 -9.12
N ARG D 178 -10.44 -51.10 -8.59
CA ARG D 178 -11.35 -52.22 -8.81
C ARG D 178 -11.75 -52.26 -10.28
N PHE D 179 -11.60 -51.15 -10.98
CA PHE D 179 -12.08 -51.06 -12.36
C PHE D 179 -10.92 -51.15 -13.35
N GLU D 180 -11.24 -51.33 -14.62
CA GLU D 180 -10.21 -51.31 -15.66
C GLU D 180 -10.79 -50.54 -16.82
N ILE D 181 -9.98 -49.98 -17.72
CA ILE D 181 -10.59 -49.20 -18.83
C ILE D 181 -10.51 -49.79 -20.26
N LEU D 182 -11.67 -50.11 -20.84
CA LEU D 182 -11.77 -50.61 -22.23
C LEU D 182 -11.41 -49.67 -23.42
N ASP D 183 -11.90 -48.43 -23.39
CA ASP D 183 -11.57 -47.43 -24.41
C ASP D 183 -11.68 -46.01 -23.84
N VAL D 184 -10.88 -45.08 -24.35
CA VAL D 184 -11.14 -43.68 -24.12
C VAL D 184 -11.10 -42.94 -25.44
N THR D 185 -12.13 -42.13 -25.71
CA THR D 185 -12.10 -41.22 -26.85
C THR D 185 -12.38 -39.78 -26.41
N GLN D 186 -11.73 -38.82 -27.08
CA GLN D 186 -11.89 -37.40 -26.76
C GLN D 186 -12.08 -36.60 -28.03
N LYS D 187 -13.36 -36.34 -28.32
CA LYS D 187 -13.81 -35.74 -29.55
C LYS D 187 -14.13 -34.28 -29.27
N LYS D 188 -13.87 -33.42 -30.25
CA LYS D 188 -14.27 -32.02 -30.17
C LYS D 188 -15.79 -31.97 -30.29
N ASN D 189 -16.44 -31.16 -29.47
CA ASN D 189 -17.89 -31.00 -29.54
C ASN D 189 -18.25 -29.52 -29.42
N SER D 190 -19.52 -29.16 -29.65
CA SER D 190 -19.92 -27.75 -29.69
C SER D 190 -21.38 -27.52 -29.35
N VAL D 191 -21.66 -27.22 -28.08
CA VAL D 191 -23.03 -27.00 -27.61
C VAL D 191 -23.56 -25.59 -27.87
N THR D 192 -24.71 -25.50 -28.54
CA THR D 192 -25.40 -24.23 -28.75
C THR D 192 -26.65 -24.25 -27.86
N TYR D 193 -27.46 -23.19 -27.87
CA TYR D 193 -28.52 -23.08 -26.87
C TYR D 193 -29.64 -22.06 -27.08
N SER D 194 -30.72 -22.25 -26.32
CA SER D 194 -31.80 -21.29 -26.23
C SER D 194 -31.53 -20.26 -25.13
N CYS D 195 -30.73 -20.65 -24.14
CA CYS D 195 -30.29 -19.76 -23.07
C CYS D 195 -29.54 -18.54 -23.62
N CYS D 196 -28.58 -18.81 -24.48
CA CYS D 196 -27.67 -17.79 -25.03
C CYS D 196 -27.50 -18.03 -26.52
N PRO D 197 -27.42 -16.94 -27.31
CA PRO D 197 -27.40 -17.09 -28.77
C PRO D 197 -26.03 -17.46 -29.33
N GLU D 198 -25.07 -17.76 -28.46
CA GLU D 198 -23.74 -18.13 -28.91
C GLU D 198 -23.36 -19.57 -28.60
N ALA D 199 -22.30 -20.06 -29.25
CA ALA D 199 -21.94 -21.47 -29.19
C ALA D 199 -20.69 -21.72 -28.33
N TYR D 200 -20.80 -22.61 -27.35
CA TYR D 200 -19.66 -22.94 -26.50
C TYR D 200 -18.95 -24.20 -26.98
N GLU D 201 -17.67 -24.07 -27.33
CA GLU D 201 -16.87 -25.23 -27.68
C GLU D 201 -16.54 -26.02 -26.44
N ASP D 202 -16.25 -27.30 -26.63
CA ASP D 202 -15.83 -28.16 -25.54
C ASP D 202 -15.24 -29.49 -26.04
N VAL D 203 -14.65 -30.25 -25.14
CA VAL D 203 -14.25 -31.60 -25.45
C VAL D 203 -15.16 -32.58 -24.72
N GLU D 204 -15.74 -33.50 -25.48
CA GLU D 204 -16.50 -34.57 -24.87
C GLU D 204 -15.57 -35.75 -24.67
N VAL D 205 -15.57 -36.29 -23.46
CA VAL D 205 -14.69 -37.40 -23.11
C VAL D 205 -15.55 -38.60 -22.80
N SER D 206 -15.27 -39.72 -23.46
CA SER D 206 -16.04 -40.95 -23.26
C SER D 206 -15.18 -42.01 -22.61
N LEU D 207 -15.55 -42.34 -21.37
CA LEU D 207 -14.79 -43.26 -20.55
C LEU D 207 -15.52 -44.59 -20.48
N ASN D 208 -14.91 -45.62 -21.06
CA ASN D 208 -15.50 -46.96 -21.16
C ASN D 208 -14.75 -47.89 -20.23
N PHE D 209 -15.42 -48.33 -19.16
CA PHE D 209 -14.77 -49.11 -18.09
C PHE D 209 -15.72 -50.17 -17.55
N ARG D 210 -15.16 -51.21 -16.92
CA ARG D 210 -15.96 -52.25 -16.26
C ARG D 210 -15.29 -52.72 -14.97
N LYS D 211 -16.07 -53.31 -14.08
CA LYS D 211 -15.48 -53.95 -12.90
C LYS D 211 -14.63 -55.13 -13.36
N LYS D 212 -13.66 -55.53 -12.55
CA LYS D 212 -12.82 -56.67 -12.89
C LYS D 212 -13.37 -57.95 -12.28
N GLY D 213 -13.18 -59.07 -12.98
CA GLY D 213 -13.69 -60.36 -12.54
C GLY D 213 -13.19 -61.53 -13.38
N ASP E 1 -19.45 -4.85 -31.32
CA ASP E 1 -19.63 -5.73 -32.48
C ASP E 1 -18.69 -6.93 -32.41
N TYR E 2 -19.07 -8.04 -33.02
CA TYR E 2 -18.28 -9.25 -32.88
C TYR E 2 -16.87 -9.02 -33.40
N LYS E 3 -16.77 -8.24 -34.47
CA LYS E 3 -15.52 -8.02 -35.16
C LYS E 3 -14.35 -7.72 -34.22
N ASP E 4 -14.63 -6.95 -33.18
CA ASP E 4 -13.57 -6.47 -32.27
C ASP E 4 -13.57 -7.18 -30.92
N ASP E 5 -14.38 -8.24 -30.79
CA ASP E 5 -14.47 -9.04 -29.55
C ASP E 5 -13.10 -9.48 -28.99
N ASP E 6 -12.16 -9.79 -29.88
CA ASP E 6 -10.88 -10.38 -29.48
C ASP E 6 -9.70 -9.41 -29.45
N ASP E 7 -9.99 -8.13 -29.34
CA ASP E 7 -8.96 -7.12 -29.12
C ASP E 7 -8.59 -7.14 -27.63
N LYS E 8 -7.40 -7.62 -27.30
CA LYS E 8 -6.99 -7.82 -25.90
C LYS E 8 -6.90 -6.51 -25.11
N LEU E 9 -6.29 -5.50 -25.72
CA LEU E 9 -6.16 -4.21 -25.07
C LEU E 9 -7.53 -3.56 -24.86
N ASP E 10 -8.44 -3.77 -25.82
CA ASP E 10 -9.80 -3.26 -25.67
C ASP E 10 -10.48 -3.95 -24.49
N ARG E 11 -10.18 -5.23 -24.33
CA ARG E 11 -10.72 -6.01 -23.23
C ARG E 11 -10.15 -5.57 -21.89
N ALA E 12 -8.84 -5.41 -21.83
CA ALA E 12 -8.19 -4.98 -20.61
C ALA E 12 -8.74 -3.62 -20.17
N ASP E 13 -8.96 -2.73 -21.14
CA ASP E 13 -9.44 -1.38 -20.84
C ASP E 13 -10.89 -1.32 -20.39
N ILE E 14 -11.75 -2.16 -20.97
CA ILE E 14 -13.13 -2.29 -20.52
C ILE E 14 -13.17 -2.76 -19.08
N LEU E 15 -12.29 -3.71 -18.77
CA LEU E 15 -12.25 -4.28 -17.44
C LEU E 15 -11.74 -3.22 -16.49
N TYR E 16 -10.78 -2.44 -16.94
CA TYR E 16 -10.27 -1.32 -16.14
C TYR E 16 -11.39 -0.32 -15.87
N ASN E 17 -12.13 0.09 -16.91
CA ASN E 17 -13.29 0.97 -16.72
C ASN E 17 -14.33 0.39 -15.75
N ILE E 18 -14.73 -0.86 -15.91
CA ILE E 18 -15.66 -1.48 -14.98
C ILE E 18 -15.18 -1.43 -13.52
N ARG E 19 -13.95 -1.89 -13.25
CA ARG E 19 -13.44 -1.87 -11.89
C ARG E 19 -13.33 -0.44 -11.33
N GLN E 20 -13.08 0.53 -12.19
CA GLN E 20 -13.00 1.93 -11.71
C GLN E 20 -14.35 2.53 -11.33
N THR E 21 -15.41 2.16 -12.01
CA THR E 21 -16.71 2.70 -11.61
C THR E 21 -17.61 1.77 -10.78
N SER E 22 -17.33 0.47 -10.78
CA SER E 22 -18.15 -0.48 -10.01
C SER E 22 -18.05 -0.30 -8.50
N ARG E 23 -19.21 -0.25 -7.84
CA ARG E 23 -19.28 -0.20 -6.39
C ARG E 23 -19.89 -1.52 -5.93
N PRO E 24 -19.04 -2.50 -5.62
CA PRO E 24 -19.42 -3.88 -5.28
C PRO E 24 -20.38 -4.04 -4.09
N ASP E 25 -20.45 -3.05 -3.22
CA ASP E 25 -21.15 -3.22 -1.96
C ASP E 25 -22.37 -2.35 -1.86
N VAL E 26 -22.78 -1.77 -2.99
CA VAL E 26 -23.90 -0.84 -3.02
C VAL E 26 -24.85 -1.21 -4.12
N ILE E 27 -26.15 -1.28 -3.81
CA ILE E 27 -27.14 -1.60 -4.84
C ILE E 27 -27.14 -0.58 -5.99
N PRO E 28 -27.11 -1.07 -7.23
CA PRO E 28 -27.15 -0.24 -8.43
C PRO E 28 -28.57 0.22 -8.76
N THR E 29 -29.26 0.78 -7.76
CA THR E 29 -30.55 1.38 -8.02
C THR E 29 -30.34 2.50 -9.03
N GLN E 30 -31.23 2.57 -10.00
CA GLN E 30 -31.21 3.63 -10.97
C GLN E 30 -32.47 4.47 -10.79
N ARG E 31 -32.30 5.79 -10.77
CA ARG E 31 -33.41 6.73 -10.81
C ARG E 31 -34.46 6.53 -9.73
N ASP E 32 -34.03 6.41 -8.48
CA ASP E 32 -34.95 6.24 -7.34
C ASP E 32 -35.92 5.05 -7.48
N ARG E 33 -35.52 4.04 -8.25
CA ARG E 33 -36.35 2.86 -8.46
C ARG E 33 -35.55 1.59 -8.15
N PRO E 34 -36.22 0.59 -7.52
CA PRO E 34 -35.54 -0.64 -7.09
C PRO E 34 -34.78 -1.35 -8.23
N VAL E 35 -33.70 -2.03 -7.89
CA VAL E 35 -33.01 -2.85 -8.87
C VAL E 35 -33.92 -4.02 -9.26
N ALA E 36 -34.07 -4.22 -10.56
CA ALA E 36 -34.92 -5.28 -11.06
C ALA E 36 -34.04 -6.47 -11.43
N VAL E 37 -33.98 -7.45 -10.53
CA VAL E 37 -33.16 -8.65 -10.74
C VAL E 37 -33.96 -9.82 -11.35
N SER E 38 -33.50 -10.36 -12.46
CA SER E 38 -34.11 -11.53 -13.09
C SER E 38 -33.54 -12.86 -12.57
N VAL E 39 -34.40 -13.74 -12.07
CA VAL E 39 -33.98 -15.05 -11.58
C VAL E 39 -34.76 -16.18 -12.22
N SER E 40 -34.02 -17.18 -12.72
CA SER E 40 -34.63 -18.35 -13.33
C SER E 40 -33.78 -19.60 -13.07
N LEU E 41 -34.36 -20.58 -12.37
CA LEU E 41 -33.65 -21.82 -12.06
C LEU E 41 -33.76 -22.85 -13.18
N LYS E 42 -32.64 -23.39 -13.60
CA LYS E 42 -32.59 -24.37 -14.67
C LYS E 42 -32.11 -25.65 -14.07
N PHE E 43 -33.02 -26.59 -13.87
CA PHE E 43 -32.64 -27.82 -13.19
C PHE E 43 -31.79 -28.72 -14.04
N ILE E 44 -30.69 -29.21 -13.45
CA ILE E 44 -29.70 -30.04 -14.13
C ILE E 44 -29.76 -31.49 -13.62
N ASN E 45 -30.02 -31.66 -12.32
CA ASN E 45 -30.02 -33.00 -11.75
C ASN E 45 -30.64 -33.02 -10.38
N ILE E 46 -31.12 -34.20 -9.97
CA ILE E 46 -31.68 -34.42 -8.65
C ILE E 46 -30.99 -35.67 -8.14
N LEU E 47 -30.31 -35.59 -7.00
CA LEU E 47 -29.37 -36.63 -6.61
C LEU E 47 -29.83 -37.57 -5.48
N GLU E 48 -30.30 -36.99 -4.37
CA GLU E 48 -30.75 -37.73 -3.21
C GLU E 48 -32.12 -37.17 -2.89
N VAL E 49 -33.04 -38.05 -2.53
CA VAL E 49 -34.37 -37.66 -2.16
C VAL E 49 -34.73 -38.54 -0.98
N ASN E 50 -35.33 -37.94 0.05
CA ASN E 50 -35.72 -38.71 1.22
C ASN E 50 -37.15 -38.36 1.57
N GLU E 51 -38.06 -39.29 1.25
CA GLU E 51 -39.50 -39.08 1.44
C GLU E 51 -39.85 -39.13 2.92
N ILE E 52 -38.96 -39.72 3.72
CA ILE E 52 -39.13 -39.79 5.16
C ILE E 52 -38.79 -38.47 5.83
N THR E 53 -37.63 -37.91 5.51
CA THR E 53 -37.21 -36.65 6.14
C THR E 53 -37.58 -35.42 5.31
N ASN E 54 -38.15 -35.66 4.13
CA ASN E 54 -38.61 -34.57 3.29
C ASN E 54 -37.47 -33.64 2.85
N GLU E 55 -36.37 -34.26 2.43
CA GLU E 55 -35.17 -33.53 2.06
C GLU E 55 -34.71 -33.92 0.66
N VAL E 56 -34.10 -32.96 -0.02
CA VAL E 56 -33.83 -33.06 -1.44
C VAL E 56 -32.48 -32.43 -1.76
N ASP E 57 -31.67 -33.11 -2.57
CA ASP E 57 -30.33 -32.65 -2.95
C ASP E 57 -30.33 -32.42 -4.46
N VAL E 58 -30.23 -31.17 -4.89
CA VAL E 58 -30.37 -30.84 -6.30
C VAL E 58 -29.20 -30.06 -6.87
N VAL E 59 -29.10 -30.08 -8.20
CA VAL E 59 -28.13 -29.32 -8.96
C VAL E 59 -28.89 -28.49 -9.99
N PHE E 60 -28.64 -27.19 -10.01
CA PHE E 60 -29.33 -26.31 -10.96
C PHE E 60 -28.42 -25.17 -11.41
N TRP E 61 -28.67 -24.66 -12.61
CA TRP E 61 -28.04 -23.43 -13.07
C TRP E 61 -28.96 -22.31 -12.66
N GLN E 62 -28.41 -21.36 -11.89
CA GLN E 62 -29.20 -20.23 -11.42
C GLN E 62 -28.98 -19.04 -12.34
N GLN E 63 -29.94 -18.78 -13.23
CA GLN E 63 -29.79 -17.65 -14.14
C GLN E 63 -30.18 -16.38 -13.43
N THR E 64 -29.25 -15.44 -13.39
CA THR E 64 -29.46 -14.18 -12.67
C THR E 64 -29.02 -13.01 -13.53
N THR E 65 -29.93 -12.10 -13.84
CA THR E 65 -29.53 -10.89 -14.54
C THR E 65 -30.09 -9.62 -13.93
N TRP E 66 -29.43 -8.49 -14.22
CA TRP E 66 -29.85 -7.19 -13.72
C TRP E 66 -29.14 -6.10 -14.50
N SER E 67 -29.39 -4.84 -14.16
CA SER E 67 -28.74 -3.75 -14.90
C SER E 67 -27.99 -2.77 -14.03
N ASP E 68 -26.86 -2.31 -14.55
CA ASP E 68 -26.12 -1.19 -13.98
C ASP E 68 -25.61 -0.37 -15.14
N ARG E 69 -26.34 0.69 -15.49
CA ARG E 69 -26.07 1.44 -16.71
C ARG E 69 -24.74 2.20 -16.65
N THR E 70 -24.26 2.45 -15.44
CA THR E 70 -22.97 3.08 -15.25
C THR E 70 -21.81 2.21 -15.71
N LEU E 71 -22.09 0.93 -16.01
CA LEU E 71 -21.05 0.04 -16.52
C LEU E 71 -21.02 0.05 -18.06
N ALA E 72 -22.01 0.68 -18.67
CA ALA E 72 -22.16 0.67 -20.12
C ALA E 72 -21.04 1.43 -20.79
N TRP E 73 -20.61 0.95 -21.94
CA TRP E 73 -19.63 1.67 -22.71
C TRP E 73 -20.04 1.69 -24.18
N ASN E 74 -19.26 2.35 -25.01
CA ASN E 74 -19.61 2.43 -26.43
C ASN E 74 -18.91 1.36 -27.23
N SER E 75 -19.69 0.37 -27.67
CA SER E 75 -19.17 -0.82 -28.33
C SER E 75 -19.06 -0.74 -29.85
N SER E 76 -19.10 0.48 -30.38
CA SER E 76 -18.99 0.68 -31.84
C SER E 76 -17.75 0.01 -32.45
N HIS E 77 -16.58 0.22 -31.86
CA HIS E 77 -15.39 -0.51 -32.29
C HIS E 77 -14.65 -1.21 -31.15
N SER E 78 -15.42 -1.70 -30.19
CA SER E 78 -14.91 -2.45 -29.05
C SER E 78 -15.82 -3.66 -28.76
N PRO E 79 -15.37 -4.61 -27.91
CA PRO E 79 -16.17 -5.79 -27.54
C PRO E 79 -17.56 -5.51 -26.96
N ASP E 80 -18.56 -6.33 -27.30
CA ASP E 80 -19.94 -6.15 -26.82
C ASP E 80 -20.06 -6.53 -25.35
N GLN E 81 -19.38 -7.61 -24.97
CA GLN E 81 -19.35 -8.04 -23.59
C GLN E 81 -17.98 -8.60 -23.21
N VAL E 82 -17.72 -8.64 -21.91
CA VAL E 82 -16.55 -9.33 -21.37
C VAL E 82 -16.89 -10.06 -20.06
N SER E 83 -15.98 -10.89 -19.60
CA SER E 83 -16.17 -11.64 -18.36
C SER E 83 -15.47 -10.94 -17.19
N VAL E 84 -16.12 -10.94 -16.02
CA VAL E 84 -15.62 -10.22 -14.87
C VAL E 84 -15.75 -11.07 -13.60
N PRO E 85 -14.68 -11.13 -12.78
CA PRO E 85 -14.75 -11.84 -11.49
C PRO E 85 -15.83 -11.21 -10.60
N ILE E 86 -16.72 -11.97 -9.98
CA ILE E 86 -17.83 -11.36 -9.25
C ILE E 86 -17.38 -10.54 -8.05
N SER E 87 -16.13 -10.68 -7.65
CA SER E 87 -15.60 -9.88 -6.56
C SER E 87 -15.33 -8.43 -6.98
N SER E 88 -15.48 -8.15 -8.27
CA SER E 88 -15.33 -6.80 -8.77
C SER E 88 -16.69 -6.12 -8.94
N LEU E 89 -17.76 -6.87 -8.67
CA LEU E 89 -19.11 -6.44 -9.00
C LEU E 89 -20.11 -6.63 -7.87
N TRP E 90 -21.11 -5.75 -7.82
CA TRP E 90 -22.24 -6.00 -6.95
C TRP E 90 -22.99 -7.21 -7.49
N VAL E 91 -23.37 -8.13 -6.60
CA VAL E 91 -24.28 -9.24 -6.94
C VAL E 91 -25.42 -9.26 -5.92
N PRO E 92 -26.64 -9.65 -6.34
CA PRO E 92 -27.72 -9.63 -5.37
C PRO E 92 -27.55 -10.71 -4.31
N ASP E 93 -27.79 -10.37 -3.05
CA ASP E 93 -27.66 -11.31 -1.94
C ASP E 93 -28.84 -12.29 -1.81
N LEU E 94 -29.03 -13.11 -2.84
CA LEU E 94 -30.11 -14.09 -2.86
C LEU E 94 -29.89 -15.18 -1.83
N ALA E 95 -30.98 -15.64 -1.23
CA ALA E 95 -30.92 -16.77 -0.30
C ALA E 95 -32.14 -17.63 -0.50
N ALA E 96 -31.99 -18.94 -0.39
CA ALA E 96 -33.13 -19.88 -0.36
C ALA E 96 -33.65 -20.03 1.06
N TYR E 97 -34.90 -19.65 1.28
CA TYR E 97 -35.51 -19.72 2.61
C TYR E 97 -35.53 -21.14 3.20
N ASN E 98 -35.78 -22.15 2.36
CA ASN E 98 -35.91 -23.51 2.89
C ASN E 98 -34.69 -24.38 2.69
N ALA E 99 -33.55 -23.77 2.42
CA ALA E 99 -32.31 -24.50 2.16
C ALA E 99 -31.72 -24.96 3.47
N ILE E 100 -31.12 -26.14 3.48
CA ILE E 100 -30.61 -26.69 4.72
C ILE E 100 -29.12 -26.97 4.66
N SER E 101 -28.47 -26.42 3.64
CA SER E 101 -27.01 -26.48 3.49
C SER E 101 -26.57 -25.28 2.67
N LYS E 102 -25.29 -24.92 2.77
CA LYS E 102 -24.72 -23.83 1.95
C LYS E 102 -24.83 -24.19 0.48
N PRO E 103 -25.04 -23.16 -0.36
CA PRO E 103 -24.93 -23.39 -1.80
C PRO E 103 -23.49 -23.73 -2.17
N GLU E 104 -23.25 -24.94 -2.65
CA GLU E 104 -21.94 -25.31 -3.16
C GLU E 104 -21.85 -24.96 -4.65
N VAL E 105 -21.03 -23.96 -4.99
CA VAL E 105 -20.94 -23.46 -6.37
C VAL E 105 -19.92 -24.31 -7.13
N LEU E 106 -20.28 -24.77 -8.32
CA LEU E 106 -19.45 -25.74 -9.04
C LEU E 106 -18.71 -25.13 -10.23
N THR E 107 -19.12 -23.94 -10.65
CA THR E 107 -18.57 -23.29 -11.83
C THR E 107 -17.59 -22.17 -11.47
N PRO E 108 -16.77 -21.72 -12.43
CA PRO E 108 -15.92 -20.55 -12.11
C PRO E 108 -16.79 -19.32 -11.91
N GLN E 109 -16.47 -18.54 -10.89
CA GLN E 109 -17.30 -17.39 -10.54
C GLN E 109 -16.99 -16.13 -11.33
N LEU E 110 -17.44 -16.09 -12.58
CA LEU E 110 -17.34 -14.93 -13.45
C LEU E 110 -18.73 -14.40 -13.82
N ALA E 111 -18.87 -13.10 -14.03
CA ALA E 111 -20.12 -12.60 -14.58
C ALA E 111 -19.81 -12.21 -16.00
N ARG E 112 -20.85 -11.95 -16.81
CA ARG E 112 -20.62 -11.31 -18.10
C ARG E 112 -21.20 -9.91 -17.96
N VAL E 113 -20.54 -8.92 -18.53
CA VAL E 113 -21.10 -7.58 -18.52
C VAL E 113 -21.29 -7.18 -19.95
N VAL E 114 -22.49 -6.68 -20.27
CA VAL E 114 -22.76 -6.26 -21.64
C VAL E 114 -22.60 -4.74 -21.80
N SER E 115 -22.14 -4.33 -22.99
CA SER E 115 -21.83 -2.94 -23.28
C SER E 115 -22.96 -1.97 -22.99
N ASP E 116 -24.17 -2.50 -22.81
CA ASP E 116 -25.31 -1.66 -22.47
C ASP E 116 -25.62 -1.63 -20.98
N GLY E 117 -24.78 -2.28 -20.18
CA GLY E 117 -24.97 -2.32 -18.74
C GLY E 117 -25.61 -3.57 -18.15
N GLU E 118 -25.95 -4.54 -19.00
CA GLU E 118 -26.55 -5.79 -18.48
C GLU E 118 -25.47 -6.64 -17.84
N VAL E 119 -25.80 -7.20 -16.69
CA VAL E 119 -24.91 -8.12 -16.01
C VAL E 119 -25.60 -9.49 -15.93
N LEU E 120 -24.95 -10.53 -16.43
CA LEU E 120 -25.48 -11.88 -16.33
C LEU E 120 -24.54 -12.72 -15.48
N TYR E 121 -25.04 -13.28 -14.38
CA TYR E 121 -24.28 -14.24 -13.57
C TYR E 121 -25.09 -15.53 -13.39
N MET E 122 -24.55 -16.64 -13.90
CA MET E 122 -25.27 -17.92 -13.91
C MET E 122 -24.42 -19.06 -13.35
N PRO E 123 -24.28 -19.14 -12.03
CA PRO E 123 -23.49 -20.23 -11.43
C PRO E 123 -24.26 -21.55 -11.34
N SER E 124 -23.53 -22.66 -11.39
CA SER E 124 -24.12 -23.98 -11.16
C SER E 124 -24.04 -24.31 -9.69
N ILE E 125 -25.16 -24.70 -9.10
CA ILE E 125 -25.21 -24.91 -7.66
C ILE E 125 -25.77 -26.27 -7.25
N ARG E 126 -25.05 -26.96 -6.38
CA ARG E 126 -25.62 -28.11 -5.69
C ARG E 126 -26.01 -27.68 -4.29
N GLN E 127 -27.29 -27.73 -3.99
CA GLN E 127 -27.77 -27.44 -2.65
C GLN E 127 -28.82 -28.45 -2.17
N ARG E 128 -29.06 -28.49 -0.86
CA ARG E 128 -30.07 -29.35 -0.28
C ARG E 128 -31.22 -28.53 0.30
N PHE E 129 -32.44 -29.01 0.09
CA PHE E 129 -33.59 -28.28 0.58
C PHE E 129 -34.49 -29.12 1.47
N SER E 130 -35.31 -28.41 2.23
CA SER E 130 -36.31 -29.00 3.08
C SER E 130 -37.66 -28.74 2.42
N CYS E 131 -38.18 -29.74 1.71
CA CYS E 131 -39.39 -29.61 0.88
C CYS E 131 -40.26 -30.88 0.83
N ASP E 132 -41.53 -30.71 0.44
CA ASP E 132 -42.47 -31.82 0.39
C ASP E 132 -42.14 -32.80 -0.71
N VAL E 133 -41.65 -33.97 -0.32
CA VAL E 133 -41.29 -35.04 -1.25
C VAL E 133 -42.35 -36.14 -1.26
N SER E 134 -43.41 -35.95 -0.48
CA SER E 134 -44.50 -36.92 -0.41
C SER E 134 -45.12 -37.18 -1.79
N GLY E 135 -45.24 -38.45 -2.15
CA GLY E 135 -45.90 -38.82 -3.39
C GLY E 135 -44.95 -38.87 -4.57
N VAL E 136 -43.67 -39.01 -4.27
CA VAL E 136 -42.62 -39.02 -5.29
C VAL E 136 -42.64 -40.32 -6.09
N ASP E 137 -42.90 -41.45 -5.42
CA ASP E 137 -42.93 -42.77 -6.05
C ASP E 137 -44.16 -42.98 -6.93
N THR E 138 -45.13 -42.11 -6.70
CA THR E 138 -46.40 -42.03 -7.45
C THR E 138 -46.24 -41.41 -8.83
N GLU E 139 -47.25 -41.61 -9.67
CA GLU E 139 -47.16 -41.33 -11.09
C GLU E 139 -47.33 -39.84 -11.31
N SER E 140 -47.96 -39.20 -10.34
CA SER E 140 -48.13 -37.75 -10.33
C SER E 140 -46.98 -37.02 -9.61
N GLY E 141 -46.21 -37.75 -8.80
CA GLY E 141 -44.95 -37.25 -8.30
C GLY E 141 -45.04 -36.21 -7.21
N ALA E 142 -43.89 -35.80 -6.67
CA ALA E 142 -43.84 -34.77 -5.64
C ALA E 142 -43.93 -33.37 -6.24
N THR E 143 -44.32 -32.40 -5.43
CA THR E 143 -44.17 -31.00 -5.82
C THR E 143 -43.34 -30.28 -4.76
N CYS E 144 -42.11 -29.97 -5.11
CA CYS E 144 -41.18 -29.37 -4.16
C CYS E 144 -41.07 -27.89 -4.43
N ARG E 145 -41.31 -27.09 -3.40
CA ARG E 145 -41.32 -25.66 -3.55
C ARG E 145 -40.10 -25.02 -2.89
N ILE E 146 -39.37 -24.23 -3.68
CA ILE E 146 -38.14 -23.57 -3.27
C ILE E 146 -38.37 -22.07 -3.33
N LYS E 147 -37.98 -21.35 -2.29
CA LYS E 147 -38.20 -19.91 -2.24
C LYS E 147 -36.89 -19.10 -2.19
N ILE E 148 -36.65 -18.30 -3.23
CA ILE E 148 -35.43 -17.50 -3.33
C ILE E 148 -35.75 -16.01 -3.43
N GLY E 149 -35.08 -15.20 -2.60
CA GLY E 149 -35.23 -13.76 -2.66
C GLY E 149 -34.07 -13.03 -1.99
N SER E 150 -34.12 -11.71 -1.97
CA SER E 150 -33.06 -10.92 -1.33
C SER E 150 -33.08 -11.20 0.16
N TRP E 151 -31.91 -11.44 0.74
CA TRP E 151 -31.82 -11.72 2.16
C TRP E 151 -31.86 -10.47 3.05
N THR E 152 -31.39 -9.33 2.56
CA THR E 152 -31.34 -8.15 3.42
C THR E 152 -32.07 -6.95 2.82
N HIS E 153 -32.32 -6.97 1.52
CA HIS E 153 -32.98 -5.82 0.89
C HIS E 153 -34.47 -6.01 0.66
N HIS E 154 -35.28 -5.25 1.38
CA HIS E 154 -36.73 -5.32 1.23
C HIS E 154 -37.18 -4.83 -0.16
N SER E 155 -38.46 -5.03 -0.45
CA SER E 155 -39.06 -4.77 -1.78
C SER E 155 -38.72 -3.42 -2.38
N ARG E 156 -38.64 -2.41 -1.51
CA ARG E 156 -38.38 -1.03 -1.93
C ARG E 156 -37.00 -0.91 -2.59
N GLU E 157 -36.08 -1.82 -2.23
CA GLU E 157 -34.68 -1.74 -2.69
C GLU E 157 -34.32 -2.73 -3.80
N ILE E 158 -34.90 -3.92 -3.77
CA ILE E 158 -34.67 -4.95 -4.78
C ILE E 158 -35.98 -5.68 -5.12
N SER E 159 -36.29 -5.80 -6.41
CA SER E 159 -37.37 -6.68 -6.84
C SER E 159 -36.77 -7.89 -7.55
N VAL E 160 -37.30 -9.07 -7.29
CA VAL E 160 -36.92 -10.24 -8.09
C VAL E 160 -38.10 -10.69 -8.98
N ASP E 161 -37.78 -11.06 -10.22
CA ASP E 161 -38.77 -11.41 -11.22
C ASP E 161 -38.33 -12.65 -11.98
N PRO E 162 -39.28 -13.57 -12.26
CA PRO E 162 -39.03 -14.80 -13.05
C PRO E 162 -38.94 -14.54 -14.56
N THR E 163 -38.42 -15.52 -15.31
CA THR E 163 -38.35 -15.43 -16.77
C THR E 163 -38.30 -16.81 -17.43
N SER E 167 -41.95 -24.02 -17.66
CA SER E 167 -41.09 -24.91 -18.45
C SER E 167 -41.03 -26.32 -17.86
N ASP E 168 -40.44 -27.25 -18.61
CA ASP E 168 -40.18 -28.59 -18.10
C ASP E 168 -38.67 -28.86 -17.98
N ASP E 169 -37.88 -27.85 -18.33
CA ASP E 169 -36.41 -27.90 -18.27
C ASP E 169 -35.85 -29.13 -18.97
N SER E 170 -36.49 -29.51 -20.08
CA SER E 170 -36.07 -30.67 -20.85
C SER E 170 -34.68 -30.44 -21.43
N GLU E 171 -34.35 -29.17 -21.64
CA GLU E 171 -33.11 -28.80 -22.29
C GLU E 171 -31.87 -29.21 -21.53
N TYR E 172 -31.88 -28.95 -20.23
CA TYR E 172 -30.65 -28.97 -19.46
C TYR E 172 -30.58 -30.17 -18.53
N PHE E 173 -31.72 -30.81 -18.30
CA PHE E 173 -31.84 -31.84 -17.27
C PHE E 173 -31.19 -33.17 -17.65
N SER E 174 -30.54 -33.80 -16.67
CA SER E 174 -29.74 -35.00 -16.91
C SER E 174 -30.57 -36.25 -17.25
N GLN E 175 -30.24 -36.86 -18.38
CA GLN E 175 -30.89 -38.09 -18.79
C GLN E 175 -30.52 -39.26 -17.87
N TYR E 176 -29.49 -39.06 -17.05
CA TYR E 176 -28.96 -40.13 -16.22
C TYR E 176 -29.46 -40.03 -14.79
N SER E 177 -30.29 -39.04 -14.51
CA SER E 177 -30.87 -38.93 -13.19
C SER E 177 -31.84 -40.08 -12.95
N ARG E 178 -31.94 -40.52 -11.71
CA ARG E 178 -32.91 -41.54 -11.40
C ARG E 178 -34.27 -40.96 -11.74
N PHE E 179 -34.36 -39.63 -11.70
CA PHE E 179 -35.65 -38.96 -11.68
C PHE E 179 -35.92 -38.30 -13.01
N GLU E 180 -37.11 -37.72 -13.14
CA GLU E 180 -37.49 -37.02 -14.35
C GLU E 180 -38.45 -35.93 -13.93
N ILE E 181 -38.54 -34.88 -14.74
CA ILE E 181 -39.28 -33.69 -14.35
C ILE E 181 -40.61 -33.62 -15.08
N LEU E 182 -41.68 -33.50 -14.33
CA LEU E 182 -43.00 -33.37 -14.92
C LEU E 182 -43.27 -31.95 -15.36
N ASP E 183 -42.99 -30.98 -14.48
CA ASP E 183 -43.30 -29.58 -14.75
C ASP E 183 -42.57 -28.64 -13.77
N VAL E 184 -42.03 -27.55 -14.29
CA VAL E 184 -41.47 -26.51 -13.44
C VAL E 184 -42.19 -25.17 -13.64
N THR E 185 -42.71 -24.62 -12.56
CA THR E 185 -43.36 -23.31 -12.61
C THR E 185 -42.63 -22.30 -11.73
N GLN E 186 -42.56 -21.05 -12.19
CA GLN E 186 -41.93 -19.98 -11.40
C GLN E 186 -42.88 -18.81 -11.25
N LYS E 187 -43.28 -18.49 -10.02
CA LYS E 187 -44.18 -17.36 -9.78
C LYS E 187 -43.68 -16.37 -8.72
N LYS E 188 -44.06 -15.09 -8.86
CA LYS E 188 -43.78 -14.08 -7.83
C LYS E 188 -44.59 -14.35 -6.57
N ASN E 189 -44.05 -13.87 -5.45
CA ASN E 189 -44.72 -13.93 -4.16
C ASN E 189 -44.08 -12.89 -3.27
N SER E 190 -44.76 -12.51 -2.20
CA SER E 190 -44.13 -11.63 -1.21
C SER E 190 -44.26 -12.21 0.19
N VAL E 191 -43.29 -11.88 1.04
CA VAL E 191 -43.31 -12.32 2.43
C VAL E 191 -43.04 -11.15 3.39
N THR E 192 -43.76 -11.13 4.52
CA THR E 192 -43.62 -10.08 5.51
C THR E 192 -43.60 -10.64 6.93
N GLU E 198 -42.06 -4.24 6.74
CA GLU E 198 -41.64 -4.13 5.34
C GLU E 198 -41.43 -5.50 4.70
N ALA E 199 -41.72 -5.62 3.40
CA ALA E 199 -41.82 -6.93 2.73
C ALA E 199 -40.69 -7.28 1.77
N TYR E 200 -40.50 -8.58 1.56
CA TYR E 200 -39.44 -9.07 0.69
C TYR E 200 -40.01 -9.73 -0.55
N GLU E 201 -39.46 -9.43 -1.71
CA GLU E 201 -39.84 -10.13 -2.92
C GLU E 201 -39.05 -11.42 -3.07
N ASP E 202 -39.73 -12.46 -3.51
CA ASP E 202 -39.09 -13.75 -3.77
C ASP E 202 -39.72 -14.42 -5.00
N VAL E 203 -39.03 -15.42 -5.52
CA VAL E 203 -39.62 -16.26 -6.55
C VAL E 203 -39.80 -17.65 -5.98
N GLU E 204 -41.05 -18.12 -5.97
CA GLU E 204 -41.34 -19.52 -5.68
C GLU E 204 -41.10 -20.33 -6.95
N VAL E 205 -40.17 -21.28 -6.85
CA VAL E 205 -39.96 -22.25 -7.91
C VAL E 205 -40.60 -23.56 -7.47
N SER E 206 -41.50 -24.08 -8.29
CA SER E 206 -42.19 -25.33 -7.97
C SER E 206 -41.73 -26.44 -8.89
N LEU E 207 -41.03 -27.42 -8.32
CA LEU E 207 -40.51 -28.55 -9.06
C LEU E 207 -41.40 -29.76 -8.87
N ASN E 208 -41.89 -30.28 -10.00
CA ASN E 208 -42.78 -31.43 -9.98
C ASN E 208 -42.15 -32.63 -10.70
N PHE E 209 -41.84 -33.68 -9.93
CA PHE E 209 -40.95 -34.74 -10.40
C PHE E 209 -41.24 -36.08 -9.74
N ARG E 210 -40.92 -37.17 -10.44
CA ARG E 210 -41.17 -38.52 -9.93
C ARG E 210 -40.00 -39.46 -10.16
N LYS E 211 -40.04 -40.62 -9.50
CA LYS E 211 -39.09 -41.71 -9.72
C LYS E 211 -39.23 -42.23 -11.14
N LYS E 212 -38.13 -42.70 -11.72
CA LYS E 212 -38.16 -43.37 -13.03
C LYS E 212 -38.16 -44.88 -12.85
N GLY E 213 -39.21 -45.55 -13.31
CA GLY E 213 -39.39 -46.98 -13.12
C GLY E 213 -40.53 -47.28 -12.14
N ASP F 1 26.44 -7.46 -22.91
CA ASP F 1 27.86 -7.15 -22.81
C ASP F 1 28.16 -5.76 -23.38
N TYR F 2 28.49 -5.74 -24.66
CA TYR F 2 28.69 -4.50 -25.42
C TYR F 2 27.68 -4.58 -26.56
N LYS F 3 27.49 -5.81 -27.05
CA LYS F 3 26.45 -6.14 -28.00
C LYS F 3 25.07 -5.93 -27.39
N ASP F 4 24.76 -6.72 -26.35
CA ASP F 4 23.44 -6.73 -25.71
C ASP F 4 23.13 -5.52 -24.80
N ASP F 5 23.93 -4.46 -24.91
CA ASP F 5 23.70 -3.24 -24.11
C ASP F 5 22.30 -2.62 -24.31
N ASP F 6 21.72 -2.81 -25.50
CA ASP F 6 20.45 -2.17 -25.83
C ASP F 6 19.23 -3.11 -25.77
N ASP F 7 19.42 -4.26 -25.14
CA ASP F 7 18.34 -5.19 -24.83
C ASP F 7 17.49 -4.52 -23.76
N LYS F 8 16.31 -4.03 -24.11
CA LYS F 8 15.56 -3.19 -23.16
C LYS F 8 15.00 -3.97 -21.98
N LEU F 9 14.58 -5.21 -22.21
CA LEU F 9 14.06 -6.04 -21.13
C LEU F 9 15.18 -6.39 -20.15
N ASP F 10 16.36 -6.62 -20.71
CA ASP F 10 17.54 -7.00 -19.92
C ASP F 10 18.02 -5.86 -19.01
N ARG F 11 17.80 -4.62 -19.44
CA ARG F 11 18.20 -3.46 -18.63
C ARG F 11 17.22 -3.26 -17.48
N ALA F 12 15.95 -3.61 -17.73
CA ALA F 12 14.90 -3.41 -16.74
C ALA F 12 15.05 -4.44 -15.65
N ASP F 13 15.43 -5.65 -16.06
CA ASP F 13 15.71 -6.71 -15.10
C ASP F 13 16.88 -6.34 -14.18
N ILE F 14 17.97 -5.84 -14.76
CA ILE F 14 19.11 -5.41 -13.96
C ILE F 14 18.70 -4.33 -12.96
N LEU F 15 17.91 -3.36 -13.45
CA LEU F 15 17.38 -2.29 -12.61
C LEU F 15 16.58 -2.87 -11.44
N TYR F 16 15.73 -3.85 -11.75
CA TYR F 16 14.91 -4.52 -10.76
C TYR F 16 15.79 -5.28 -9.75
N ASN F 17 16.78 -6.03 -10.25
CA ASN F 17 17.74 -6.69 -9.37
C ASN F 17 18.46 -5.73 -8.47
N ILE F 18 18.93 -4.61 -9.05
CA ILE F 18 19.61 -3.57 -8.27
C ILE F 18 18.67 -2.98 -7.22
N ARG F 19 17.43 -2.68 -7.60
CA ARG F 19 16.49 -2.19 -6.60
C ARG F 19 16.19 -3.20 -5.48
N GLN F 20 16.16 -4.48 -5.81
CA GLN F 20 15.92 -5.50 -4.82
C GLN F 20 17.08 -5.67 -3.83
N THR F 21 18.32 -5.66 -4.33
CA THR F 21 19.49 -5.84 -3.47
C THR F 21 19.85 -4.58 -2.65
N SER F 22 19.71 -3.42 -3.29
CA SER F 22 20.20 -2.15 -2.72
C SER F 22 19.56 -1.73 -1.40
N ARG F 23 20.42 -1.29 -0.50
CA ARG F 23 20.00 -0.74 0.78
C ARG F 23 20.55 0.68 0.87
N PRO F 24 19.78 1.63 0.32
CA PRO F 24 20.11 3.05 0.17
C PRO F 24 20.65 3.74 1.42
N ASP F 25 20.30 3.25 2.60
CA ASP F 25 20.60 3.96 3.82
C ASP F 25 21.62 3.22 4.66
N VAL F 26 22.21 2.18 4.10
CA VAL F 26 23.26 1.45 4.81
C VAL F 26 24.56 1.40 4.01
N ILE F 27 25.68 1.74 4.65
CA ILE F 27 26.98 1.71 3.97
C ILE F 27 27.35 0.30 3.49
N PRO F 28 27.85 0.19 2.24
CA PRO F 28 28.20 -1.08 1.60
C PRO F 28 29.57 -1.65 2.00
N THR F 29 29.81 -1.79 3.31
CA THR F 29 31.06 -2.33 3.83
C THR F 29 31.13 -3.83 3.61
N GLN F 30 32.32 -4.31 3.27
CA GLN F 30 32.48 -5.67 2.77
C GLN F 30 33.51 -6.46 3.57
N ARG F 31 33.04 -7.22 4.57
CA ARG F 31 33.89 -8.04 5.43
C ARG F 31 34.93 -7.21 6.22
N ASP F 32 34.44 -6.12 6.79
CA ASP F 32 35.17 -5.27 7.74
C ASP F 32 36.37 -4.45 7.23
N ARG F 33 36.28 -4.04 5.97
CA ARG F 33 37.08 -2.94 5.47
C ARG F 33 36.09 -1.81 5.27
N PRO F 34 36.43 -0.59 5.72
CA PRO F 34 35.62 0.60 5.44
C PRO F 34 35.31 0.74 3.95
N VAL F 35 34.24 1.45 3.61
CA VAL F 35 33.96 1.74 2.21
C VAL F 35 35.07 2.61 1.64
N ALA F 36 35.60 2.22 0.49
CA ALA F 36 36.65 2.99 -0.14
C ALA F 36 36.09 3.82 -1.26
N VAL F 37 35.77 5.07 -0.95
CA VAL F 37 35.25 6.01 -1.93
C VAL F 37 36.33 6.89 -2.57
N SER F 38 36.44 6.82 -3.90
CA SER F 38 37.35 7.67 -4.68
C SER F 38 36.70 8.98 -5.09
N VAL F 39 37.27 10.10 -4.62
CA VAL F 39 36.79 11.41 -5.01
C VAL F 39 37.83 12.09 -5.89
N SER F 40 37.32 12.96 -6.74
CA SER F 40 38.13 13.86 -7.49
C SER F 40 37.24 15.03 -7.77
N LEU F 41 37.81 16.22 -7.73
CA LEU F 41 37.18 17.39 -8.32
C LEU F 41 37.78 17.68 -9.68
N LYS F 42 36.92 17.99 -10.64
CA LYS F 42 37.39 18.35 -11.97
C LYS F 42 36.80 19.72 -12.23
N PHE F 43 37.67 20.73 -12.13
CA PHE F 43 37.23 22.10 -12.23
C PHE F 43 36.83 22.48 -13.65
N ILE F 44 35.73 23.21 -13.77
CA ILE F 44 35.16 23.57 -15.06
C ILE F 44 35.19 25.07 -15.25
N ASN F 45 34.90 25.81 -14.18
CA ASN F 45 34.71 27.24 -14.27
C ASN F 45 34.90 27.90 -12.92
N ILE F 46 35.42 29.12 -12.90
CA ILE F 46 35.53 29.89 -11.67
C ILE F 46 34.91 31.25 -11.90
N LEU F 47 33.87 31.59 -11.14
CA LEU F 47 33.21 32.91 -11.22
C LEU F 47 32.90 33.60 -9.87
N GLU F 48 32.79 34.94 -9.89
CA GLU F 48 32.47 35.74 -8.69
C GLU F 48 33.48 35.74 -7.53
N VAL F 49 34.75 35.93 -7.82
CA VAL F 49 35.81 35.83 -6.83
C VAL F 49 35.90 37.13 -6.03
N ASN F 50 36.22 37.06 -4.74
CA ASN F 50 36.17 38.24 -3.88
C ASN F 50 37.35 38.27 -2.90
N GLU F 51 38.37 39.06 -3.23
CA GLU F 51 39.59 39.08 -2.40
C GLU F 51 39.36 39.81 -1.08
N ILE F 52 38.38 40.70 -1.07
CA ILE F 52 38.09 41.45 0.15
C ILE F 52 37.53 40.52 1.23
N THR F 53 36.55 39.71 0.86
CA THR F 53 35.85 38.85 1.82
C THR F 53 36.32 37.38 1.80
N ASN F 54 37.23 37.07 0.88
CA ASN F 54 37.77 35.72 0.74
C ASN F 54 36.70 34.66 0.55
N GLU F 55 35.99 34.79 -0.58
CA GLU F 55 34.93 33.87 -0.96
C GLU F 55 35.05 33.63 -2.47
N VAL F 56 34.85 32.39 -2.87
CA VAL F 56 34.89 32.00 -4.27
C VAL F 56 33.57 31.31 -4.60
N ASP F 57 33.33 31.08 -5.88
CA ASP F 57 32.07 30.53 -6.36
C ASP F 57 32.46 29.70 -7.57
N VAL F 58 32.70 28.41 -7.35
CA VAL F 58 33.19 27.55 -8.42
C VAL F 58 32.14 26.58 -9.00
N VAL F 59 32.49 25.96 -10.13
CA VAL F 59 31.67 25.00 -10.82
C VAL F 59 32.58 23.84 -11.17
N PHE F 60 32.29 22.66 -10.60
CA PHE F 60 33.15 21.48 -10.78
C PHE F 60 32.39 20.16 -10.96
N TRP F 61 33.00 19.22 -11.68
CA TRP F 61 32.48 17.87 -11.76
C TRP F 61 33.10 17.04 -10.65
N GLN F 62 32.24 16.57 -9.74
CA GLN F 62 32.70 15.73 -8.65
C GLN F 62 32.66 14.26 -9.08
N GLN F 63 33.81 13.70 -9.40
CA GLN F 63 33.85 12.30 -9.78
C GLN F 63 33.98 11.45 -8.52
N THR F 64 32.97 10.61 -8.29
CA THR F 64 32.90 9.78 -7.09
C THR F 64 32.63 8.34 -7.50
N THR F 65 33.52 7.44 -7.11
CA THR F 65 33.30 6.04 -7.39
C THR F 65 33.63 5.22 -6.15
N TRP F 66 32.93 4.08 -6.04
CA TRP F 66 33.11 3.15 -4.95
C TRP F 66 32.56 1.86 -5.50
N SER F 67 32.75 0.77 -4.76
CA SER F 67 32.15 -0.50 -5.18
C SER F 67 31.17 -1.01 -4.12
N ASP F 68 30.13 -1.70 -4.58
CA ASP F 68 29.25 -2.52 -3.73
C ASP F 68 29.06 -3.87 -4.43
N ARG F 69 29.81 -4.88 -4.01
CA ARG F 69 29.82 -6.16 -4.72
C ARG F 69 28.46 -6.87 -4.76
N THR F 70 27.59 -6.61 -3.78
CA THR F 70 26.30 -7.29 -3.73
C THR F 70 25.43 -6.92 -4.94
N LEU F 71 25.81 -5.85 -5.63
CA LEU F 71 25.09 -5.33 -6.79
C LEU F 71 25.54 -5.93 -8.11
N ALA F 72 26.61 -6.72 -8.09
CA ALA F 72 27.16 -7.27 -9.32
C ALA F 72 26.30 -8.37 -9.93
N TRP F 73 26.42 -8.53 -11.24
CA TRP F 73 25.72 -9.59 -11.95
C TRP F 73 26.56 -10.13 -13.08
N ASN F 74 26.03 -11.09 -13.83
CA ASN F 74 26.72 -11.57 -15.03
C ASN F 74 26.26 -10.80 -16.26
N SER F 75 27.21 -10.12 -16.91
CA SER F 75 26.91 -9.21 -18.02
C SER F 75 27.31 -9.70 -19.43
N SER F 76 27.69 -10.96 -19.56
CA SER F 76 28.22 -11.47 -20.81
C SER F 76 27.21 -11.41 -21.97
N HIS F 77 25.96 -11.73 -21.67
CA HIS F 77 24.89 -11.74 -22.67
C HIS F 77 23.94 -10.58 -22.41
N SER F 78 24.27 -9.79 -21.39
CA SER F 78 23.39 -8.76 -20.84
C SER F 78 24.22 -7.49 -20.63
N PRO F 79 23.56 -6.33 -20.60
CA PRO F 79 24.19 -5.02 -20.43
C PRO F 79 25.28 -4.93 -19.37
N ASP F 80 26.35 -4.24 -19.73
CA ASP F 80 27.54 -4.09 -18.89
C ASP F 80 27.31 -3.07 -17.78
N GLN F 81 26.33 -2.21 -18.00
CA GLN F 81 26.17 -1.00 -17.22
C GLN F 81 24.79 -0.41 -17.44
N VAL F 82 24.27 0.25 -16.42
CA VAL F 82 22.98 0.89 -16.53
C VAL F 82 23.02 2.17 -15.71
N SER F 83 22.07 3.05 -15.99
CA SER F 83 21.88 4.22 -15.17
C SER F 83 20.78 3.97 -14.14
N VAL F 84 21.06 4.35 -12.91
CA VAL F 84 20.11 4.20 -11.82
C VAL F 84 19.94 5.56 -11.14
N PRO F 85 18.67 5.97 -10.91
CA PRO F 85 18.45 7.19 -10.12
C PRO F 85 19.07 7.00 -8.73
N ILE F 86 19.77 8.01 -8.23
CA ILE F 86 20.52 7.86 -6.99
C ILE F 86 19.67 7.70 -5.73
N SER F 87 18.37 7.90 -5.85
CA SER F 87 17.51 7.67 -4.70
C SER F 87 17.31 6.16 -4.44
N SER F 88 17.63 5.34 -5.44
CA SER F 88 17.62 3.87 -5.33
C SER F 88 18.96 3.30 -4.83
N LEU F 89 19.98 4.15 -4.68
CA LEU F 89 21.29 3.66 -4.29
C LEU F 89 21.78 4.33 -3.03
N TRP F 90 22.71 3.68 -2.33
CA TRP F 90 23.45 4.34 -1.29
C TRP F 90 24.47 5.25 -1.97
N VAL F 91 24.69 6.40 -1.37
CA VAL F 91 25.54 7.41 -1.96
C VAL F 91 26.20 8.14 -0.80
N PRO F 92 27.54 8.22 -0.82
CA PRO F 92 28.28 8.66 0.36
C PRO F 92 27.95 10.10 0.77
N ASP F 93 27.77 10.33 2.06
CA ASP F 93 27.47 11.67 2.58
C ASP F 93 28.68 12.61 2.58
N LEU F 94 29.29 12.81 1.42
CA LEU F 94 30.43 13.73 1.30
C LEU F 94 30.00 15.16 1.64
N ALA F 95 30.79 15.84 2.47
CA ALA F 95 30.51 17.26 2.77
C ALA F 95 31.77 18.15 2.60
N ALA F 96 31.62 19.31 1.97
CA ALA F 96 32.73 20.25 1.83
C ALA F 96 32.80 21.19 3.04
N TYR F 97 33.87 21.08 3.81
CA TYR F 97 33.91 21.76 5.11
C TYR F 97 33.99 23.30 5.01
N ASN F 98 34.60 23.83 3.96
CA ASN F 98 34.67 25.29 3.84
C ASN F 98 33.58 25.89 2.95
N ALA F 99 32.65 25.05 2.51
CA ALA F 99 31.51 25.51 1.71
C ALA F 99 30.68 26.50 2.51
N ILE F 100 30.04 27.43 1.82
CA ILE F 100 29.26 28.46 2.49
C ILE F 100 27.88 28.65 1.86
N SER F 101 27.63 27.95 0.76
CA SER F 101 26.30 27.80 0.23
C SER F 101 26.03 26.31 0.09
N LYS F 102 24.76 25.90 0.08
CA LYS F 102 24.45 24.48 -0.15
C LYS F 102 24.84 24.11 -1.57
N PRO F 103 25.32 22.87 -1.78
CA PRO F 103 25.75 22.55 -3.14
C PRO F 103 24.57 22.66 -4.07
N GLU F 104 24.79 23.12 -5.28
CA GLU F 104 23.72 23.19 -6.24
C GLU F 104 24.08 22.26 -7.36
N VAL F 105 23.28 21.21 -7.55
CA VAL F 105 23.59 20.20 -8.54
C VAL F 105 22.93 20.60 -9.84
N LEU F 106 23.74 20.66 -10.90
CA LEU F 106 23.30 21.27 -12.15
C LEU F 106 22.89 20.23 -13.17
N THR F 107 23.14 18.97 -12.84
CA THR F 107 22.95 17.86 -13.78
C THR F 107 21.96 16.84 -13.25
N PRO F 108 21.19 16.23 -14.16
CA PRO F 108 20.07 15.38 -13.77
C PRO F 108 20.64 14.21 -13.01
N GLN F 109 20.03 13.85 -11.89
CA GLN F 109 20.63 12.82 -11.07
C GLN F 109 20.70 11.51 -11.84
N LEU F 110 21.89 10.91 -11.80
CA LEU F 110 22.11 9.54 -12.21
C LEU F 110 23.35 8.97 -11.51
N ALA F 111 23.38 7.66 -11.34
CA ALA F 111 24.60 6.94 -11.02
C ALA F 111 24.71 5.65 -11.83
N ARG F 112 25.87 5.41 -12.43
CA ARG F 112 26.02 4.28 -13.31
C ARG F 112 26.43 3.16 -12.42
N VAL F 113 25.87 1.98 -12.66
CA VAL F 113 26.27 0.80 -11.94
C VAL F 113 26.86 -0.16 -12.96
N VAL F 114 27.99 -0.76 -12.63
CA VAL F 114 28.70 -1.62 -13.57
C VAL F 114 28.52 -3.05 -13.12
N SER F 115 28.38 -3.97 -14.07
CA SER F 115 28.11 -5.38 -13.75
C SER F 115 29.03 -6.00 -12.71
N ASP F 116 30.10 -5.31 -12.35
CA ASP F 116 31.03 -5.81 -11.34
C ASP F 116 30.89 -5.14 -9.97
N GLY F 117 29.88 -4.28 -9.83
CA GLY F 117 29.58 -3.69 -8.53
C GLY F 117 30.12 -2.28 -8.30
N GLU F 118 30.89 -1.78 -9.26
CA GLU F 118 31.45 -0.45 -9.09
C GLU F 118 30.32 0.54 -9.36
N VAL F 119 30.18 1.53 -8.48
CA VAL F 119 29.21 2.61 -8.69
C VAL F 119 29.89 3.94 -9.04
N LEU F 120 29.39 4.59 -10.08
CA LEU F 120 29.95 5.86 -10.52
C LEU F 120 28.90 6.96 -10.40
N TYR F 121 29.17 7.98 -9.61
CA TYR F 121 28.29 9.13 -9.55
C TYR F 121 29.10 10.40 -9.73
N MET F 122 28.85 11.13 -10.82
CA MET F 122 29.60 12.36 -11.12
C MET F 122 28.68 13.54 -11.39
N PRO F 123 28.24 14.21 -10.31
CA PRO F 123 27.40 15.40 -10.45
C PRO F 123 28.23 16.66 -10.77
N SER F 124 27.60 17.65 -11.38
CA SER F 124 28.23 18.93 -11.64
C SER F 124 27.72 19.93 -10.64
N ILE F 125 28.64 20.48 -9.85
CA ILE F 125 28.25 21.35 -8.74
C ILE F 125 28.71 22.80 -8.88
N ARG F 126 27.80 23.74 -8.67
CA ARG F 126 28.15 25.13 -8.47
C ARG F 126 27.97 25.41 -6.98
N GLN F 127 29.05 25.83 -6.32
CA GLN F 127 28.97 26.09 -4.89
C GLN F 127 29.95 27.19 -4.45
N ARG F 128 29.55 27.98 -3.46
CA ARG F 128 30.41 29.03 -2.93
C ARG F 128 31.28 28.51 -1.77
N PHE F 129 32.58 28.83 -1.82
CA PHE F 129 33.52 28.44 -0.77
C PHE F 129 34.17 29.62 -0.07
N SER F 130 34.62 29.41 1.15
CA SER F 130 35.35 30.41 1.91
C SER F 130 36.82 29.99 2.00
N CYS F 131 37.71 30.77 1.39
CA CYS F 131 39.12 30.38 1.27
C CYS F 131 40.10 31.53 0.96
N ASP F 132 41.38 31.20 0.86
CA ASP F 132 42.44 32.18 0.60
C ASP F 132 42.45 32.70 -0.84
N VAL F 133 41.91 33.89 -1.05
CA VAL F 133 41.89 34.48 -2.38
C VAL F 133 43.04 35.50 -2.60
N SER F 134 43.70 35.94 -1.53
CA SER F 134 44.79 36.91 -1.66
C SER F 134 45.89 36.41 -2.60
N GLY F 135 46.27 37.26 -3.55
CA GLY F 135 47.30 36.92 -4.52
C GLY F 135 46.71 36.56 -5.87
N VAL F 136 45.40 36.75 -5.97
CA VAL F 136 44.64 36.36 -7.16
C VAL F 136 44.97 37.20 -8.39
N ASP F 137 45.32 38.47 -8.17
CA ASP F 137 45.62 39.38 -9.26
C ASP F 137 47.07 39.30 -9.74
N THR F 138 47.88 38.71 -8.86
CA THR F 138 49.30 38.38 -9.03
C THR F 138 49.54 37.08 -9.80
N GLU F 139 50.81 36.83 -10.08
CA GLU F 139 51.25 35.81 -11.03
C GLU F 139 51.52 34.48 -10.35
N SER F 140 51.86 34.54 -9.06
CA SER F 140 52.01 33.33 -8.26
C SER F 140 50.61 32.76 -8.01
N GLY F 141 49.63 33.66 -7.95
CA GLY F 141 48.23 33.28 -7.85
C GLY F 141 47.83 32.82 -6.46
N ALA F 142 46.56 33.06 -6.13
CA ALA F 142 45.97 32.58 -4.88
C ALA F 142 45.87 31.06 -4.89
N THR F 143 45.86 30.46 -3.70
CA THR F 143 45.60 29.04 -3.60
C THR F 143 44.49 28.76 -2.61
N CYS F 144 43.29 28.54 -3.13
CA CYS F 144 42.19 28.16 -2.26
C CYS F 144 42.16 26.64 -2.05
N ARG F 145 42.05 26.22 -0.80
CA ARG F 145 42.01 24.81 -0.48
C ARG F 145 40.63 24.39 0.02
N ILE F 146 40.02 23.46 -0.70
CA ILE F 146 38.75 22.82 -0.31
C ILE F 146 38.96 21.42 0.24
N LYS F 147 38.38 21.16 1.40
CA LYS F 147 38.51 19.86 2.06
C LYS F 147 37.18 19.09 2.05
N ILE F 148 37.12 18.01 1.27
CA ILE F 148 35.89 17.22 1.17
C ILE F 148 35.94 15.89 1.93
N GLY F 149 35.07 15.71 2.92
CA GLY F 149 35.02 14.47 3.68
C GLY F 149 33.63 13.91 3.95
N SER F 150 33.58 12.68 4.46
CA SER F 150 32.32 12.16 4.93
C SER F 150 31.84 12.96 6.14
N TRP F 151 30.56 13.28 6.18
CA TRP F 151 30.03 14.05 7.29
C TRP F 151 29.80 13.24 8.55
N THR F 152 29.24 12.02 8.41
CA THR F 152 28.82 11.26 9.60
C THR F 152 29.64 10.01 9.89
N HIS F 153 30.25 9.46 8.85
CA HIS F 153 30.99 8.22 9.01
C HIS F 153 32.48 8.45 9.20
N HIS F 154 33.00 8.06 10.36
CA HIS F 154 34.44 8.18 10.62
C HIS F 154 35.27 7.19 9.80
N SER F 155 36.57 7.17 10.07
CA SER F 155 37.53 6.43 9.24
C SER F 155 37.34 4.92 9.23
N ARG F 156 36.84 4.37 10.34
CA ARG F 156 36.51 2.96 10.37
C ARG F 156 35.42 2.60 9.33
N GLU F 157 34.47 3.51 9.11
CA GLU F 157 33.35 3.28 8.18
C GLU F 157 33.63 3.69 6.73
N ILE F 158 34.19 4.90 6.53
CA ILE F 158 34.46 5.42 5.19
C ILE F 158 35.86 6.02 4.98
N SER F 159 36.52 5.56 3.92
CA SER F 159 37.81 6.13 3.55
C SER F 159 37.76 6.79 2.16
N VAL F 160 38.27 8.03 2.08
CA VAL F 160 38.35 8.80 0.84
C VAL F 160 39.75 8.82 0.24
N ASP F 161 39.82 8.83 -1.08
CA ASP F 161 41.09 8.78 -1.80
C ASP F 161 40.93 9.55 -3.11
N PRO F 162 41.90 10.41 -3.45
CA PRO F 162 41.84 11.16 -4.71
C PRO F 162 42.15 10.31 -5.93
N THR F 163 42.13 10.92 -7.12
CA THR F 163 42.31 10.23 -8.41
C THR F 163 41.47 8.97 -8.53
N GLU F 165 44.34 13.20 -9.23
CA GLU F 165 45.68 13.38 -8.70
C GLU F 165 46.28 14.70 -9.15
N ASN F 166 47.20 14.60 -10.11
CA ASN F 166 47.87 15.77 -10.69
C ASN F 166 47.36 16.06 -12.10
N SER F 167 46.86 17.29 -12.25
CA SER F 167 46.31 17.82 -13.49
C SER F 167 46.16 19.33 -13.33
N ASP F 168 45.90 20.06 -14.41
CA ASP F 168 45.57 21.47 -14.28
C ASP F 168 44.20 21.69 -14.91
N ASP F 169 43.50 20.57 -15.10
CA ASP F 169 42.17 20.55 -15.69
C ASP F 169 42.09 21.29 -17.02
N SER F 170 43.15 21.13 -17.83
CA SER F 170 43.21 21.71 -19.17
C SER F 170 42.04 21.19 -20.00
N GLU F 171 41.71 19.94 -19.75
CA GLU F 171 40.75 19.23 -20.58
C GLU F 171 39.32 19.69 -20.29
N TYR F 172 39.11 20.30 -19.13
CA TYR F 172 37.74 20.54 -18.69
C TYR F 172 37.42 22.00 -18.40
N PHE F 173 38.44 22.78 -18.08
CA PHE F 173 38.24 24.19 -17.73
C PHE F 173 37.77 25.05 -18.91
N SER F 174 36.82 25.94 -18.63
CA SER F 174 36.27 26.83 -19.64
C SER F 174 37.27 27.91 -20.07
N GLN F 175 37.54 27.96 -21.37
CA GLN F 175 38.46 28.96 -21.89
C GLN F 175 37.91 30.37 -21.70
N TYR F 176 36.60 30.50 -21.76
CA TYR F 176 35.93 31.79 -21.62
C TYR F 176 35.81 32.25 -20.17
N SER F 177 36.47 31.53 -19.27
CA SER F 177 36.48 31.93 -17.88
C SER F 177 37.41 33.10 -17.68
N ARG F 178 37.03 34.03 -16.82
CA ARG F 178 37.85 35.20 -16.63
C ARG F 178 39.20 34.69 -16.15
N PHE F 179 39.20 33.50 -15.55
CA PHE F 179 40.37 33.03 -14.81
C PHE F 179 41.06 31.90 -15.56
N GLU F 180 42.22 31.51 -15.03
CA GLU F 180 42.95 30.39 -15.58
C GLU F 180 43.51 29.57 -14.44
N ILE F 181 43.67 28.27 -14.68
CA ILE F 181 44.20 27.40 -13.65
C ILE F 181 45.68 27.20 -13.87
N LEU F 182 46.45 27.35 -12.79
CA LEU F 182 47.88 27.04 -12.84
C LEU F 182 48.11 25.58 -12.49
N ASP F 183 47.54 25.13 -11.37
CA ASP F 183 47.73 23.76 -10.90
C ASP F 183 46.71 23.33 -9.84
N VAL F 184 46.30 22.06 -9.90
CA VAL F 184 45.46 21.44 -8.88
C VAL F 184 46.12 20.23 -8.23
N THR F 185 46.14 20.21 -6.90
CA THR F 185 46.68 19.08 -6.16
C THR F 185 45.67 18.56 -5.13
N GLN F 186 45.34 17.28 -5.20
CA GLN F 186 44.42 16.67 -4.25
C GLN F 186 45.17 15.65 -3.41
N LYS F 187 44.94 15.66 -2.09
CA LYS F 187 45.63 14.72 -1.19
C LYS F 187 44.87 14.39 0.10
N LYS F 188 45.25 13.26 0.72
CA LYS F 188 44.59 12.77 1.93
C LYS F 188 44.92 13.56 3.20
N ASN F 189 43.88 13.89 3.95
CA ASN F 189 44.00 14.56 5.25
C ASN F 189 43.05 13.92 6.28
N SER F 190 43.44 13.96 7.56
CA SER F 190 42.65 13.31 8.61
C SER F 190 42.38 14.17 9.86
N VAL F 191 41.35 15.02 9.80
CA VAL F 191 40.97 15.84 10.95
C VAL F 191 40.27 15.07 12.09
N THR F 192 40.44 15.54 13.33
CA THR F 192 39.69 14.99 14.47
C THR F 192 38.98 16.09 15.25
N CYS F 196 35.18 14.14 20.41
CA CYS F 196 35.17 12.74 20.05
C CYS F 196 36.46 12.31 19.35
N PRO F 197 36.95 11.08 19.66
CA PRO F 197 38.28 10.58 19.26
C PRO F 197 38.36 9.73 17.98
N GLU F 198 37.35 9.79 17.11
CA GLU F 198 37.46 9.12 15.83
C GLU F 198 37.84 10.15 14.77
N ALA F 199 38.60 9.72 13.77
CA ALA F 199 39.05 10.63 12.73
C ALA F 199 38.18 10.52 11.48
N TYR F 200 38.06 11.62 10.75
CA TYR F 200 37.29 11.64 9.51
C TYR F 200 38.21 11.81 8.32
N GLU F 201 38.38 10.72 7.57
CA GLU F 201 39.14 10.76 6.34
C GLU F 201 38.54 11.77 5.36
N ASP F 202 39.31 12.80 5.03
CA ASP F 202 38.88 13.76 4.01
C ASP F 202 39.96 13.92 2.93
N VAL F 203 39.57 14.43 1.76
CA VAL F 203 40.53 14.82 0.72
C VAL F 203 40.66 16.35 0.66
N GLU F 204 41.90 16.84 0.62
CA GLU F 204 42.16 18.28 0.51
C GLU F 204 42.58 18.65 -0.91
N VAL F 205 41.75 19.47 -1.56
CA VAL F 205 42.01 19.90 -2.94
C VAL F 205 42.50 21.33 -2.99
N SER F 206 43.74 21.50 -3.43
CA SER F 206 44.35 22.83 -3.52
C SER F 206 44.28 23.33 -4.94
N LEU F 207 43.51 24.38 -5.14
CA LEU F 207 43.36 24.98 -6.44
C LEU F 207 44.12 26.31 -6.48
N ASN F 208 45.16 26.34 -7.30
CA ASN F 208 45.94 27.56 -7.51
C ASN F 208 45.64 28.18 -8.87
N PHE F 209 45.11 29.39 -8.83
CA PHE F 209 44.58 30.06 -10.02
C PHE F 209 44.91 31.55 -10.02
N ARG F 210 44.94 32.16 -11.21
CA ARG F 210 45.13 33.61 -11.30
C ARG F 210 44.17 34.27 -12.30
N LYS F 211 44.07 35.60 -12.21
CA LYS F 211 43.28 36.39 -13.15
C LYS F 211 44.00 36.49 -14.50
N LYS F 212 43.26 36.78 -15.57
CA LYS F 212 43.83 36.92 -16.91
C LYS F 212 43.83 38.36 -17.43
N GLY F 213 44.98 39.02 -17.38
CA GLY F 213 45.08 40.41 -17.80
C GLY F 213 45.32 41.37 -16.64
N ASP G 1 31.45 -3.62 20.12
CA ASP G 1 32.88 -3.33 20.02
C ASP G 1 33.25 -2.79 18.64
N TYR G 2 34.38 -2.07 18.59
CA TYR G 2 34.94 -1.47 17.37
C TYR G 2 35.00 -2.42 16.17
N LYS G 3 35.38 -3.68 16.43
CA LYS G 3 35.64 -4.65 15.36
C LYS G 3 34.38 -5.19 14.70
N ASP G 4 33.23 -4.65 15.10
CA ASP G 4 31.94 -5.08 14.57
C ASP G 4 31.26 -4.03 13.68
N ASP G 5 31.79 -2.82 13.69
CA ASP G 5 31.23 -1.65 12.97
C ASP G 5 30.93 -1.85 11.49
N ASP G 6 31.72 -2.69 10.83
CA ASP G 6 31.59 -2.82 9.39
C ASP G 6 30.87 -4.09 8.91
N ASP G 7 30.10 -4.72 9.80
CA ASP G 7 29.18 -5.74 9.31
C ASP G 7 27.90 -5.10 8.80
N LYS G 8 27.69 -5.18 7.50
CA LYS G 8 26.57 -4.55 6.84
C LYS G 8 25.21 -5.04 7.38
N LEU G 9 25.11 -6.35 7.57
CA LEU G 9 23.86 -6.93 8.05
C LEU G 9 23.48 -6.46 9.44
N ASP G 10 24.44 -6.45 10.37
CA ASP G 10 24.16 -5.89 11.69
C ASP G 10 23.67 -4.45 11.56
N ARG G 11 24.28 -3.68 10.64
CA ARG G 11 23.89 -2.28 10.44
C ARG G 11 22.48 -2.17 9.90
N ALA G 12 22.15 -2.99 8.90
CA ALA G 12 20.78 -3.02 8.37
C ALA G 12 19.79 -3.31 9.49
N ASP G 13 20.16 -4.21 10.38
CA ASP G 13 19.25 -4.65 11.42
C ASP G 13 19.05 -3.61 12.50
N ILE G 14 20.13 -2.91 12.87
CA ILE G 14 20.00 -1.75 13.73
C ILE G 14 19.08 -0.70 13.09
N LEU G 15 19.31 -0.38 11.81
CA LEU G 15 18.46 0.58 11.09
C LEU G 15 16.98 0.18 11.16
N TYR G 16 16.71 -1.09 10.83
CA TYR G 16 15.37 -1.66 10.95
C TYR G 16 14.82 -1.53 12.39
N ASN G 17 15.59 -1.91 13.40
CA ASN G 17 15.12 -1.81 14.78
C ASN G 17 14.76 -0.40 15.18
N ILE G 18 15.64 0.55 14.86
CA ILE G 18 15.38 1.98 15.03
C ILE G 18 14.11 2.42 14.32
N ARG G 19 13.98 2.11 13.05
CA ARG G 19 12.78 2.53 12.33
C ARG G 19 11.46 1.94 12.91
N GLN G 20 11.51 0.71 13.43
CA GLN G 20 10.37 0.09 14.11
C GLN G 20 10.03 0.74 15.46
N THR G 21 11.06 1.00 16.27
CA THR G 21 10.84 1.51 17.62
C THR G 21 10.52 3.01 17.65
N SER G 22 11.08 3.75 16.71
CA SER G 22 11.03 5.21 16.70
C SER G 22 9.69 5.81 16.33
N ARG G 23 9.21 6.71 17.18
CA ARG G 23 8.04 7.50 16.89
C ARG G 23 8.54 8.92 16.60
N PRO G 24 8.64 9.28 15.30
CA PRO G 24 9.29 10.53 14.90
C PRO G 24 8.52 11.81 15.28
N ASP G 25 7.30 11.67 15.77
CA ASP G 25 6.48 12.83 16.06
C ASP G 25 6.09 12.90 17.52
N VAL G 26 6.70 12.06 18.35
CA VAL G 26 6.37 12.08 19.76
C VAL G 26 7.63 12.27 20.62
N ILE G 27 7.52 13.05 21.70
CA ILE G 27 8.73 13.32 22.47
C ILE G 27 9.19 12.10 23.25
N PRO G 28 10.49 11.85 23.21
CA PRO G 28 11.05 10.72 23.97
C PRO G 28 11.18 11.07 25.45
N THR G 29 10.05 11.23 26.13
CA THR G 29 10.04 11.47 27.58
C THR G 29 10.15 10.16 28.33
N GLN G 30 11.07 10.13 29.28
CA GLN G 30 11.35 8.91 30.05
C GLN G 30 10.92 9.07 31.49
N ARG G 31 9.89 8.31 31.89
CA ARG G 31 9.39 8.28 33.26
C ARG G 31 8.95 9.65 33.77
N ASP G 32 8.10 10.32 32.99
CA ASP G 32 7.54 11.60 33.40
C ASP G 32 8.53 12.72 33.78
N ARG G 33 9.55 12.90 32.95
CA ARG G 33 10.47 14.03 33.08
C ARG G 33 10.82 14.60 31.70
N PRO G 34 11.11 15.90 31.63
CA PRO G 34 11.43 16.58 30.38
C PRO G 34 12.51 15.87 29.59
N VAL G 35 12.48 16.00 28.27
CA VAL G 35 13.58 15.51 27.44
C VAL G 35 14.69 16.52 27.54
N ALA G 36 15.91 16.03 27.76
CA ALA G 36 17.04 16.91 27.96
C ALA G 36 17.78 17.07 26.66
N VAL G 37 17.50 18.17 25.97
CA VAL G 37 18.24 18.44 24.76
C VAL G 37 19.45 19.30 25.09
N SER G 38 20.60 18.94 24.53
CA SER G 38 21.81 19.72 24.66
C SER G 38 22.12 20.41 23.35
N VAL G 39 22.28 21.74 23.39
CA VAL G 39 22.71 22.47 22.22
C VAL G 39 24.00 23.24 22.51
N SER G 40 24.85 23.32 21.50
CA SER G 40 26.10 24.06 21.59
C SER G 40 26.55 24.44 20.19
N LEU G 41 26.87 25.71 19.98
CA LEU G 41 27.21 26.19 18.64
C LEU G 41 28.71 26.23 18.42
N LYS G 42 29.14 25.71 17.28
CA LYS G 42 30.50 25.87 16.81
C LYS G 42 30.46 26.85 15.66
N PHE G 43 30.92 28.06 15.91
CA PHE G 43 30.91 29.06 14.88
C PHE G 43 32.00 28.77 13.89
N ILE G 44 31.63 28.72 12.61
CA ILE G 44 32.57 28.37 11.55
C ILE G 44 32.94 29.59 10.73
N ASN G 45 31.97 30.49 10.52
CA ASN G 45 32.23 31.63 9.66
C ASN G 45 31.28 32.80 9.87
N ILE G 46 31.80 34.02 9.77
CA ILE G 46 30.93 35.19 9.69
C ILE G 46 31.11 35.84 8.33
N LEU G 47 30.02 35.93 7.58
CA LEU G 47 30.10 36.26 6.15
C LEU G 47 29.80 37.73 5.85
N GLU G 48 28.67 38.21 6.34
CA GLU G 48 28.21 39.54 6.03
C GLU G 48 27.75 40.22 7.32
N VAL G 49 28.28 41.40 7.58
CA VAL G 49 27.79 42.20 8.69
C VAL G 49 27.21 43.50 8.16
N ASN G 50 26.07 43.88 8.73
CA ASN G 50 25.41 45.12 8.37
C ASN G 50 25.17 45.98 9.61
N GLU G 51 25.92 47.08 9.72
CA GLU G 51 25.83 47.95 10.88
C GLU G 51 24.64 48.87 10.72
N ILE G 52 24.16 48.99 9.48
CA ILE G 52 22.98 49.80 9.14
C ILE G 52 21.62 49.12 9.44
N THR G 53 21.44 47.87 8.98
CA THR G 53 20.21 47.13 9.28
C THR G 53 20.29 46.30 10.57
N ASN G 54 21.49 46.18 11.11
CA ASN G 54 21.74 45.42 12.34
C ASN G 54 21.49 43.91 12.16
N GLU G 55 22.08 43.36 11.12
CA GLU G 55 21.88 41.98 10.72
C GLU G 55 23.23 41.31 10.59
N VAL G 56 23.29 39.99 10.83
CA VAL G 56 24.53 39.25 10.64
C VAL G 56 24.27 38.06 9.72
N ASP G 57 25.31 37.55 9.07
CA ASP G 57 25.20 36.37 8.24
C ASP G 57 26.25 35.33 8.65
N VAL G 58 25.79 34.22 9.21
CA VAL G 58 26.66 33.26 9.89
C VAL G 58 26.51 31.81 9.39
N VAL G 59 27.64 31.11 9.33
CA VAL G 59 27.69 29.67 9.21
C VAL G 59 28.07 29.05 10.55
N PHE G 60 27.35 28.03 11.00
CA PHE G 60 27.68 27.42 12.29
C PHE G 60 27.29 25.96 12.37
N TRP G 61 28.08 25.19 13.10
CA TRP G 61 27.79 23.78 13.36
C TRP G 61 26.92 23.70 14.59
N GLN G 62 25.66 23.31 14.42
CA GLN G 62 24.76 23.25 15.56
C GLN G 62 24.71 21.85 16.23
N GLN G 63 25.61 21.64 17.18
CA GLN G 63 25.71 20.37 17.88
C GLN G 63 24.53 20.13 18.84
N THR G 64 23.72 19.12 18.53
CA THR G 64 22.53 18.80 19.30
C THR G 64 22.54 17.33 19.74
N THR G 65 22.29 17.10 21.03
CA THR G 65 22.25 15.75 21.53
C THR G 65 21.10 15.56 22.51
N TRP G 66 20.55 14.36 22.51
CA TRP G 66 19.55 13.98 23.49
C TRP G 66 19.57 12.49 23.61
N SER G 67 18.77 11.97 24.54
CA SER G 67 18.72 10.53 24.77
C SER G 67 17.33 9.96 24.55
N ASP G 68 17.29 8.82 23.84
CA ASP G 68 16.09 8.00 23.68
C ASP G 68 16.45 6.53 23.97
N ARG G 69 16.25 6.06 25.20
CA ARG G 69 16.75 4.75 25.58
C ARG G 69 16.03 3.63 24.86
N THR G 70 14.82 3.91 24.37
CA THR G 70 14.05 2.91 23.65
C THR G 70 14.73 2.50 22.33
N LEU G 71 15.69 3.28 21.88
CA LEU G 71 16.44 2.92 20.69
C LEU G 71 17.73 2.15 21.04
N ALA G 72 17.93 1.92 22.33
CA ALA G 72 19.17 1.27 22.79
C ALA G 72 19.22 -0.16 22.30
N TRP G 73 20.43 -0.62 21.98
CA TRP G 73 20.62 -2.05 21.78
C TRP G 73 21.88 -2.53 22.49
N ASN G 74 22.09 -3.83 22.49
CA ASN G 74 23.29 -4.40 23.07
C ASN G 74 24.34 -4.53 21.96
N SER G 75 25.40 -3.74 22.07
CA SER G 75 26.42 -3.69 21.03
C SER G 75 27.68 -4.48 21.36
N SER G 76 27.55 -5.58 22.10
CA SER G 76 28.70 -6.41 22.41
C SER G 76 29.32 -7.05 21.16
N HIS G 77 28.50 -7.47 20.24
CA HIS G 77 29.03 -8.10 19.08
C HIS G 77 28.38 -7.54 17.88
N SER G 78 28.04 -6.27 17.92
CA SER G 78 27.47 -5.53 16.81
C SER G 78 28.02 -4.08 16.89
N PRO G 79 27.85 -3.27 15.81
CA PRO G 79 28.33 -1.89 15.75
C PRO G 79 27.81 -0.98 16.88
N ASP G 80 28.66 -0.08 17.38
CA ASP G 80 28.29 0.75 18.52
C ASP G 80 27.43 1.95 18.13
N GLN G 81 27.51 2.35 16.87
CA GLN G 81 26.68 3.43 16.37
C GLN G 81 26.38 3.31 14.87
N VAL G 82 25.27 3.91 14.45
CA VAL G 82 24.98 4.06 13.02
C VAL G 82 24.50 5.47 12.66
N SER G 83 24.61 5.82 11.39
CA SER G 83 23.94 6.99 10.83
C SER G 83 22.52 6.60 10.42
N VAL G 84 21.55 7.49 10.62
CA VAL G 84 20.19 7.24 10.17
C VAL G 84 19.59 8.58 9.74
N PRO G 85 18.75 8.57 8.69
CA PRO G 85 18.19 9.82 8.12
C PRO G 85 17.25 10.50 9.08
N ILE G 86 17.43 11.80 9.35
CA ILE G 86 16.59 12.47 10.36
C ILE G 86 15.08 12.30 10.15
N SER G 87 14.66 12.04 8.92
CA SER G 87 13.24 11.73 8.68
C SER G 87 12.74 10.43 9.37
N SER G 88 13.66 9.55 9.79
CA SER G 88 13.29 8.36 10.55
C SER G 88 13.23 8.58 12.06
N LEU G 89 13.69 9.72 12.54
CA LEU G 89 13.82 9.90 13.99
C LEU G 89 13.12 11.15 14.44
N TRP G 90 12.71 11.16 15.70
CA TRP G 90 12.29 12.38 16.36
C TRP G 90 13.48 13.32 16.54
N VAL G 91 13.23 14.59 16.32
CA VAL G 91 14.25 15.65 16.38
C VAL G 91 13.63 16.85 17.07
N PRO G 92 14.33 17.44 18.06
CA PRO G 92 13.84 18.64 18.76
C PRO G 92 13.47 19.78 17.78
N ASP G 93 12.32 20.41 18.03
CA ASP G 93 11.84 21.50 17.19
C ASP G 93 12.42 22.86 17.63
N LEU G 94 13.72 23.04 17.39
CA LEU G 94 14.41 24.23 17.85
C LEU G 94 14.19 25.40 16.89
N ALA G 95 14.07 26.59 17.43
CA ALA G 95 14.02 27.79 16.59
C ALA G 95 14.88 28.90 17.17
N ALA G 96 15.42 29.75 16.30
CA ALA G 96 16.17 30.93 16.74
C ALA G 96 15.25 32.13 16.81
N TYR G 97 15.02 32.63 18.02
CA TYR G 97 14.06 33.72 18.25
C TYR G 97 14.34 35.00 17.46
N ASN G 98 15.62 35.31 17.24
CA ASN G 98 15.98 36.50 16.46
C ASN G 98 16.59 36.14 15.12
N ALA G 99 16.08 35.06 14.53
CA ALA G 99 16.50 34.70 13.20
C ALA G 99 15.59 35.41 12.21
N ILE G 100 16.16 35.79 11.07
CA ILE G 100 15.37 36.48 10.06
C ILE G 100 15.48 35.83 8.68
N SER G 101 15.98 34.59 8.64
CA SER G 101 15.82 33.75 7.46
C SER G 101 15.65 32.28 7.87
N LYS G 102 15.25 31.41 6.93
CA LYS G 102 15.18 29.98 7.21
C LYS G 102 16.59 29.47 7.40
N PRO G 103 16.76 28.42 8.20
CA PRO G 103 18.09 27.79 8.26
C PRO G 103 18.43 27.19 6.92
N GLU G 104 19.59 27.52 6.37
CA GLU G 104 20.11 26.89 5.17
C GLU G 104 21.01 25.76 5.66
N VAL G 105 20.45 24.56 5.75
CA VAL G 105 21.19 23.38 6.19
C VAL G 105 22.17 22.92 5.10
N LEU G 106 23.46 23.07 5.39
CA LEU G 106 24.54 22.90 4.41
C LEU G 106 25.05 21.46 4.31
N THR G 107 24.85 20.68 5.37
CA THR G 107 25.38 19.31 5.42
C THR G 107 24.30 18.25 5.09
N PRO G 108 24.73 16.98 4.88
CA PRO G 108 23.74 15.90 4.73
C PRO G 108 22.93 15.75 5.99
N GLN G 109 21.64 15.53 5.83
CA GLN G 109 20.69 15.46 6.94
C GLN G 109 20.66 14.13 7.71
N LEU G 110 21.83 13.65 8.14
CA LEU G 110 21.92 12.38 8.88
C LEU G 110 22.27 12.58 10.34
N ALA G 111 21.63 11.82 11.22
CA ALA G 111 21.98 11.82 12.64
C ALA G 111 22.84 10.59 12.96
N ARG G 112 23.40 10.55 14.16
CA ARG G 112 24.09 9.35 14.61
C ARG G 112 23.31 8.85 15.81
N VAL G 113 22.97 7.56 15.76
CA VAL G 113 22.34 6.92 16.91
C VAL G 113 23.37 5.98 17.54
N VAL G 114 23.56 6.13 18.85
CA VAL G 114 24.54 5.33 19.59
C VAL G 114 23.82 4.21 20.34
N SER G 115 24.52 3.09 20.57
CA SER G 115 23.88 1.88 21.11
C SER G 115 23.27 2.07 22.50
N ASP G 116 23.71 3.09 23.22
CA ASP G 116 23.14 3.37 24.54
C ASP G 116 21.88 4.23 24.49
N GLY G 117 21.41 4.52 23.27
CA GLY G 117 20.20 5.30 23.10
C GLY G 117 20.41 6.81 22.95
N GLU G 118 21.54 7.19 22.39
CA GLU G 118 21.87 8.58 22.32
C GLU G 118 21.92 9.04 20.87
N VAL G 119 21.27 10.16 20.61
CA VAL G 119 21.16 10.69 19.27
C VAL G 119 21.98 11.97 19.16
N LEU G 120 22.81 12.06 18.12
CA LEU G 120 23.59 13.24 17.83
C LEU G 120 23.22 13.73 16.45
N TYR G 121 22.84 14.99 16.36
CA TYR G 121 22.59 15.64 15.08
C TYR G 121 23.38 16.96 15.04
N MET G 122 24.35 17.05 14.13
CA MET G 122 25.14 18.27 13.96
C MET G 122 25.09 18.76 12.52
N PRO G 123 24.02 19.45 12.16
CA PRO G 123 23.94 20.06 10.84
C PRO G 123 24.81 21.33 10.78
N SER G 124 25.47 21.54 9.64
CA SER G 124 26.09 22.84 9.37
C SER G 124 25.02 23.75 8.77
N ILE G 125 24.94 24.97 9.30
CA ILE G 125 23.82 25.86 9.01
C ILE G 125 24.27 27.26 8.64
N ARG G 126 23.61 27.83 7.62
CA ARG G 126 23.81 29.23 7.26
C ARG G 126 22.53 30.03 7.49
N GLN G 127 22.62 31.02 8.37
CA GLN G 127 21.43 31.78 8.73
C GLN G 127 21.74 33.25 9.06
N ARG G 128 20.73 34.12 8.88
CA ARG G 128 20.86 35.57 9.18
C ARG G 128 20.12 35.95 10.43
N PHE G 129 20.72 36.81 11.25
CA PHE G 129 20.14 37.20 12.53
C PHE G 129 20.05 38.70 12.70
N SER G 130 19.20 39.15 13.61
CA SER G 130 19.10 40.57 13.96
C SER G 130 19.55 40.76 15.40
N CYS G 131 20.59 41.55 15.58
CA CYS G 131 21.17 41.77 16.90
C CYS G 131 22.11 42.99 16.98
N ASP G 132 22.74 43.16 18.13
CA ASP G 132 23.64 44.27 18.37
C ASP G 132 24.90 44.15 17.53
N VAL G 133 25.20 45.19 16.76
CA VAL G 133 26.35 45.17 15.88
C VAL G 133 27.25 46.38 16.16
N SER G 134 26.68 47.44 16.71
CA SER G 134 27.46 48.59 17.14
C SER G 134 28.61 48.13 18.05
N GLY G 135 29.82 48.48 17.67
CA GLY G 135 31.00 47.98 18.37
C GLY G 135 31.86 47.13 17.45
N VAL G 136 31.28 46.70 16.33
CA VAL G 136 31.94 45.75 15.45
C VAL G 136 33.29 46.25 14.92
N ASP G 137 33.34 47.53 14.59
CA ASP G 137 34.52 48.12 13.97
C ASP G 137 35.61 48.49 14.97
N THR G 138 35.26 48.37 16.25
CA THR G 138 36.12 48.75 17.38
C THR G 138 36.60 47.53 18.15
N GLU G 139 37.77 47.65 18.77
CA GLU G 139 38.50 46.48 19.22
C GLU G 139 37.71 45.63 20.21
N SER G 140 36.97 46.26 21.10
CA SER G 140 36.24 45.52 22.11
C SER G 140 35.16 44.73 21.37
N GLY G 141 34.83 45.19 20.17
CA GLY G 141 34.00 44.44 19.24
C GLY G 141 32.51 44.54 19.50
N ALA G 142 31.74 43.84 18.69
CA ALA G 142 30.29 43.76 18.86
C ALA G 142 29.96 42.47 19.60
N THR G 143 28.80 42.45 20.24
CA THR G 143 28.33 41.24 20.91
C THR G 143 27.00 40.79 20.33
N CYS G 144 27.08 39.90 19.36
CA CYS G 144 25.88 39.39 18.72
C CYS G 144 25.26 38.28 19.57
N ARG G 145 23.98 38.45 19.90
CA ARG G 145 23.34 37.69 20.95
C ARG G 145 22.12 36.89 20.41
N ILE G 146 22.28 35.57 20.24
CA ILE G 146 21.24 34.73 19.61
C ILE G 146 20.61 33.69 20.56
N LYS G 147 19.29 33.55 20.49
CA LYS G 147 18.58 32.63 21.38
C LYS G 147 17.97 31.43 20.63
N ILE G 148 18.32 30.22 21.09
CA ILE G 148 17.84 28.98 20.50
C ILE G 148 17.02 28.19 21.52
N GLY G 149 15.79 27.81 21.13
CA GLY G 149 14.91 27.05 22.00
C GLY G 149 13.88 26.17 21.31
N SER G 150 13.20 25.35 22.10
CA SER G 150 12.09 24.55 21.60
C SER G 150 10.92 25.44 21.23
N TRP G 151 10.46 25.37 19.98
CA TRP G 151 9.36 26.22 19.56
C TRP G 151 8.01 25.90 20.24
N THR G 152 7.60 24.63 20.22
CA THR G 152 6.24 24.31 20.71
C THR G 152 6.17 23.66 22.10
N HIS G 153 7.27 23.11 22.56
CA HIS G 153 7.26 22.42 23.83
C HIS G 153 7.78 23.31 24.96
N HIS G 154 6.93 23.53 25.97
CA HIS G 154 7.36 24.24 27.17
C HIS G 154 8.34 23.41 27.99
N SER G 155 8.88 24.01 29.05
CA SER G 155 9.94 23.43 29.86
C SER G 155 9.61 22.06 30.50
N ARG G 156 8.33 21.83 30.77
CA ARG G 156 7.89 20.56 31.35
C ARG G 156 8.09 19.36 30.42
N GLU G 157 8.10 19.64 29.11
CA GLU G 157 8.27 18.62 28.08
C GLU G 157 9.70 18.57 27.51
N ILE G 158 10.28 19.74 27.22
CA ILE G 158 11.66 19.83 26.72
C ILE G 158 12.51 20.85 27.48
N SER G 159 13.69 20.41 27.91
CA SER G 159 14.64 21.31 28.53
C SER G 159 15.86 21.50 27.62
N VAL G 160 16.26 22.75 27.44
CA VAL G 160 17.40 23.10 26.61
C VAL G 160 18.60 23.58 27.45
N ASP G 161 19.75 22.97 27.24
CA ASP G 161 20.94 23.20 28.05
C ASP G 161 22.18 23.30 27.17
N PRO G 162 23.12 24.19 27.53
CA PRO G 162 24.34 24.18 26.75
C PRO G 162 25.22 23.04 27.24
N THR G 163 26.25 22.69 26.47
CA THR G 163 27.25 21.73 26.90
C THR G 163 28.48 22.47 27.45
N THR G 164 28.91 23.49 26.73
CA THR G 164 30.04 24.31 27.16
C THR G 164 29.67 25.79 27.23
N GLU G 165 29.90 26.40 28.40
CA GLU G 165 29.63 27.82 28.60
C GLU G 165 30.49 28.77 27.76
N ASN G 166 31.77 28.44 27.61
CA ASN G 166 32.76 29.38 27.13
C ASN G 166 33.64 28.71 26.10
N SER G 167 34.14 29.50 25.16
CA SER G 167 35.10 29.02 24.16
C SER G 167 35.49 30.13 23.18
N SER G 170 35.22 28.39 17.57
CA SER G 170 36.53 28.89 17.94
C SER G 170 37.66 28.17 17.22
N GLU G 171 37.82 26.88 17.47
CA GLU G 171 38.89 26.11 16.83
C GLU G 171 38.48 25.51 15.49
N TYR G 172 37.24 25.78 15.08
CA TYR G 172 36.79 25.43 13.74
C TYR G 172 36.52 26.72 12.95
N PHE G 173 36.67 27.86 13.62
CA PHE G 173 36.37 29.16 13.01
C PHE G 173 37.34 29.52 11.91
N SER G 174 36.81 30.07 10.83
CA SER G 174 37.61 30.25 9.63
C SER G 174 38.60 31.39 9.80
N GLN G 175 39.85 31.11 9.44
CA GLN G 175 40.88 32.14 9.49
C GLN G 175 40.63 33.19 8.41
N TYR G 176 40.06 32.75 7.29
CA TYR G 176 39.92 33.59 6.09
C TYR G 176 38.71 34.52 6.13
N SER G 177 38.06 34.61 7.29
CA SER G 177 36.96 35.54 7.47
C SER G 177 37.50 36.97 7.63
N ARG G 178 36.72 37.96 7.21
CA ARG G 178 37.04 39.36 7.49
C ARG G 178 37.01 39.62 9.01
N PHE G 179 36.50 38.66 9.77
CA PHE G 179 36.36 38.88 11.20
C PHE G 179 37.13 37.82 11.96
N GLU G 180 37.07 37.94 13.28
CA GLU G 180 37.71 36.99 14.17
C GLU G 180 36.98 37.03 15.48
N ILE G 181 37.08 35.97 16.25
CA ILE G 181 36.24 35.81 17.43
C ILE G 181 36.95 36.18 18.73
N LEU G 182 36.40 37.21 19.38
CA LEU G 182 36.88 37.64 20.68
C LEU G 182 36.52 36.62 21.75
N ASP G 183 35.27 36.19 21.68
CA ASP G 183 34.71 35.27 22.67
C ASP G 183 33.43 34.61 22.16
N VAL G 184 33.06 33.53 22.84
CA VAL G 184 31.76 32.87 22.68
C VAL G 184 31.28 32.28 23.99
N THR G 185 30.16 32.77 24.51
CA THR G 185 29.60 32.21 25.73
C THR G 185 28.16 31.76 25.53
N GLN G 186 27.79 30.64 26.17
CA GLN G 186 26.50 30.01 25.96
C GLN G 186 25.87 29.64 27.29
N LYS G 187 24.78 30.31 27.67
CA LYS G 187 24.15 30.04 28.98
C LYS G 187 22.67 29.61 28.94
N LYS G 188 22.24 28.89 29.98
CA LYS G 188 20.83 28.55 30.16
C LYS G 188 20.03 29.83 30.36
N ASN G 189 18.73 29.74 30.14
CA ASN G 189 17.87 30.92 30.17
C ASN G 189 16.41 30.50 30.15
N SER G 190 15.53 31.45 30.47
CA SER G 190 14.09 31.20 30.44
C SER G 190 13.33 32.38 29.86
N VAL G 191 12.20 32.09 29.24
CA VAL G 191 11.31 33.12 28.70
C VAL G 191 9.87 32.81 29.12
N THR G 192 9.17 33.86 29.53
CA THR G 192 7.74 33.75 29.79
C THR G 192 7.12 34.96 29.13
N TYR G 193 6.07 34.74 28.35
CA TYR G 193 5.33 35.89 27.81
C TYR G 193 4.23 36.41 28.76
N PRO G 197 1.32 31.37 30.59
CA PRO G 197 0.96 30.00 30.98
C PRO G 197 2.15 29.27 31.58
N GLU G 198 3.04 28.82 30.69
CA GLU G 198 4.24 28.05 30.99
C GLU G 198 5.47 28.59 30.23
N ALA G 199 6.67 28.22 30.68
CA ALA G 199 7.93 28.84 30.28
C ALA G 199 8.68 27.98 29.26
N TYR G 200 9.38 28.63 28.34
CA TYR G 200 10.15 27.91 27.32
C TYR G 200 11.64 28.09 27.59
N GLU G 201 12.27 27.00 28.02
CA GLU G 201 13.72 26.99 28.22
C GLU G 201 14.44 27.21 26.89
N ASP G 202 15.57 27.91 26.96
CA ASP G 202 16.37 28.17 25.78
C ASP G 202 17.80 28.45 26.21
N VAL G 203 18.74 28.31 25.29
CA VAL G 203 20.13 28.66 25.56
C VAL G 203 20.50 29.91 24.80
N GLU G 204 21.17 30.84 25.48
CA GLU G 204 21.55 32.12 24.90
C GLU G 204 23.02 32.10 24.46
N VAL G 205 23.25 32.11 23.17
CA VAL G 205 24.62 32.16 22.66
C VAL G 205 25.04 33.62 22.48
N SER G 206 26.20 33.97 23.04
CA SER G 206 26.70 35.35 23.00
C SER G 206 28.02 35.39 22.27
N LEU G 207 27.97 35.80 21.01
CA LEU G 207 29.14 35.88 20.17
C LEU G 207 29.68 37.31 20.15
N ASN G 208 30.87 37.47 20.73
CA ASN G 208 31.63 38.71 20.73
C ASN G 208 32.73 38.61 19.69
N PHE G 209 32.64 39.47 18.67
CA PHE G 209 33.55 39.39 17.51
C PHE G 209 33.88 40.81 17.01
N ARG G 210 34.90 40.94 16.16
CA ARG G 210 35.32 42.25 15.64
C ARG G 210 36.00 42.20 14.27
N LYS G 211 36.05 43.34 13.57
CA LYS G 211 36.71 43.40 12.27
C LYS G 211 38.23 43.29 12.43
N LYS G 212 38.89 42.70 11.43
CA LYS G 212 40.33 42.43 11.50
C LYS G 212 41.21 43.61 11.13
N GLY G 213 42.36 43.70 11.79
CA GLY G 213 43.35 44.70 11.50
C GLY G 213 44.70 44.21 12.01
N ASP H 1 -4.51 15.99 33.88
CA ASP H 1 -3.73 17.13 34.35
C ASP H 1 -2.30 17.14 33.79
N TYR H 2 -1.47 18.04 34.32
CA TYR H 2 -0.12 18.27 33.82
C TYR H 2 0.90 17.36 34.49
N LYS H 3 0.44 16.53 35.43
CA LYS H 3 1.34 15.67 36.17
C LYS H 3 1.65 14.40 35.38
N ASP H 4 0.76 14.05 34.46
CA ASP H 4 1.00 12.90 33.60
C ASP H 4 1.17 13.32 32.14
N ASP H 5 1.62 14.56 31.91
CA ASP H 5 1.82 15.03 30.54
C ASP H 5 3.20 14.70 29.93
N ASP H 6 4.01 13.95 30.65
CA ASP H 6 5.27 13.44 30.11
C ASP H 6 5.22 11.90 29.91
N ASP H 7 4.02 11.33 29.88
CA ASP H 7 3.86 9.92 29.55
C ASP H 7 3.93 9.74 28.04
N LYS H 8 5.04 9.19 27.55
CA LYS H 8 5.24 9.04 26.10
C LYS H 8 4.11 8.25 25.42
N LEU H 9 3.70 7.15 26.05
CA LEU H 9 2.64 6.30 25.52
C LEU H 9 1.30 7.05 25.45
N ASP H 10 0.98 7.78 26.51
CA ASP H 10 -0.22 8.61 26.49
C ASP H 10 -0.13 9.65 25.37
N ARG H 11 1.06 10.16 25.11
CA ARG H 11 1.17 11.15 24.05
C ARG H 11 0.89 10.50 22.69
N ALA H 12 1.58 9.40 22.41
CA ALA H 12 1.43 8.70 21.12
C ALA H 12 -0.02 8.29 20.84
N ASP H 13 -0.74 7.86 21.88
CA ASP H 13 -2.14 7.50 21.75
C ASP H 13 -3.00 8.72 21.37
N ILE H 14 -2.66 9.89 21.90
CA ILE H 14 -3.39 11.09 21.56
C ILE H 14 -3.14 11.44 20.10
N LEU H 15 -1.87 11.44 19.71
CA LEU H 15 -1.50 11.66 18.32
C LEU H 15 -2.28 10.74 17.38
N TYR H 16 -2.34 9.46 17.74
CA TYR H 16 -3.07 8.46 16.98
C TYR H 16 -4.54 8.82 16.88
N ASN H 17 -5.16 9.07 18.03
CA ASN H 17 -6.55 9.49 18.05
C ASN H 17 -6.81 10.74 17.23
N ILE H 18 -5.98 11.77 17.40
CA ILE H 18 -6.13 12.99 16.60
C ILE H 18 -6.02 12.62 15.13
N ARG H 19 -5.11 11.72 14.80
CA ARG H 19 -4.87 11.42 13.40
C ARG H 19 -6.03 10.61 12.79
N GLN H 20 -6.73 9.86 13.64
CA GLN H 20 -7.95 9.13 13.18
C GLN H 20 -9.18 10.04 12.99
N THR H 21 -9.47 10.91 13.94
CA THR H 21 -10.64 11.78 13.85
C THR H 21 -10.50 12.91 12.82
N SER H 22 -9.31 13.47 12.73
CA SER H 22 -9.12 14.70 11.98
C SER H 22 -9.20 14.51 10.47
N ARG H 23 -9.93 15.40 9.80
CA ARG H 23 -9.92 15.47 8.34
C ARG H 23 -9.20 16.74 7.89
N PRO H 24 -7.95 16.60 7.45
CA PRO H 24 -7.11 17.76 7.11
C PRO H 24 -7.69 18.67 6.03
N ASP H 25 -8.67 18.21 5.26
CA ASP H 25 -9.13 18.96 4.11
C ASP H 25 -10.56 19.51 4.19
N VAL H 26 -11.31 19.10 5.21
CA VAL H 26 -12.62 19.70 5.40
C VAL H 26 -12.68 20.60 6.64
N ILE H 27 -13.28 21.78 6.48
CA ILE H 27 -13.43 22.73 7.59
C ILE H 27 -14.20 22.16 8.79
N PRO H 28 -13.65 22.32 10.00
CA PRO H 28 -14.23 21.80 11.23
C PRO H 28 -15.40 22.63 11.73
N THR H 29 -16.44 22.76 10.91
CA THR H 29 -17.65 23.45 11.31
C THR H 29 -18.37 22.68 12.40
N GLN H 30 -18.65 23.35 13.52
CA GLN H 30 -18.96 22.64 14.76
C GLN H 30 -20.45 22.46 15.01
N ARG H 31 -21.21 23.54 14.95
CA ARG H 31 -22.65 23.43 15.17
C ARG H 31 -23.45 24.19 14.11
N ASP H 32 -23.37 23.72 12.87
CA ASP H 32 -24.10 24.37 11.79
C ASP H 32 -23.69 25.82 11.79
N ARG H 33 -22.41 26.04 12.07
CA ARG H 33 -21.90 27.40 12.21
C ARG H 33 -20.49 27.53 11.65
N PRO H 34 -20.12 28.74 11.28
CA PRO H 34 -18.77 29.03 10.74
C PRO H 34 -17.65 28.66 11.70
N VAL H 35 -16.45 28.43 11.18
CA VAL H 35 -15.30 28.25 12.05
C VAL H 35 -14.81 29.61 12.51
N ALA H 36 -14.67 29.78 13.82
CA ALA H 36 -14.18 31.02 14.37
C ALA H 36 -12.67 30.97 14.50
N VAL H 37 -11.98 31.33 13.42
CA VAL H 37 -10.52 31.53 13.45
C VAL H 37 -10.19 32.88 14.08
N SER H 38 -9.32 32.87 15.09
CA SER H 38 -8.81 34.10 15.70
C SER H 38 -7.38 34.36 15.25
N VAL H 39 -7.18 35.31 14.34
CA VAL H 39 -5.83 35.73 13.98
C VAL H 39 -5.42 36.91 14.86
N SER H 40 -4.13 36.94 15.16
CA SER H 40 -3.53 38.06 15.82
C SER H 40 -2.14 38.10 15.28
N LEU H 41 -1.68 39.29 14.97
CA LEU H 41 -0.25 39.49 14.68
C LEU H 41 0.52 40.14 15.83
N LYS H 42 1.73 39.65 16.04
CA LYS H 42 2.68 40.26 16.96
C LYS H 42 4.03 40.41 16.26
N PHE H 43 4.37 41.66 15.92
CA PHE H 43 5.56 41.95 15.12
C PHE H 43 6.86 41.74 15.87
N ILE H 44 7.87 41.32 15.13
CA ILE H 44 9.17 41.02 15.71
C ILE H 44 10.23 41.92 15.09
N ASN H 45 10.06 42.22 13.81
CA ASN H 45 11.09 42.99 13.11
C ASN H 45 10.62 43.68 11.84
N ILE H 46 11.25 44.82 11.55
CA ILE H 46 11.02 45.58 10.33
C ILE H 46 12.39 45.79 9.69
N LEU H 47 12.57 45.35 8.46
CA LEU H 47 13.93 45.15 7.97
C LEU H 47 14.34 46.02 6.80
N GLU H 48 13.42 46.26 5.87
CA GLU H 48 13.73 47.05 4.68
C GLU H 48 12.54 47.86 4.25
N VAL H 49 12.51 49.12 4.66
CA VAL H 49 11.45 50.02 4.24
C VAL H 49 11.93 50.82 3.05
N ASN H 50 11.01 51.21 2.17
CA ASN H 50 11.35 51.91 0.93
C ASN H 50 10.19 52.86 0.59
N GLU H 51 10.29 54.13 0.99
CA GLU H 51 9.15 55.04 0.88
C GLU H 51 8.86 55.43 -0.56
N ILE H 52 9.83 55.18 -1.44
CA ILE H 52 9.68 55.40 -2.86
C ILE H 52 8.76 54.36 -3.49
N THR H 53 9.09 53.09 -3.27
CA THR H 53 8.32 51.99 -3.87
C THR H 53 7.18 51.54 -2.96
N ASN H 54 7.09 52.15 -1.78
CA ASN H 54 6.02 51.82 -0.82
C ASN H 54 5.94 50.32 -0.49
N GLU H 55 7.07 49.77 -0.05
CA GLU H 55 7.19 48.37 0.30
C GLU H 55 7.79 48.22 1.70
N VAL H 56 7.50 47.10 2.35
CA VAL H 56 8.13 46.81 3.64
C VAL H 56 8.45 45.34 3.78
N ASP H 57 9.44 45.03 4.60
CA ASP H 57 9.86 43.65 4.83
C ASP H 57 9.81 43.39 6.32
N VAL H 58 8.88 42.56 6.74
CA VAL H 58 8.67 42.35 8.16
C VAL H 58 8.76 40.89 8.60
N VAL H 59 9.01 40.71 9.89
CA VAL H 59 8.95 39.41 10.51
C VAL H 59 7.90 39.54 11.58
N PHE H 60 6.96 38.59 11.62
CA PHE H 60 5.90 38.60 12.63
C PHE H 60 5.53 37.18 13.03
N TRP H 61 4.94 37.06 14.21
CA TRP H 61 4.38 35.80 14.69
C TRP H 61 2.87 35.81 14.49
N GLN H 62 2.39 34.96 13.57
CA GLN H 62 0.98 34.91 13.17
C GLN H 62 0.16 33.96 14.06
N GLN H 63 -0.24 34.46 15.22
CA GLN H 63 -0.99 33.71 16.21
C GLN H 63 -2.40 33.34 15.75
N THR H 64 -2.60 32.08 15.36
CA THR H 64 -3.88 31.59 14.84
C THR H 64 -4.49 30.56 15.78
N THR H 65 -5.75 30.74 16.17
CA THR H 65 -6.42 29.70 16.94
C THR H 65 -7.85 29.43 16.50
N TRP H 66 -8.29 28.20 16.75
CA TRP H 66 -9.63 27.76 16.41
C TRP H 66 -9.98 26.51 17.21
N SER H 67 -11.22 26.06 17.07
CA SER H 67 -11.69 24.95 17.84
C SER H 67 -12.20 23.83 16.96
N ASP H 68 -11.73 22.60 17.22
CA ASP H 68 -12.36 21.40 16.65
C ASP H 68 -12.63 20.35 17.74
N ARG H 69 -13.80 20.48 18.35
CA ARG H 69 -14.19 19.66 19.50
C ARG H 69 -14.13 18.16 19.28
N THR H 70 -14.17 17.72 18.02
CA THR H 70 -14.03 16.30 17.68
C THR H 70 -12.65 15.75 18.10
N LEU H 71 -11.67 16.64 18.21
CA LEU H 71 -10.33 16.30 18.65
C LEU H 71 -10.20 16.28 20.19
N ALA H 72 -11.23 16.74 20.89
CA ALA H 72 -11.18 16.84 22.35
C ALA H 72 -11.00 15.48 23.02
N TRP H 73 -10.52 15.49 24.25
CA TRP H 73 -10.36 14.24 25.01
C TRP H 73 -10.29 14.50 26.51
N ASN H 74 -10.75 13.52 27.28
CA ASN H 74 -10.73 13.58 28.74
C ASN H 74 -9.30 13.52 29.26
N SER H 75 -8.78 14.67 29.66
CA SER H 75 -7.39 14.79 30.10
C SER H 75 -7.21 14.58 31.61
N SER H 76 -8.19 13.95 32.25
CA SER H 76 -8.19 13.78 33.71
C SER H 76 -6.93 13.11 34.28
N HIS H 77 -6.33 12.21 33.52
CA HIS H 77 -5.12 11.55 33.92
C HIS H 77 -4.24 11.31 32.72
N SER H 78 -4.38 12.15 31.71
CA SER H 78 -3.58 12.11 30.50
C SER H 78 -3.20 13.56 30.14
N PRO H 79 -2.13 13.75 29.33
CA PRO H 79 -1.59 15.07 28.97
C PRO H 79 -2.62 16.05 28.44
N ASP H 80 -2.53 17.31 28.89
CA ASP H 80 -3.50 18.34 28.52
C ASP H 80 -3.34 18.77 27.08
N GLN H 81 -2.13 18.66 26.54
CA GLN H 81 -1.86 19.12 25.18
C GLN H 81 -0.62 18.49 24.56
N VAL H 82 -0.59 18.43 23.22
CA VAL H 82 0.56 17.87 22.51
C VAL H 82 0.81 18.68 21.24
N SER H 83 2.01 18.55 20.68
CA SER H 83 2.33 19.10 19.37
C SER H 83 2.01 18.10 18.25
N VAL H 84 1.42 18.61 17.17
CA VAL H 84 1.01 17.78 16.04
C VAL H 84 1.47 18.45 14.74
N PRO H 85 2.10 17.70 13.81
CA PRO H 85 2.46 18.26 12.50
C PRO H 85 1.21 18.75 11.78
N ILE H 86 1.31 19.91 11.11
CA ILE H 86 0.11 20.56 10.57
C ILE H 86 -0.51 19.85 9.36
N SER H 87 0.23 18.90 8.78
CA SER H 87 -0.29 18.09 7.70
C SER H 87 -1.26 16.99 8.22
N SER H 88 -1.36 16.84 9.53
CA SER H 88 -2.36 15.95 10.10
C SER H 88 -3.58 16.74 10.57
N LEU H 89 -3.49 18.06 10.47
CA LEU H 89 -4.59 18.93 10.88
C LEU H 89 -5.12 19.76 9.73
N TRP H 90 -6.39 20.14 9.82
CA TRP H 90 -6.87 21.25 9.02
C TRP H 90 -6.31 22.52 9.63
N VAL H 91 -5.78 23.39 8.77
CA VAL H 91 -5.39 24.73 9.18
C VAL H 91 -6.07 25.69 8.22
N PRO H 92 -6.49 26.86 8.73
CA PRO H 92 -7.23 27.78 7.86
C PRO H 92 -6.38 28.33 6.70
N ASP H 93 -6.99 28.53 5.53
CA ASP H 93 -6.29 28.92 4.32
C ASP H 93 -6.03 30.43 4.22
N LEU H 94 -5.20 30.96 5.13
CA LEU H 94 -5.03 32.40 5.26
C LEU H 94 -4.16 33.01 4.16
N ALA H 95 -4.43 34.26 3.83
CA ALA H 95 -3.60 34.98 2.87
C ALA H 95 -3.56 36.47 3.16
N ALA H 96 -2.50 37.12 2.71
CA ALA H 96 -2.41 38.56 2.79
C ALA H 96 -2.58 39.07 1.38
N TYR H 97 -3.57 39.94 1.21
CA TYR H 97 -3.95 40.47 -0.11
C TYR H 97 -2.86 41.37 -0.68
N ASN H 98 -2.23 42.15 0.20
CA ASN H 98 -1.18 43.05 -0.24
C ASN H 98 0.22 42.45 -0.11
N ALA H 99 0.28 41.15 0.16
CA ALA H 99 1.57 40.49 0.25
C ALA H 99 2.23 40.42 -1.12
N ILE H 100 3.50 40.77 -1.22
CA ILE H 100 4.15 40.77 -2.52
C ILE H 100 5.29 39.76 -2.64
N SER H 101 5.31 38.80 -1.72
CA SER H 101 6.25 37.69 -1.76
C SER H 101 5.66 36.56 -0.94
N LYS H 102 6.08 35.32 -1.24
CA LYS H 102 5.60 34.14 -0.51
C LYS H 102 5.87 34.34 0.97
N PRO H 103 5.00 33.79 1.82
CA PRO H 103 5.44 33.87 3.22
C PRO H 103 6.59 32.88 3.47
N GLU H 104 7.64 33.34 4.13
CA GLU H 104 8.79 32.50 4.48
C GLU H 104 8.60 32.09 5.93
N VAL H 105 8.27 30.83 6.18
CA VAL H 105 8.03 30.36 7.54
C VAL H 105 9.33 29.96 8.18
N LEU H 106 9.67 30.63 9.28
CA LEU H 106 10.98 30.51 9.91
C LEU H 106 11.02 29.36 10.95
N THR H 107 9.86 29.00 11.48
CA THR H 107 9.76 28.06 12.58
C THR H 107 9.35 26.63 12.12
N PRO H 108 9.47 25.63 13.03
CA PRO H 108 8.99 24.29 12.72
C PRO H 108 7.51 24.32 12.51
N GLN H 109 7.02 23.63 11.48
CA GLN H 109 5.60 23.61 11.16
C GLN H 109 4.76 22.69 12.09
N LEU H 110 4.59 23.10 13.34
CA LEU H 110 3.88 22.32 14.35
C LEU H 110 2.77 23.13 15.01
N ALA H 111 1.63 22.50 15.25
CA ALA H 111 0.55 23.15 15.98
C ALA H 111 0.43 22.51 17.35
N ARG H 112 -0.36 23.09 18.23
CA ARG H 112 -0.65 22.47 19.51
C ARG H 112 -2.12 22.15 19.51
N VAL H 113 -2.50 21.09 20.19
CA VAL H 113 -3.88 20.71 20.29
C VAL H 113 -4.15 20.45 21.76
N VAL H 114 -5.06 21.22 22.34
CA VAL H 114 -5.38 21.12 23.75
C VAL H 114 -6.56 20.17 23.84
N SER H 115 -6.76 19.53 24.98
CA SER H 115 -7.82 18.54 25.11
C SER H 115 -9.23 19.14 25.08
N ASP H 116 -9.30 20.48 25.13
CA ASP H 116 -10.52 21.24 24.90
C ASP H 116 -11.08 20.91 23.53
N GLY H 117 -10.18 20.83 22.57
CA GLY H 117 -10.53 20.76 21.16
C GLY H 117 -9.94 21.98 20.48
N GLU H 118 -9.15 22.71 21.25
CA GLU H 118 -8.60 23.98 20.79
C GLU H 118 -7.29 23.76 20.05
N VAL H 119 -7.17 24.35 18.87
CA VAL H 119 -5.98 24.22 18.04
C VAL H 119 -5.26 25.58 17.92
N LEU H 120 -3.96 25.59 18.16
CA LEU H 120 -3.20 26.83 18.06
C LEU H 120 -2.03 26.63 17.13
N TYR H 121 -1.78 27.60 16.26
CA TYR H 121 -0.67 27.53 15.32
C TYR H 121 -0.06 28.92 15.13
N MET H 122 1.20 29.06 15.52
CA MET H 122 1.88 30.35 15.48
C MET H 122 3.26 30.29 14.82
N PRO H 123 3.29 30.33 13.50
CA PRO H 123 4.60 30.37 12.86
C PRO H 123 5.15 31.80 12.86
N SER H 124 6.47 31.92 12.78
CA SER H 124 7.11 33.20 12.60
C SER H 124 7.33 33.36 11.11
N ILE H 125 6.76 34.40 10.54
CA ILE H 125 6.84 34.57 9.10
C ILE H 125 7.67 35.80 8.78
N ARG H 126 8.47 35.69 7.74
CA ARG H 126 9.08 36.84 7.14
C ARG H 126 8.47 37.03 5.76
N GLN H 127 7.87 38.20 5.54
CA GLN H 127 7.19 38.48 4.28
C GLN H 127 7.24 39.96 3.89
N ARG H 128 7.22 40.24 2.59
CA ARG H 128 7.20 41.61 2.08
C ARG H 128 5.79 42.03 1.68
N PHE H 129 5.50 43.32 1.83
CA PHE H 129 4.19 43.85 1.49
C PHE H 129 4.27 45.15 0.71
N SER H 130 3.14 45.53 0.12
CA SER H 130 2.97 46.83 -0.52
C SER H 130 1.99 47.64 0.28
N CYS H 131 2.49 48.62 1.02
CA CYS H 131 1.60 49.50 1.78
C CYS H 131 2.17 50.91 1.87
N ASP H 132 1.55 51.72 2.74
CA ASP H 132 1.85 53.16 2.81
C ASP H 132 2.94 53.54 3.81
N VAL H 133 4.17 53.71 3.34
CA VAL H 133 5.26 54.12 4.20
C VAL H 133 5.67 55.58 4.04
N SER H 134 4.76 56.42 3.54
CA SER H 134 5.00 57.85 3.54
C SER H 134 4.78 58.34 4.97
N GLY H 135 5.76 59.04 5.52
CA GLY H 135 5.68 59.50 6.89
C GLY H 135 6.65 58.76 7.78
N VAL H 136 7.44 57.89 7.16
CA VAL H 136 8.40 57.05 7.87
C VAL H 136 9.38 57.90 8.69
N ASP H 137 9.88 58.95 8.07
CA ASP H 137 10.93 59.78 8.67
C ASP H 137 10.38 60.88 9.57
N THR H 138 9.07 61.09 9.44
CA THR H 138 8.24 61.92 10.30
C THR H 138 7.89 61.19 11.58
N GLU H 139 7.37 61.92 12.56
CA GLU H 139 7.20 61.43 13.92
C GLU H 139 5.77 60.97 14.15
N SER H 140 4.89 61.35 13.23
CA SER H 140 3.58 60.75 13.15
C SER H 140 3.81 59.28 12.76
N GLY H 141 4.89 59.05 12.03
CA GLY H 141 5.30 57.72 11.62
C GLY H 141 4.66 57.35 10.30
N ALA H 142 4.85 56.11 9.87
CA ALA H 142 4.11 55.60 8.74
C ALA H 142 2.93 54.84 9.30
N THR H 143 2.02 54.42 8.42
CA THR H 143 0.96 53.51 8.84
C THR H 143 0.60 52.55 7.70
N CYS H 144 1.28 51.40 7.70
CA CYS H 144 1.01 50.36 6.73
C CYS H 144 -0.09 49.44 7.22
N ARG H 145 -1.06 49.17 6.35
CA ARG H 145 -2.16 48.27 6.70
C ARG H 145 -2.08 46.89 6.02
N ILE H 146 -1.97 45.85 6.84
CA ILE H 146 -1.86 44.47 6.39
C ILE H 146 -3.22 43.80 6.49
N LYS H 147 -3.71 43.28 5.36
CA LYS H 147 -5.01 42.62 5.34
C LYS H 147 -4.87 41.08 5.19
N ILE H 148 -5.36 40.34 6.19
CA ILE H 148 -5.25 38.89 6.22
C ILE H 148 -6.61 38.23 6.42
N GLY H 149 -6.94 37.22 5.62
CA GLY H 149 -8.15 36.43 5.82
C GLY H 149 -8.19 35.10 5.07
N SER H 150 -9.33 34.42 5.07
CA SER H 150 -9.48 33.22 4.26
C SER H 150 -9.44 33.53 2.76
N TRP H 151 -8.60 32.80 2.04
CA TRP H 151 -8.51 32.99 0.60
C TRP H 151 -9.69 32.35 -0.14
N THR H 152 -10.12 31.15 0.26
CA THR H 152 -11.19 30.46 -0.46
C THR H 152 -12.52 30.30 0.27
N HIS H 153 -12.51 30.43 1.60
CA HIS H 153 -13.74 30.20 2.37
C HIS H 153 -14.44 31.50 2.77
N HIS H 154 -15.64 31.70 2.22
CA HIS H 154 -16.52 32.85 2.46
C HIS H 154 -17.21 32.85 3.84
N SER H 155 -17.71 34.03 4.24
CA SER H 155 -18.12 34.30 5.62
C SER H 155 -19.04 33.26 6.28
N ARG H 156 -19.79 32.51 5.48
CA ARG H 156 -20.62 31.45 6.02
C ARG H 156 -19.78 30.25 6.50
N GLU H 157 -18.65 30.03 5.82
CA GLU H 157 -17.76 28.93 6.13
C GLU H 157 -16.74 29.29 7.22
N ILE H 158 -16.07 30.43 7.04
CA ILE H 158 -15.02 30.87 7.99
C ILE H 158 -15.17 32.31 8.45
N SER H 159 -15.03 32.51 9.76
CA SER H 159 -15.06 33.82 10.40
C SER H 159 -13.70 34.18 11.04
N VAL H 160 -13.20 35.39 10.79
CA VAL H 160 -11.91 35.83 11.37
C VAL H 160 -12.06 36.93 12.42
N ASP H 161 -11.68 36.61 13.65
CA ASP H 161 -11.73 37.54 14.77
C ASP H 161 -10.31 37.91 15.22
N PRO H 162 -10.13 39.13 15.75
CA PRO H 162 -8.79 39.48 16.21
C PRO H 162 -8.70 39.58 17.73
N THR H 163 -7.50 39.89 18.23
CA THR H 163 -7.23 39.91 19.68
C THR H 163 -7.49 38.54 20.29
N ASP H 168 0.32 47.00 23.44
CA ASP H 168 1.14 46.03 24.15
C ASP H 168 1.77 45.02 23.18
N ASP H 169 2.21 45.51 22.03
CA ASP H 169 2.82 44.66 21.01
C ASP H 169 4.34 44.85 20.98
N SER H 170 4.86 45.53 21.99
CA SER H 170 6.30 45.78 22.08
C SER H 170 6.97 44.81 23.05
N GLU H 171 6.24 43.76 23.43
CA GLU H 171 6.77 42.67 24.25
C GLU H 171 7.85 41.83 23.56
N TYR H 172 7.63 41.52 22.28
CA TYR H 172 8.55 40.71 21.49
C TYR H 172 9.29 41.43 20.34
N PHE H 173 9.04 42.72 20.16
CA PHE H 173 9.67 43.47 19.07
C PHE H 173 11.18 43.58 19.28
N SER H 174 11.94 43.46 18.19
CA SER H 174 13.39 43.61 18.33
C SER H 174 13.80 45.00 18.75
N GLN H 175 14.66 45.08 19.77
CA GLN H 175 15.19 46.35 20.23
C GLN H 175 16.36 46.79 19.35
N TYR H 176 16.68 45.97 18.33
CA TYR H 176 17.80 46.24 17.43
C TYR H 176 17.33 46.60 16.03
N SER H 177 16.01 46.71 15.86
CA SER H 177 15.43 47.18 14.61
C SER H 177 15.68 48.67 14.45
N ARG H 178 16.08 49.11 13.26
CA ARG H 178 16.34 50.54 13.05
C ARG H 178 15.03 51.33 12.94
N PHE H 179 13.92 50.68 13.29
CA PHE H 179 12.61 51.32 13.37
C PHE H 179 12.01 51.07 14.75
N GLU H 180 10.81 51.59 14.99
CA GLU H 180 10.16 51.40 16.28
C GLU H 180 8.65 51.49 16.11
N ILE H 181 7.94 50.85 17.03
CA ILE H 181 6.52 50.63 16.85
C ILE H 181 5.72 51.50 17.80
N LEU H 182 5.10 52.52 17.21
CA LEU H 182 4.27 53.49 17.93
C LEU H 182 2.96 52.88 18.43
N ASP H 183 2.36 52.06 17.57
CA ASP H 183 1.05 51.50 17.84
C ASP H 183 0.78 50.29 16.94
N VAL H 184 -0.21 49.51 17.36
CA VAL H 184 -0.69 48.36 16.60
C VAL H 184 -2.16 48.08 16.91
N THR H 185 -2.99 48.09 15.87
CA THR H 185 -4.42 47.86 16.00
C THR H 185 -4.83 46.75 15.05
N GLN H 186 -5.83 45.97 15.47
CA GLN H 186 -6.36 44.88 14.66
C GLN H 186 -7.87 44.95 14.64
N LYS H 187 -8.43 45.09 13.44
CA LYS H 187 -9.86 45.33 13.27
C LYS H 187 -10.49 44.32 12.31
N LYS H 188 -11.68 43.82 12.67
CA LYS H 188 -12.48 42.97 11.79
C LYS H 188 -13.03 43.79 10.63
N ASN H 189 -12.87 43.24 9.43
CA ASN H 189 -13.32 43.89 8.21
C ASN H 189 -14.10 42.87 7.42
N SER H 190 -14.87 43.30 6.42
CA SER H 190 -15.56 42.37 5.53
C SER H 190 -15.51 42.87 4.11
N VAL H 191 -14.99 42.03 3.21
CA VAL H 191 -14.88 42.41 1.81
C VAL H 191 -15.86 41.64 0.94
N THR H 192 -16.23 42.22 -0.19
CA THR H 192 -17.03 41.54 -1.20
C THR H 192 -16.43 41.68 -2.60
N TYR H 193 -15.98 40.55 -3.15
CA TYR H 193 -15.36 40.49 -4.47
C TYR H 193 -16.32 40.97 -5.55
N SER H 194 -15.77 41.35 -6.71
CA SER H 194 -16.59 41.87 -7.80
C SER H 194 -16.50 40.97 -9.04
N PRO H 197 -19.97 36.65 -5.41
CA PRO H 197 -21.25 37.10 -4.84
C PRO H 197 -21.22 37.21 -3.31
N GLU H 198 -20.42 36.36 -2.67
CA GLU H 198 -20.39 36.27 -1.21
C GLU H 198 -19.28 37.12 -0.57
N ALA H 199 -19.28 37.18 0.75
CA ALA H 199 -18.32 38.01 1.50
C ALA H 199 -17.18 37.24 2.18
N TYR H 200 -15.97 37.78 2.09
CA TYR H 200 -14.81 37.19 2.75
C TYR H 200 -14.34 38.05 3.92
N GLU H 201 -14.47 37.53 5.13
CA GLU H 201 -14.01 38.25 6.31
C GLU H 201 -12.49 38.27 6.36
N ASP H 202 -11.93 39.32 6.96
CA ASP H 202 -10.48 39.43 7.09
C ASP H 202 -10.12 40.31 8.29
N VAL H 203 -8.85 40.33 8.67
CA VAL H 203 -8.42 41.18 9.77
C VAL H 203 -7.43 42.23 9.32
N GLU H 204 -7.85 43.49 9.31
CA GLU H 204 -6.95 44.60 9.00
C GLU H 204 -6.04 44.80 10.20
N VAL H 205 -4.73 44.71 9.96
CA VAL H 205 -3.77 45.03 11.00
C VAL H 205 -3.08 46.32 10.61
N SER H 206 -3.27 47.35 11.42
CA SER H 206 -2.64 48.64 11.16
C SER H 206 -1.37 48.77 11.99
N LEU H 207 -0.23 48.76 11.30
CA LEU H 207 1.07 48.90 11.95
C LEU H 207 1.62 50.30 11.74
N ASN H 208 1.72 51.05 12.83
CA ASN H 208 2.16 52.45 12.82
C ASN H 208 3.59 52.63 13.39
N PHE H 209 4.53 53.02 12.53
CA PHE H 209 5.96 52.94 12.85
C PHE H 209 6.82 54.05 12.22
N ARG H 210 7.86 54.50 12.92
CA ARG H 210 8.77 55.50 12.38
C ARG H 210 10.23 55.06 12.50
N LYS H 211 11.13 55.78 11.82
CA LYS H 211 12.55 55.48 11.87
C LYS H 211 13.17 55.98 13.18
N LYS H 212 14.40 55.55 13.47
CA LYS H 212 15.08 55.95 14.71
C LYS H 212 16.40 56.72 14.49
N GLY H 213 16.60 57.76 15.29
CA GLY H 213 17.79 58.58 15.19
C GLY H 213 17.57 59.98 15.72
N ASP I 1 -28.38 23.37 1.05
CA ASP I 1 -28.36 24.68 0.41
C ASP I 1 -27.55 25.68 1.23
N TYR I 2 -27.94 26.95 1.18
CA TYR I 2 -27.18 27.97 1.88
C TYR I 2 -27.16 27.57 3.34
N LYS I 3 -28.27 27.02 3.79
CA LYS I 3 -28.43 26.70 5.22
C LYS I 3 -27.85 25.35 5.59
N ASP I 4 -27.12 24.74 4.66
CA ASP I 4 -26.52 23.42 4.87
C ASP I 4 -25.01 23.43 4.66
N ASP I 5 -24.48 24.55 4.16
CA ASP I 5 -23.05 24.72 3.91
C ASP I 5 -22.13 24.31 5.07
N ASP I 6 -22.62 24.46 6.31
CA ASP I 6 -21.77 24.17 7.48
C ASP I 6 -21.98 22.81 8.12
N ASP I 7 -22.38 21.84 7.32
CA ASP I 7 -22.54 20.46 7.77
C ASP I 7 -21.26 19.69 7.44
N LYS I 8 -20.47 19.39 8.47
CA LYS I 8 -19.14 18.84 8.25
C LYS I 8 -19.14 17.48 7.55
N LEU I 9 -20.07 16.61 7.94
CA LEU I 9 -20.23 15.32 7.25
C LEU I 9 -20.48 15.51 5.74
N ASP I 10 -21.42 16.40 5.41
CA ASP I 10 -21.77 16.66 4.01
C ASP I 10 -20.60 17.13 3.15
N ARG I 11 -19.68 17.92 3.70
CA ARG I 11 -18.53 18.39 2.93
C ARG I 11 -17.50 17.27 2.74
N ALA I 12 -17.33 16.44 3.77
CA ALA I 12 -16.46 15.28 3.68
C ALA I 12 -16.93 14.33 2.58
N ASP I 13 -18.24 14.16 2.45
CA ASP I 13 -18.74 13.22 1.45
C ASP I 13 -18.64 13.77 0.05
N ILE I 14 -18.85 15.08 -0.11
CA ILE I 14 -18.67 15.77 -1.40
C ILE I 14 -17.21 15.63 -1.81
N LEU I 15 -16.32 15.89 -0.86
CA LEU I 15 -14.88 15.77 -1.12
C LEU I 15 -14.51 14.36 -1.59
N TYR I 16 -15.01 13.36 -0.85
CA TYR I 16 -14.93 11.94 -1.20
C TYR I 16 -15.48 11.64 -2.61
N ASN I 17 -16.70 12.11 -2.88
CA ASN I 17 -17.27 11.96 -4.22
C ASN I 17 -16.41 12.64 -5.28
N ILE I 18 -15.93 13.86 -5.01
CA ILE I 18 -15.06 14.54 -5.96
C ILE I 18 -13.80 13.73 -6.24
N ARG I 19 -13.14 13.24 -5.18
CA ARG I 19 -11.90 12.47 -5.35
C ARG I 19 -12.05 11.10 -5.99
N GLN I 20 -13.26 10.57 -6.03
CA GLN I 20 -13.44 9.28 -6.69
C GLN I 20 -13.72 9.47 -8.16
N THR I 21 -14.34 10.60 -8.51
CA THR I 21 -14.74 10.84 -9.90
C THR I 21 -13.63 11.55 -10.67
N SER I 22 -12.84 12.33 -9.96
CA SER I 22 -11.90 13.23 -10.58
C SER I 22 -10.71 12.52 -11.22
N ARG I 23 -10.44 12.82 -12.48
CA ARG I 23 -9.21 12.35 -13.11
C ARG I 23 -8.19 13.49 -13.29
N PRO I 24 -7.28 13.67 -12.32
CA PRO I 24 -6.33 14.79 -12.32
C PRO I 24 -5.55 15.02 -13.62
N ASP I 25 -5.35 13.98 -14.42
CA ASP I 25 -4.49 14.10 -15.60
C ASP I 25 -5.21 13.97 -16.93
N VAL I 26 -6.53 13.94 -16.92
CA VAL I 26 -7.30 13.77 -18.16
C VAL I 26 -8.21 14.99 -18.41
N ILE I 27 -8.22 15.52 -19.63
CA ILE I 27 -9.04 16.70 -19.88
C ILE I 27 -10.52 16.37 -19.77
N PRO I 28 -11.25 17.12 -18.95
CA PRO I 28 -12.69 16.92 -18.77
C PRO I 28 -13.50 17.43 -19.97
N THR I 29 -13.16 16.96 -21.17
CA THR I 29 -13.94 17.27 -22.36
C THR I 29 -15.28 16.54 -22.25
N GLN I 30 -16.33 17.21 -22.68
CA GLN I 30 -17.68 16.71 -22.52
C GLN I 30 -18.46 16.82 -23.82
N ARG I 31 -18.85 15.67 -24.37
CA ARG I 31 -19.59 15.58 -25.63
C ARG I 31 -18.75 16.05 -26.83
N ASP I 32 -17.53 15.54 -26.95
CA ASP I 32 -16.60 15.86 -28.04
C ASP I 32 -16.52 17.34 -28.46
N ARG I 33 -16.38 18.19 -27.45
CA ARG I 33 -16.16 19.60 -27.63
C ARG I 33 -15.01 19.98 -26.71
N PRO I 34 -14.24 21.02 -27.05
CA PRO I 34 -13.08 21.31 -26.21
C PRO I 34 -13.51 21.87 -24.87
N VAL I 35 -12.64 21.76 -23.88
CA VAL I 35 -12.92 22.31 -22.57
C VAL I 35 -12.81 23.81 -22.68
N ALA I 36 -13.81 24.51 -22.16
CA ALA I 36 -13.79 25.96 -22.27
C ALA I 36 -13.25 26.63 -21.01
N VAL I 37 -11.99 27.06 -21.07
CA VAL I 37 -11.35 27.70 -19.94
C VAL I 37 -11.45 29.22 -20.04
N SER I 38 -11.92 29.85 -18.96
CA SER I 38 -11.99 31.30 -18.87
C SER I 38 -10.84 31.84 -18.02
N VAL I 39 -10.14 32.85 -18.52
CA VAL I 39 -9.05 33.44 -17.76
C VAL I 39 -9.14 34.95 -17.68
N SER I 40 -9.08 35.47 -16.47
CA SER I 40 -9.08 36.91 -16.26
C SER I 40 -7.99 37.34 -15.28
N LEU I 41 -6.97 38.02 -15.78
CA LEU I 41 -5.95 38.57 -14.92
C LEU I 41 -6.49 39.80 -14.21
N LYS I 42 -6.35 39.86 -12.90
CA LYS I 42 -6.75 41.05 -12.16
C LYS I 42 -5.58 41.58 -11.39
N PHE I 43 -4.81 42.48 -11.99
CA PHE I 43 -3.50 42.86 -11.45
C PHE I 43 -3.52 43.55 -10.07
N ILE I 44 -2.60 43.15 -9.19
CA ILE I 44 -2.45 43.75 -7.87
C ILE I 44 -1.35 44.82 -7.77
N ASN I 45 -0.17 44.52 -8.32
CA ASN I 45 0.95 45.46 -8.33
C ASN I 45 1.99 45.19 -9.42
N ILE I 46 2.76 46.22 -9.75
CA ILE I 46 3.94 46.10 -10.56
C ILE I 46 5.13 46.45 -9.67
N LEU I 47 5.90 45.41 -9.31
CA LEU I 47 7.15 45.51 -8.53
C LEU I 47 8.44 46.16 -9.11
N GLU I 48 8.82 45.84 -10.36
CA GLU I 48 9.96 46.48 -10.97
C GLU I 48 9.60 46.69 -12.43
N VAL I 49 10.01 47.83 -12.95
CA VAL I 49 9.94 48.03 -14.37
C VAL I 49 11.33 48.44 -14.83
N ASN I 50 11.72 48.02 -16.01
CA ASN I 50 13.03 48.35 -16.51
C ASN I 50 12.99 48.65 -17.99
N GLU I 51 13.21 49.92 -18.32
CA GLU I 51 13.04 50.45 -19.67
C GLU I 51 14.14 49.96 -20.60
N ILE I 52 15.28 49.67 -20.01
CA ILE I 52 16.44 49.23 -20.76
C ILE I 52 16.26 47.78 -21.17
N THR I 53 16.16 46.89 -20.18
CA THR I 53 16.08 45.45 -20.41
C THR I 53 14.76 44.99 -21.03
N ASN I 54 13.74 45.84 -20.95
CA ASN I 54 12.40 45.54 -21.46
C ASN I 54 11.76 44.40 -20.70
N GLU I 55 11.82 44.49 -19.38
CA GLU I 55 11.28 43.47 -18.51
C GLU I 55 10.46 44.11 -17.41
N VAL I 56 9.38 43.45 -17.04
CA VAL I 56 8.51 43.95 -15.98
C VAL I 56 8.34 42.82 -14.96
N ASP I 57 7.85 43.16 -13.79
CA ASP I 57 7.67 42.21 -12.69
C ASP I 57 6.30 42.46 -12.05
N VAL I 58 5.31 41.62 -12.39
CA VAL I 58 3.92 41.89 -12.01
C VAL I 58 3.42 41.01 -10.86
N VAL I 59 2.41 41.48 -10.14
CA VAL I 59 1.63 40.65 -9.24
C VAL I 59 0.16 40.66 -9.60
N PHE I 60 -0.37 39.52 -10.05
CA PHE I 60 -1.75 39.43 -10.59
C PHE I 60 -2.54 38.19 -10.15
N TRP I 61 -3.74 38.40 -9.58
CA TRP I 61 -4.69 37.33 -9.33
C TRP I 61 -5.16 36.75 -10.65
N GLN I 62 -5.02 35.45 -10.83
CA GLN I 62 -5.43 34.81 -12.08
C GLN I 62 -6.74 34.04 -11.91
N GLN I 63 -7.86 34.64 -12.31
CA GLN I 63 -9.14 33.97 -12.21
C GLN I 63 -9.29 32.97 -13.35
N THR I 64 -9.37 31.69 -13.01
CA THR I 64 -9.52 30.63 -14.00
C THR I 64 -10.80 29.86 -13.74
N THR I 65 -11.62 29.68 -14.76
CA THR I 65 -12.82 28.88 -14.58
C THR I 65 -13.03 27.93 -15.73
N TRP I 66 -13.63 26.78 -15.42
CA TRP I 66 -14.03 25.82 -16.43
C TRP I 66 -15.04 24.96 -15.74
N SER I 67 -15.56 23.95 -16.42
CA SER I 67 -16.55 23.09 -15.76
C SER I 67 -16.29 21.62 -16.04
N ASP I 68 -16.58 20.78 -15.04
CA ASP I 68 -16.51 19.32 -15.18
C ASP I 68 -17.79 18.69 -14.64
N ARG I 69 -18.74 18.40 -15.52
CA ARG I 69 -20.09 18.07 -15.08
C ARG I 69 -20.12 16.75 -14.29
N THR I 70 -19.15 15.87 -14.55
CA THR I 70 -19.04 14.60 -13.83
C THR I 70 -18.84 14.85 -12.32
N LEU I 71 -18.28 16.02 -11.98
CA LEU I 71 -18.10 16.39 -10.58
C LEU I 71 -19.36 16.94 -9.93
N ALA I 72 -20.38 17.20 -10.73
CA ALA I 72 -21.61 17.76 -10.21
C ALA I 72 -22.30 16.80 -9.23
N TRP I 73 -22.95 17.39 -8.22
CA TRP I 73 -23.80 16.64 -7.30
C TRP I 73 -25.06 17.47 -7.04
N ASN I 74 -26.06 16.84 -6.44
CA ASN I 74 -27.32 17.51 -6.17
C ASN I 74 -27.29 18.21 -4.80
N SER I 75 -27.39 19.54 -4.80
CA SER I 75 -27.15 20.34 -3.60
C SER I 75 -28.39 20.76 -2.78
N SER I 76 -29.52 20.10 -2.99
CA SER I 76 -30.77 20.51 -2.33
C SER I 76 -30.69 20.59 -0.81
N HIS I 77 -30.00 19.65 -0.18
CA HIS I 77 -29.79 19.72 1.26
C HIS I 77 -28.35 19.42 1.66
N SER I 78 -27.45 19.65 0.72
CA SER I 78 -26.01 19.57 0.93
C SER I 78 -25.38 20.91 0.47
N PRO I 79 -24.12 21.20 0.87
CA PRO I 79 -23.45 22.46 0.54
C PRO I 79 -23.38 22.77 -0.95
N ASP I 80 -23.26 24.05 -1.30
CA ASP I 80 -23.28 24.51 -2.70
C ASP I 80 -21.92 24.48 -3.36
N GLN I 81 -20.88 24.59 -2.53
CA GLN I 81 -19.51 24.48 -3.01
C GLN I 81 -18.56 24.06 -1.89
N VAL I 82 -17.44 23.45 -2.27
CA VAL I 82 -16.38 23.12 -1.31
C VAL I 82 -15.03 23.56 -1.84
N SER I 83 -14.02 23.61 -0.96
CA SER I 83 -12.64 23.89 -1.36
C SER I 83 -11.92 22.57 -1.51
N VAL I 84 -11.10 22.46 -2.54
CA VAL I 84 -10.45 21.20 -2.86
C VAL I 84 -8.99 21.49 -3.20
N PRO I 85 -8.05 20.80 -2.54
CA PRO I 85 -6.64 20.98 -2.90
C PRO I 85 -6.43 20.67 -4.38
N ILE I 86 -5.76 21.55 -5.12
CA ILE I 86 -5.66 21.38 -6.58
C ILE I 86 -5.02 20.06 -7.06
N SER I 87 -4.23 19.43 -6.21
CA SER I 87 -3.68 18.12 -6.58
C SER I 87 -4.76 17.00 -6.72
N SER I 88 -5.97 17.27 -6.24
CA SER I 88 -7.09 16.36 -6.42
C SER I 88 -7.89 16.58 -7.71
N LEU I 89 -7.59 17.64 -8.48
CA LEU I 89 -8.39 17.95 -9.66
C LEU I 89 -7.52 18.20 -10.89
N TRP I 90 -8.08 17.98 -12.07
CA TRP I 90 -7.43 18.44 -13.27
C TRP I 90 -7.46 19.95 -13.23
N VAL I 91 -6.36 20.57 -13.65
CA VAL I 91 -6.23 22.02 -13.72
C VAL I 91 -5.53 22.32 -15.04
N PRO I 92 -6.03 23.30 -15.79
CA PRO I 92 -5.50 23.49 -17.14
C PRO I 92 -4.02 23.88 -17.16
N ASP I 93 -3.26 23.32 -18.10
CA ASP I 93 -1.82 23.56 -18.17
C ASP I 93 -1.45 24.90 -18.83
N LEU I 94 -1.92 25.99 -18.22
CA LEU I 94 -1.70 27.34 -18.74
C LEU I 94 -0.24 27.77 -18.65
N ALA I 95 0.20 28.54 -19.63
CA ALA I 95 1.55 29.09 -19.64
C ALA I 95 1.57 30.50 -20.23
N ALA I 96 2.33 31.41 -19.64
CA ALA I 96 2.51 32.74 -20.22
C ALA I 96 3.64 32.70 -21.25
N TYR I 97 3.33 32.88 -22.52
CA TYR I 97 4.31 32.73 -23.62
C TYR I 97 5.55 33.58 -23.49
N ASN I 98 5.39 34.75 -22.88
CA ASN I 98 6.50 35.69 -22.72
C ASN I 98 6.86 35.82 -21.24
N ALA I 99 6.81 34.71 -20.53
CA ALA I 99 7.23 34.71 -19.15
C ALA I 99 8.75 34.54 -19.16
N ILE I 100 9.41 35.05 -18.13
CA ILE I 100 10.84 34.86 -18.00
C ILE I 100 11.28 34.42 -16.60
N SER I 101 10.33 34.37 -15.67
CA SER I 101 10.55 33.71 -14.39
C SER I 101 9.43 32.68 -14.16
N LYS I 102 9.65 31.73 -13.26
CA LYS I 102 8.59 30.77 -12.91
C LYS I 102 7.45 31.54 -12.32
N PRO I 103 6.23 31.03 -12.48
CA PRO I 103 5.17 31.65 -11.67
C PRO I 103 5.44 31.38 -10.20
N GLU I 104 5.31 32.40 -9.37
CA GLU I 104 5.50 32.22 -7.94
C GLU I 104 4.14 32.36 -7.28
N VAL I 105 3.60 31.26 -6.78
CA VAL I 105 2.26 31.28 -6.23
C VAL I 105 2.28 31.77 -4.78
N LEU I 106 1.48 32.81 -4.50
CA LEU I 106 1.48 33.41 -3.18
C LEU I 106 0.30 32.96 -2.31
N THR I 107 -0.61 32.20 -2.89
CA THR I 107 -1.83 31.84 -2.17
C THR I 107 -1.91 30.35 -1.93
N PRO I 108 -2.76 29.92 -0.97
CA PRO I 108 -3.01 28.49 -0.75
C PRO I 108 -3.49 27.86 -2.06
N GLN I 109 -2.90 26.73 -2.44
CA GLN I 109 -3.33 26.03 -3.63
C GLN I 109 -4.69 25.31 -3.41
N LEU I 110 -5.76 26.10 -3.33
CA LEU I 110 -7.11 25.54 -3.18
C LEU I 110 -8.02 26.02 -4.30
N ALA I 111 -8.88 25.14 -4.80
CA ALA I 111 -9.88 25.55 -5.77
C ALA I 111 -11.25 25.48 -5.14
N ARG I 112 -12.25 26.00 -5.83
CA ARG I 112 -13.63 25.78 -5.39
C ARG I 112 -14.35 24.96 -6.45
N VAL I 113 -15.09 23.98 -5.99
CA VAL I 113 -15.97 23.25 -6.89
C VAL I 113 -17.41 23.54 -6.50
N VAL I 114 -18.20 23.95 -7.48
CA VAL I 114 -19.61 24.25 -7.27
C VAL I 114 -20.43 23.03 -7.70
N SER I 115 -21.55 22.85 -6.99
CA SER I 115 -22.47 21.74 -7.20
C SER I 115 -22.90 21.48 -8.64
N ASP I 116 -22.88 22.51 -9.48
CA ASP I 116 -23.19 22.36 -10.90
C ASP I 116 -21.98 21.91 -11.72
N GLY I 117 -20.84 21.74 -11.07
CA GLY I 117 -19.65 21.20 -11.71
C GLY I 117 -18.62 22.24 -12.11
N GLU I 118 -18.89 23.49 -11.75
CA GLU I 118 -18.00 24.58 -12.10
C GLU I 118 -16.77 24.55 -11.20
N VAL I 119 -15.60 24.69 -11.82
CA VAL I 119 -14.34 24.76 -11.08
C VAL I 119 -13.72 26.16 -11.19
N LEU I 120 -13.42 26.77 -10.04
CA LEU I 120 -12.80 28.08 -9.99
C LEU I 120 -11.50 27.97 -9.25
N TYR I 121 -10.45 28.47 -9.88
CA TYR I 121 -9.12 28.50 -9.28
C TYR I 121 -8.47 29.87 -9.54
N MET I 122 -8.29 30.65 -8.48
CA MET I 122 -7.70 32.00 -8.61
C MET I 122 -6.47 32.20 -7.72
N PRO I 123 -5.30 31.76 -8.20
CA PRO I 123 -4.07 32.01 -7.46
C PRO I 123 -3.50 33.43 -7.69
N SER I 124 -3.02 34.04 -6.61
CA SER I 124 -2.20 35.24 -6.73
C SER I 124 -0.81 34.84 -7.22
N ILE I 125 -0.27 35.60 -8.15
CA ILE I 125 0.99 35.21 -8.79
C ILE I 125 1.95 36.39 -8.93
N ARG I 126 3.18 36.22 -8.45
CA ARG I 126 4.25 37.14 -8.80
C ARG I 126 5.10 36.52 -9.89
N GLN I 127 5.37 37.26 -10.95
CA GLN I 127 6.11 36.73 -12.08
C GLN I 127 6.68 37.85 -12.96
N ARG I 128 7.75 37.53 -13.66
CA ARG I 128 8.50 38.45 -14.50
C ARG I 128 8.25 38.20 -16.01
N PHE I 129 8.10 39.28 -16.78
CA PHE I 129 7.82 39.15 -18.22
C PHE I 129 8.70 39.99 -19.14
N SER I 130 8.76 39.53 -20.38
CA SER I 130 9.38 40.25 -21.49
C SER I 130 8.31 40.92 -22.34
N CYS I 131 8.22 42.23 -22.21
CA CYS I 131 7.27 43.02 -22.98
C CYS I 131 7.77 44.47 -23.10
N ASP I 132 7.18 45.23 -24.02
CA ASP I 132 7.61 46.61 -24.32
C ASP I 132 7.36 47.61 -23.18
N VAL I 133 8.44 48.13 -22.61
CA VAL I 133 8.30 49.03 -21.47
C VAL I 133 8.51 50.50 -21.86
N SER I 134 9.00 50.73 -23.07
CA SER I 134 9.27 52.08 -23.55
C SER I 134 8.04 52.99 -23.47
N GLY I 135 8.19 54.11 -22.78
CA GLY I 135 7.13 55.09 -22.65
C GLY I 135 6.52 55.14 -21.27
N VAL I 136 7.08 54.35 -20.36
CA VAL I 136 6.56 54.25 -19.00
C VAL I 136 6.47 55.62 -18.32
N ASP I 137 7.36 56.52 -18.72
CA ASP I 137 7.51 57.83 -18.07
C ASP I 137 6.89 58.98 -18.87
N THR I 138 6.54 58.72 -20.13
CA THR I 138 5.68 59.63 -20.90
C THR I 138 4.25 59.55 -20.37
N GLU I 139 3.38 60.47 -20.79
CA GLU I 139 2.03 60.52 -20.25
C GLU I 139 1.12 59.50 -20.94
N SER I 140 1.62 58.94 -22.04
CA SER I 140 0.91 57.90 -22.78
C SER I 140 1.19 56.50 -22.23
N GLY I 141 2.14 56.40 -21.29
CA GLY I 141 2.51 55.13 -20.68
C GLY I 141 3.09 54.09 -21.64
N ALA I 142 3.53 52.97 -21.08
CA ALA I 142 4.01 51.86 -21.90
C ALA I 142 2.86 50.89 -22.15
N THR I 143 3.01 50.03 -23.15
CA THR I 143 2.00 49.01 -23.42
C THR I 143 2.56 47.60 -23.40
N CYS I 144 2.25 46.89 -22.33
CA CYS I 144 2.76 45.55 -22.07
C CYS I 144 1.74 44.50 -22.51
N ARG I 145 2.12 43.67 -23.48
CA ARG I 145 1.24 42.58 -23.93
C ARG I 145 1.68 41.20 -23.41
N ILE I 146 0.85 40.61 -22.54
CA ILE I 146 1.12 39.29 -21.97
C ILE I 146 0.20 38.22 -22.57
N LYS I 147 0.78 37.18 -23.15
CA LYS I 147 0.03 36.19 -23.92
C LYS I 147 -0.05 34.83 -23.20
N ILE I 148 -1.26 34.42 -22.80
CA ILE I 148 -1.48 33.19 -22.02
C ILE I 148 -2.35 32.13 -22.67
N GLY I 149 -1.84 30.91 -22.82
CA GLY I 149 -2.66 29.81 -23.31
C GLY I 149 -2.30 28.45 -22.73
N SER I 150 -3.04 27.42 -23.14
CA SER I 150 -2.68 26.06 -22.80
C SER I 150 -1.32 25.78 -23.38
N TRP I 151 -0.51 25.05 -22.64
CA TRP I 151 0.85 24.79 -23.11
C TRP I 151 1.01 23.56 -24.00
N THR I 152 0.21 22.52 -23.79
CA THR I 152 0.35 21.29 -24.59
C THR I 152 -0.91 20.91 -25.37
N HIS I 153 -2.06 21.44 -24.96
CA HIS I 153 -3.32 21.11 -25.61
C HIS I 153 -3.75 22.07 -26.71
N HIS I 154 -3.87 21.54 -27.92
CA HIS I 154 -4.30 22.29 -29.08
C HIS I 154 -5.77 22.62 -28.90
N SER I 155 -6.25 23.57 -29.69
CA SER I 155 -7.55 24.18 -29.43
C SER I 155 -8.66 23.13 -29.44
N ARG I 156 -8.59 22.16 -30.34
CA ARG I 156 -9.65 21.15 -30.38
C ARG I 156 -9.80 20.46 -29.02
N GLU I 157 -8.74 20.51 -28.21
CA GLU I 157 -8.77 19.93 -26.87
C GLU I 157 -9.11 20.96 -25.78
N ILE I 158 -8.45 22.12 -25.78
CA ILE I 158 -8.81 23.20 -24.87
C ILE I 158 -9.05 24.53 -25.62
N SER I 159 -10.01 25.31 -25.16
CA SER I 159 -10.23 26.64 -25.74
C SER I 159 -10.18 27.71 -24.64
N VAL I 160 -9.66 28.89 -24.98
CA VAL I 160 -9.49 29.95 -23.99
C VAL I 160 -10.23 31.23 -24.35
N ASP I 161 -11.27 31.53 -23.57
CA ASP I 161 -12.16 32.63 -23.89
C ASP I 161 -12.37 33.58 -22.71
N PRO I 162 -11.74 34.77 -22.76
CA PRO I 162 -11.83 35.84 -21.78
C PRO I 162 -13.26 36.07 -21.27
N THR I 163 -13.38 36.39 -19.99
CA THR I 163 -14.68 36.46 -19.34
C THR I 163 -15.51 37.64 -19.83
N SER I 167 -14.05 42.69 -18.21
CA SER I 167 -13.99 43.00 -16.78
C SER I 167 -12.98 44.09 -16.49
N ASP I 168 -12.98 44.59 -15.25
CA ASP I 168 -12.06 45.63 -14.83
C ASP I 168 -10.86 45.00 -14.12
N ASP I 169 -9.79 44.74 -14.87
CA ASP I 169 -8.61 44.04 -14.36
C ASP I 169 -7.73 44.93 -13.48
N SER I 170 -7.97 46.23 -13.57
CA SER I 170 -7.20 47.22 -12.84
C SER I 170 -7.92 47.62 -11.56
N GLU I 171 -8.99 46.91 -11.23
CA GLU I 171 -9.88 47.34 -10.15
C GLU I 171 -9.36 47.03 -8.74
N TYR I 172 -8.39 46.13 -8.62
CA TYR I 172 -7.86 45.78 -7.30
C TYR I 172 -6.40 46.21 -7.19
N PHE I 173 -6.01 47.15 -8.03
CA PHE I 173 -4.63 47.59 -8.08
C PHE I 173 -4.30 48.44 -6.84
N SER I 174 -3.08 48.27 -6.34
CA SER I 174 -2.64 48.94 -5.14
C SER I 174 -2.49 50.43 -5.41
N GLN I 175 -3.18 51.23 -4.60
CA GLN I 175 -3.05 52.68 -4.69
C GLN I 175 -1.64 53.08 -4.32
N TYR I 176 -0.94 52.21 -3.60
CA TYR I 176 0.39 52.53 -3.11
C TYR I 176 1.51 52.29 -4.12
N SER I 177 1.17 51.61 -5.21
CA SER I 177 2.16 51.35 -6.25
C SER I 177 2.90 52.61 -6.72
N ARG I 178 4.14 52.41 -7.14
CA ARG I 178 4.96 53.45 -7.76
C ARG I 178 4.46 53.65 -9.19
N PHE I 179 3.34 53.01 -9.51
CA PHE I 179 2.75 53.10 -10.85
C PHE I 179 1.24 53.23 -10.80
N GLU I 180 0.65 53.36 -11.98
CA GLU I 180 -0.80 53.41 -12.13
C GLU I 180 -1.16 52.89 -13.50
N ILE I 181 -2.33 52.27 -13.57
CA ILE I 181 -2.81 51.66 -14.81
C ILE I 181 -3.75 52.62 -15.54
N LEU I 182 -3.33 53.00 -16.76
CA LEU I 182 -4.16 53.80 -17.66
C LEU I 182 -5.39 53.05 -18.18
N ASP I 183 -5.17 51.79 -18.53
CA ASP I 183 -6.21 50.92 -19.08
C ASP I 183 -5.77 49.46 -19.14
N VAL I 184 -6.72 48.56 -19.33
CA VAL I 184 -6.40 47.15 -19.61
C VAL I 184 -7.45 46.52 -20.55
N THR I 185 -6.99 45.77 -21.55
CA THR I 185 -7.86 45.13 -22.53
C THR I 185 -7.53 43.65 -22.66
N GLN I 186 -8.53 42.81 -22.95
CA GLN I 186 -8.28 41.36 -23.15
C GLN I 186 -8.91 40.81 -24.43
N LYS I 187 -8.07 40.27 -25.28
CA LYS I 187 -8.50 39.85 -26.61
C LYS I 187 -8.11 38.38 -26.81
N LYS I 188 -8.97 37.63 -27.49
CA LYS I 188 -8.68 36.23 -27.81
C LYS I 188 -7.88 36.13 -29.12
N ASN I 189 -6.77 35.41 -29.05
CA ASN I 189 -6.00 35.12 -30.25
C ASN I 189 -5.75 33.64 -30.36
N SER I 190 -5.00 33.26 -31.37
CA SER I 190 -4.59 31.88 -31.53
C SER I 190 -3.15 31.95 -31.98
N VAL I 191 -2.60 30.80 -32.37
CA VAL I 191 -1.26 30.75 -32.97
C VAL I 191 -1.04 29.40 -33.65
N THR I 192 -0.51 29.43 -34.87
CA THR I 192 -0.08 28.22 -35.56
C THR I 192 1.45 28.20 -35.61
N TYR I 193 2.04 27.03 -35.35
CA TYR I 193 3.48 26.87 -35.35
C TYR I 193 3.94 26.16 -36.60
N PRO I 197 1.27 22.97 -37.79
CA PRO I 197 0.31 21.91 -38.12
C PRO I 197 -1.04 22.01 -37.39
N GLU I 198 -1.06 22.63 -36.21
CA GLU I 198 -2.27 22.80 -35.40
C GLU I 198 -2.17 24.02 -34.45
N ALA I 199 -3.29 24.46 -33.88
CA ALA I 199 -3.35 25.81 -33.25
C ALA I 199 -3.64 25.88 -31.74
N TYR I 200 -3.00 26.83 -31.06
CA TYR I 200 -3.13 26.99 -29.62
C TYR I 200 -3.83 28.29 -29.25
N GLU I 201 -5.11 28.21 -28.92
CA GLU I 201 -5.86 29.36 -28.42
C GLU I 201 -5.17 30.02 -27.22
N ASP I 202 -5.26 31.35 -27.15
CA ASP I 202 -4.70 32.08 -26.01
C ASP I 202 -5.45 33.36 -25.69
N VAL I 203 -4.99 34.07 -24.66
CA VAL I 203 -5.55 35.34 -24.27
C VAL I 203 -4.48 36.44 -24.19
N GLU I 204 -4.57 37.41 -25.10
CA GLU I 204 -3.67 38.55 -25.07
C GLU I 204 -4.17 39.58 -24.07
N VAL I 205 -3.38 39.86 -23.05
CA VAL I 205 -3.69 40.95 -22.14
C VAL I 205 -2.82 42.14 -22.47
N SER I 206 -3.45 43.28 -22.72
CA SER I 206 -2.73 44.51 -22.98
C SER I 206 -2.89 45.47 -21.81
N LEU I 207 -1.76 45.87 -21.24
CA LEU I 207 -1.72 46.65 -20.02
C LEU I 207 -1.00 47.99 -20.24
N ASN I 208 -1.78 49.06 -20.32
CA ASN I 208 -1.28 50.45 -20.47
C ASN I 208 -1.00 51.08 -19.10
N PHE I 209 0.27 51.26 -18.77
CA PHE I 209 0.61 51.79 -17.45
C PHE I 209 1.69 52.86 -17.55
N ARG I 210 1.82 53.67 -16.51
CA ARG I 210 2.88 54.66 -16.47
C ARG I 210 3.34 54.96 -15.04
N LYS I 211 4.51 55.58 -14.92
CA LYS I 211 4.99 56.02 -13.60
C LYS I 211 4.04 57.06 -12.99
N LYS I 212 3.78 56.97 -11.69
CA LYS I 212 2.89 57.94 -11.06
C LYS I 212 3.55 59.30 -10.99
N GLY I 213 2.79 60.32 -10.57
CA GLY I 213 3.32 61.66 -10.42
C GLY I 213 3.80 62.29 -11.72
N ASP J 1 -8.14 8.95 -34.56
CA ASP J 1 -8.99 9.82 -35.37
C ASP J 1 -8.98 11.26 -34.86
N TYR J 2 -9.64 12.14 -35.61
CA TYR J 2 -9.74 13.55 -35.26
C TYR J 2 -11.04 13.82 -34.53
N LYS J 3 -12.12 13.20 -35.01
CA LYS J 3 -13.43 13.42 -34.41
C LYS J 3 -13.54 12.75 -33.04
N ASP J 4 -12.48 12.04 -32.65
CA ASP J 4 -12.47 11.28 -31.40
C ASP J 4 -11.44 11.79 -30.37
N ASP J 5 -10.72 12.86 -30.70
CA ASP J 5 -9.73 13.45 -29.80
C ASP J 5 -10.33 13.78 -28.43
N ASP J 6 -11.61 14.15 -28.41
CA ASP J 6 -12.24 14.56 -27.15
C ASP J 6 -13.10 13.51 -26.43
N ASP J 7 -12.97 12.23 -26.78
CA ASP J 7 -13.63 11.20 -26.00
C ASP J 7 -12.87 11.06 -24.68
N LYS J 8 -13.49 11.45 -23.58
CA LYS J 8 -12.77 11.47 -22.32
C LYS J 8 -12.29 10.10 -21.89
N LEU J 9 -13.17 9.10 -22.01
CA LEU J 9 -12.89 7.74 -21.56
C LEU J 9 -11.71 7.14 -22.32
N ASP J 10 -11.74 7.29 -23.63
CA ASP J 10 -10.65 6.84 -24.50
C ASP J 10 -9.31 7.46 -24.08
N ARG J 11 -9.36 8.70 -23.62
CA ARG J 11 -8.15 9.40 -23.20
C ARG J 11 -7.64 8.78 -21.91
N ALA J 12 -8.53 8.70 -20.92
CA ALA J 12 -8.22 8.11 -19.64
C ALA J 12 -7.69 6.68 -19.79
N ASP J 13 -8.23 5.96 -20.79
CA ASP J 13 -7.79 4.61 -21.09
C ASP J 13 -6.43 4.57 -21.76
N ILE J 14 -6.18 5.46 -22.70
CA ILE J 14 -4.85 5.60 -23.30
C ILE J 14 -3.81 5.86 -22.21
N LEU J 15 -4.15 6.72 -21.26
CA LEU J 15 -3.27 7.03 -20.15
C LEU J 15 -2.94 5.79 -19.33
N TYR J 16 -3.99 5.06 -18.94
CA TYR J 16 -3.86 3.76 -18.27
C TYR J 16 -2.95 2.81 -19.05
N ASN J 17 -3.19 2.66 -20.34
CA ASN J 17 -2.29 1.85 -21.16
C ASN J 17 -0.85 2.33 -21.02
N ILE J 18 -0.61 3.61 -21.29
CA ILE J 18 0.72 4.20 -21.22
C ILE J 18 1.35 3.98 -19.84
N ARG J 19 0.60 4.21 -18.77
CA ARG J 19 1.18 4.05 -17.44
C ARG J 19 1.49 2.59 -17.10
N GLN J 20 0.73 1.69 -17.70
CA GLN J 20 0.99 0.28 -17.49
C GLN J 20 2.27 -0.15 -18.20
N THR J 21 2.38 0.13 -19.49
CA THR J 21 3.56 -0.32 -20.24
C THR J 21 4.84 0.53 -20.03
N SER J 22 4.70 1.78 -19.61
CA SER J 22 5.86 2.67 -19.55
C SER J 22 6.82 2.40 -18.39
N ARG J 23 8.10 2.35 -18.72
CA ARG J 23 9.14 2.24 -17.72
C ARG J 23 9.97 3.52 -17.66
N PRO J 24 9.59 4.45 -16.77
CA PRO J 24 10.21 5.76 -16.55
C PRO J 24 11.75 5.77 -16.43
N ASP J 25 12.38 4.68 -16.00
CA ASP J 25 13.80 4.71 -15.65
C ASP J 25 14.71 3.82 -16.52
N VAL J 26 14.16 3.30 -17.61
CA VAL J 26 14.90 2.40 -18.49
C VAL J 26 14.89 2.96 -19.92
N ILE J 27 16.03 2.95 -20.60
CA ILE J 27 16.07 3.55 -21.95
C ILE J 27 15.30 2.72 -22.96
N PRO J 28 14.45 3.38 -23.75
CA PRO J 28 13.59 2.72 -24.74
C PRO J 28 14.32 2.31 -26.00
N THR J 29 15.31 1.44 -25.88
CA THR J 29 16.03 0.94 -27.04
C THR J 29 15.23 -0.16 -27.72
N GLN J 30 15.01 0.00 -29.02
CA GLN J 30 14.20 -0.88 -29.81
C GLN J 30 15.02 -1.52 -30.86
N ARG J 31 15.00 -2.85 -30.94
CA ARG J 31 15.63 -3.57 -32.04
C ARG J 31 17.16 -3.57 -32.02
N ASP J 32 17.74 -3.24 -30.87
CA ASP J 32 19.20 -3.24 -30.75
C ASP J 32 19.85 -1.98 -31.35
N ARG J 33 19.02 -1.00 -31.72
CA ARG J 33 19.51 0.26 -32.25
C ARG J 33 19.26 1.33 -31.19
N PRO J 34 20.30 2.12 -30.86
CA PRO J 34 20.20 2.99 -29.67
C PRO J 34 19.12 4.09 -29.75
N VAL J 35 18.79 4.82 -28.67
CA VAL J 35 17.64 5.72 -28.82
C VAL J 35 17.99 6.98 -29.59
N ALA J 36 17.33 7.18 -30.73
CA ALA J 36 17.47 8.41 -31.48
C ALA J 36 16.67 9.57 -30.88
N VAL J 37 17.32 10.35 -30.02
CA VAL J 37 16.73 11.59 -29.52
C VAL J 37 17.04 12.75 -30.48
N SER J 38 16.02 13.52 -30.83
CA SER J 38 16.15 14.68 -31.71
C SER J 38 16.01 15.99 -30.94
N VAL J 39 17.06 16.80 -30.90
CA VAL J 39 16.96 18.13 -30.28
C VAL J 39 17.01 19.28 -31.27
N SER J 40 16.48 20.41 -30.86
CA SER J 40 16.72 21.70 -31.49
C SER J 40 16.19 22.78 -30.57
N LEU J 41 17.06 23.69 -30.17
CA LEU J 41 16.64 24.81 -29.33
C LEU J 41 15.98 25.89 -30.18
N LYS J 42 14.89 26.46 -29.68
CA LYS J 42 14.29 27.60 -30.32
C LYS J 42 14.42 28.73 -29.33
N PHE J 43 15.23 29.72 -29.67
CA PHE J 43 15.51 30.81 -28.76
C PHE J 43 14.37 31.80 -28.70
N ILE J 44 14.08 32.26 -27.49
CA ILE J 44 12.91 33.06 -27.19
C ILE J 44 13.37 34.37 -26.58
N ASN J 45 14.48 34.33 -25.84
CA ASN J 45 15.00 35.55 -25.24
C ASN J 45 16.46 35.53 -24.79
N ILE J 46 17.08 36.70 -24.78
CA ILE J 46 18.40 36.89 -24.18
C ILE J 46 18.30 38.04 -23.20
N LEU J 47 18.31 37.72 -21.91
CA LEU J 47 17.94 38.68 -20.87
C LEU J 47 19.11 39.39 -20.23
N GLU J 48 20.29 38.85 -20.46
CA GLU J 48 21.48 39.42 -19.91
C GLU J 48 22.63 39.01 -20.79
N VAL J 49 23.68 39.82 -20.75
CA VAL J 49 24.94 39.45 -21.33
C VAL J 49 26.02 40.19 -20.54
N ASN J 50 27.08 39.50 -20.19
CA ASN J 50 28.18 40.11 -19.46
C ASN J 50 29.50 39.95 -20.21
N GLU J 51 30.02 41.05 -20.76
CA GLU J 51 31.31 41.04 -21.44
C GLU J 51 32.41 40.90 -20.40
N ILE J 52 32.13 41.37 -19.19
CA ILE J 52 33.02 41.23 -18.04
C ILE J 52 33.20 39.75 -17.66
N THR J 53 32.14 39.13 -17.16
CA THR J 53 32.24 37.78 -16.58
C THR J 53 32.09 36.64 -17.60
N ASN J 54 31.65 36.97 -18.81
CA ASN J 54 31.38 35.97 -19.85
C ASN J 54 30.20 35.09 -19.46
N GLU J 55 29.09 35.74 -19.16
CA GLU J 55 27.89 35.05 -18.71
C GLU J 55 26.69 35.51 -19.51
N VAL J 56 26.01 34.58 -20.16
CA VAL J 56 24.75 34.87 -20.81
C VAL J 56 23.60 34.20 -20.04
N ASP J 57 22.46 34.88 -19.95
CA ASP J 57 21.28 34.35 -19.30
C ASP J 57 20.21 34.28 -20.37
N VAL J 58 19.88 33.08 -20.82
CA VAL J 58 18.93 32.92 -21.93
C VAL J 58 17.66 32.14 -21.60
N VAL J 59 16.67 32.29 -22.47
CA VAL J 59 15.40 31.61 -22.35
C VAL J 59 15.17 30.90 -23.67
N PHE J 60 14.95 29.59 -23.63
CA PHE J 60 14.82 28.85 -24.87
C PHE J 60 13.87 27.69 -24.72
N TRP J 61 13.30 27.27 -25.85
CA TRP J 61 12.45 26.09 -25.93
C TRP J 61 13.31 24.93 -26.39
N GLN J 62 13.33 23.88 -25.58
CA GLN J 62 14.12 22.69 -25.89
C GLN J 62 13.21 21.63 -26.50
N GLN J 63 13.11 21.61 -27.83
CA GLN J 63 12.31 20.61 -28.52
C GLN J 63 13.02 19.29 -28.51
N THR J 64 12.40 18.33 -27.83
CA THR J 64 12.95 17.01 -27.70
C THR J 64 11.89 16.02 -28.17
N THR J 65 12.31 15.09 -29.04
CA THR J 65 11.41 14.08 -29.58
C THR J 65 12.15 12.76 -29.71
N TRP J 66 11.41 11.67 -29.57
CA TRP J 66 11.99 10.32 -29.66
C TRP J 66 10.88 9.29 -29.77
N SER J 67 11.25 8.07 -30.12
CA SER J 67 10.27 7.02 -30.22
C SER J 67 10.39 5.93 -29.18
N ASP J 68 9.22 5.56 -28.64
CA ASP J 68 9.01 4.37 -27.80
C ASP J 68 7.81 3.62 -28.41
N ARG J 69 8.08 2.73 -29.35
CA ARG J 69 7.04 2.05 -30.10
C ARG J 69 6.16 1.17 -29.20
N THR J 70 6.67 0.75 -28.04
CA THR J 70 5.86 -0.07 -27.16
C THR J 70 4.72 0.71 -26.51
N LEU J 71 4.71 2.03 -26.69
CA LEU J 71 3.64 2.89 -26.19
C LEU J 71 2.53 3.08 -27.21
N ALA J 72 2.74 2.53 -28.41
CA ALA J 72 1.85 2.77 -29.54
C ALA J 72 0.52 2.04 -29.42
N TRP J 73 -0.51 2.63 -30.00
CA TRP J 73 -1.84 2.05 -30.01
C TRP J 73 -2.56 2.31 -31.34
N ASN J 74 -3.65 1.62 -31.56
CA ASN J 74 -4.54 1.89 -32.67
C ASN J 74 -5.49 3.06 -32.43
N SER J 75 -5.43 4.03 -33.33
CA SER J 75 -6.15 5.28 -33.23
C SER J 75 -7.20 5.40 -34.29
N SER J 76 -7.66 4.28 -34.78
CA SER J 76 -8.64 4.26 -35.83
C SER J 76 -9.85 4.93 -35.33
N HIS J 77 -10.08 4.79 -34.03
CA HIS J 77 -11.25 5.41 -33.39
C HIS J 77 -10.98 5.93 -31.98
N SER J 78 -9.71 6.17 -31.66
CA SER J 78 -9.33 6.72 -30.36
C SER J 78 -8.41 7.92 -30.60
N PRO J 79 -8.35 8.86 -29.67
CA PRO J 79 -7.63 10.12 -29.97
C PRO J 79 -6.12 9.97 -30.22
N ASP J 80 -5.63 10.72 -31.21
CA ASP J 80 -4.36 10.49 -31.88
C ASP J 80 -3.16 10.71 -30.97
N GLN J 81 -3.34 11.52 -29.94
CA GLN J 81 -2.30 11.78 -28.95
C GLN J 81 -2.86 12.35 -27.66
N VAL J 82 -2.07 12.30 -26.58
CA VAL J 82 -2.51 12.80 -25.29
C VAL J 82 -1.35 13.52 -24.59
N SER J 83 -1.69 14.36 -23.62
CA SER J 83 -0.67 14.91 -22.75
C SER J 83 -0.42 13.93 -21.62
N VAL J 84 0.85 13.72 -21.27
CA VAL J 84 1.21 12.82 -20.19
C VAL J 84 2.22 13.48 -19.26
N PRO J 85 2.01 13.44 -17.94
CA PRO J 85 3.02 14.01 -17.04
C PRO J 85 4.36 13.28 -17.20
N ILE J 86 5.48 14.00 -17.22
CA ILE J 86 6.76 13.32 -17.46
C ILE J 86 7.20 12.38 -16.33
N SER J 87 6.60 12.55 -15.15
CA SER J 87 6.83 11.59 -14.09
C SER J 87 6.49 10.15 -14.53
N SER J 88 5.52 10.01 -15.44
CA SER J 88 5.07 8.70 -15.95
C SER J 88 5.90 8.16 -17.12
N LEU J 89 6.76 8.99 -17.70
CA LEU J 89 7.49 8.57 -18.90
C LEU J 89 8.99 8.67 -18.72
N TRP J 90 9.72 7.88 -19.48
CA TRP J 90 11.15 8.09 -19.58
C TRP J 90 11.40 9.37 -20.39
N VAL J 91 12.25 10.25 -19.86
CA VAL J 91 12.77 11.39 -20.59
C VAL J 91 14.31 11.30 -20.63
N PRO J 92 14.92 11.73 -21.73
CA PRO J 92 16.39 11.74 -21.85
C PRO J 92 17.06 12.62 -20.78
N ASP J 93 18.16 12.15 -20.17
CA ASP J 93 18.86 12.93 -19.16
C ASP J 93 19.80 13.98 -19.79
N LEU J 94 19.22 15.01 -20.38
CA LEU J 94 20.02 15.96 -21.13
C LEU J 94 20.79 16.86 -20.16
N ALA J 95 22.00 17.21 -20.53
CA ALA J 95 22.78 18.14 -19.74
C ALA J 95 23.46 19.10 -20.70
N ALA J 96 23.64 20.34 -20.25
CA ALA J 96 24.46 21.29 -21.01
C ALA J 96 25.78 21.46 -20.30
N TYR J 97 26.87 21.15 -21.00
CA TYR J 97 28.22 21.13 -20.41
C TYR J 97 28.68 22.47 -19.86
N ASN J 98 28.33 23.55 -20.58
CA ASN J 98 28.77 24.89 -20.17
C ASN J 98 27.73 25.67 -19.36
N ALA J 99 26.74 24.96 -18.85
CA ALA J 99 25.73 25.59 -18.00
C ALA J 99 26.37 25.97 -16.67
N ILE J 100 25.97 27.10 -16.10
CA ILE J 100 26.50 27.48 -14.79
C ILE J 100 25.42 27.82 -13.78
N SER J 101 24.15 27.67 -14.18
CA SER J 101 23.04 27.68 -13.22
C SER J 101 22.18 26.43 -13.44
N LYS J 102 21.27 26.14 -12.51
CA LYS J 102 20.30 25.07 -12.67
C LYS J 102 19.35 25.38 -13.84
N PRO J 103 18.85 24.35 -14.54
CA PRO J 103 17.81 24.73 -15.50
C PRO J 103 16.49 25.07 -14.80
N GLU J 104 16.03 26.31 -14.96
CA GLU J 104 14.76 26.73 -14.38
C GLU J 104 13.67 26.47 -15.44
N VAL J 105 12.88 25.42 -15.22
CA VAL J 105 11.81 25.08 -16.18
C VAL J 105 10.62 26.00 -15.95
N LEU J 106 10.19 26.67 -17.02
CA LEU J 106 9.19 27.75 -16.90
C LEU J 106 7.78 27.26 -17.23
N THR J 107 7.69 26.09 -17.87
CA THR J 107 6.42 25.60 -18.42
C THR J 107 5.83 24.41 -17.64
N PRO J 108 4.55 24.07 -17.93
CA PRO J 108 3.99 22.88 -17.27
C PRO J 108 4.67 21.64 -17.77
N GLN J 109 4.81 20.71 -16.84
CA GLN J 109 5.73 19.61 -16.97
C GLN J 109 5.05 18.41 -17.65
N LEU J 110 4.53 18.64 -18.86
CA LEU J 110 3.82 17.59 -19.59
C LEU J 110 4.48 17.30 -20.92
N ALA J 111 4.42 16.04 -21.36
CA ALA J 111 4.89 15.67 -22.68
C ALA J 111 3.68 15.33 -23.53
N ARG J 112 3.88 15.20 -24.84
CA ARG J 112 2.81 14.65 -25.68
C ARG J 112 3.27 13.29 -26.11
N VAL J 113 2.34 12.34 -26.12
CA VAL J 113 2.59 10.99 -26.60
C VAL J 113 1.69 10.75 -27.80
N VAL J 114 2.28 10.37 -28.92
CA VAL J 114 1.51 10.15 -30.14
C VAL J 114 1.19 8.67 -30.37
N SER J 115 0.09 8.40 -31.07
CA SER J 115 -0.42 7.03 -31.21
C SER J 115 0.47 6.05 -31.97
N ASP J 116 1.56 6.53 -32.55
CA ASP J 116 2.53 5.70 -33.25
C ASP J 116 3.77 5.44 -32.39
N GLY J 117 3.78 5.99 -31.18
CA GLY J 117 4.89 5.81 -30.26
C GLY J 117 5.82 6.99 -30.12
N GLU J 118 5.59 8.04 -30.90
CA GLU J 118 6.40 9.24 -30.77
C GLU J 118 6.07 10.00 -29.50
N VAL J 119 7.12 10.42 -28.78
CA VAL J 119 6.98 11.23 -27.58
C VAL J 119 7.60 12.62 -27.82
N LEU J 120 6.89 13.68 -27.44
CA LEU J 120 7.39 15.05 -27.63
C LEU J 120 7.44 15.78 -26.30
N TYR J 121 8.61 16.28 -25.92
CA TYR J 121 8.72 17.08 -24.72
C TYR J 121 9.41 18.44 -25.04
N MET J 122 8.68 19.54 -24.86
CA MET J 122 9.22 20.86 -25.17
C MET J 122 9.11 21.82 -24.01
N PRO J 123 10.02 21.72 -23.05
CA PRO J 123 9.98 22.68 -21.95
C PRO J 123 10.64 24.02 -22.34
N SER J 124 10.16 25.09 -21.69
CA SER J 124 10.82 26.38 -21.77
C SER J 124 11.81 26.51 -20.61
N ILE J 125 13.08 26.72 -20.94
CA ILE J 125 14.12 26.77 -19.92
C ILE J 125 14.79 28.13 -19.82
N ARG J 126 14.99 28.58 -18.59
CA ARG J 126 15.83 29.74 -18.35
C ARG J 126 17.13 29.29 -17.69
N GLN J 127 18.23 29.42 -18.43
CA GLN J 127 19.52 28.97 -17.95
C GLN J 127 20.66 29.99 -18.20
N ARG J 128 21.67 29.96 -17.31
CA ARG J 128 22.86 30.79 -17.45
C ARG J 128 24.00 29.96 -18.04
N PHE J 129 24.68 30.52 -19.03
CA PHE J 129 25.79 29.86 -19.69
C PHE J 129 27.06 30.71 -19.67
N SER J 130 28.20 30.05 -19.74
CA SER J 130 29.47 30.76 -19.87
C SER J 130 30.01 30.52 -21.27
N CYS J 131 30.24 31.60 -22.00
CA CYS J 131 30.67 31.50 -23.38
C CYS J 131 31.39 32.74 -23.90
N ASP J 132 31.67 32.73 -25.20
CA ASP J 132 32.49 33.75 -25.87
C ASP J 132 31.66 34.98 -26.20
N VAL J 133 31.57 35.90 -25.25
CA VAL J 133 30.63 36.99 -25.35
C VAL J 133 31.28 38.27 -25.92
N SER J 134 32.60 38.36 -25.80
CA SER J 134 33.35 39.49 -26.34
C SER J 134 33.01 39.69 -27.83
N GLY J 135 32.78 40.95 -28.19
CA GLY J 135 32.38 41.31 -29.55
C GLY J 135 30.87 41.37 -29.74
N VAL J 136 30.14 41.48 -28.64
CA VAL J 136 28.68 41.52 -28.70
C VAL J 136 28.20 42.88 -29.24
N ASP J 137 28.93 43.93 -28.88
CA ASP J 137 28.59 45.30 -29.29
C ASP J 137 28.83 45.59 -30.77
N THR J 138 29.69 44.73 -31.33
CA THR J 138 30.10 44.69 -32.73
C THR J 138 29.07 44.07 -33.67
N GLU J 139 29.34 44.24 -34.96
CA GLU J 139 28.38 44.08 -36.06
C GLU J 139 28.29 42.66 -36.56
N SER J 140 29.41 41.95 -36.46
CA SER J 140 29.45 40.51 -36.72
C SER J 140 28.90 39.81 -35.47
N GLY J 141 29.06 40.47 -34.33
CA GLY J 141 28.49 40.04 -33.06
C GLY J 141 29.33 39.05 -32.27
N ALA J 142 28.78 38.61 -31.13
CA ALA J 142 29.35 37.52 -30.35
C ALA J 142 28.84 36.20 -30.91
N THR J 143 29.60 35.13 -30.77
CA THR J 143 29.12 33.80 -31.12
C THR J 143 29.24 32.82 -29.94
N CYS J 144 28.14 32.67 -29.20
CA CYS J 144 28.12 31.75 -28.06
C CYS J 144 27.71 30.33 -28.46
N ARG J 145 28.47 29.36 -27.98
CA ARG J 145 28.17 27.96 -28.29
C ARG J 145 27.76 27.14 -27.05
N ILE J 146 26.56 26.57 -27.09
CA ILE J 146 26.05 25.73 -26.01
C ILE J 146 26.07 24.24 -26.39
N LYS J 147 26.78 23.43 -25.61
CA LYS J 147 26.80 21.98 -25.87
C LYS J 147 25.72 21.21 -25.08
N ILE J 148 24.89 20.46 -25.80
CA ILE J 148 23.84 19.68 -25.14
C ILE J 148 23.97 18.20 -25.45
N GLY J 149 24.17 17.38 -24.42
CA GLY J 149 24.19 15.93 -24.61
C GLY J 149 23.59 15.10 -23.47
N SER J 150 23.65 13.78 -23.62
CA SER J 150 23.26 12.89 -22.53
C SER J 150 24.30 12.92 -21.43
N TRP J 151 23.86 13.13 -20.20
CA TRP J 151 24.78 13.15 -19.07
C TRP J 151 25.39 11.81 -18.64
N THR J 152 24.71 10.69 -18.87
CA THR J 152 25.17 9.40 -18.34
C THR J 152 25.19 8.31 -19.40
N HIS J 153 24.52 8.55 -20.53
CA HIS J 153 24.47 7.55 -21.61
C HIS J 153 25.39 7.86 -22.81
N HIS J 154 26.11 6.84 -23.30
CA HIS J 154 26.91 7.00 -24.50
C HIS J 154 26.13 6.65 -25.74
N SER J 155 26.74 6.82 -26.90
CA SER J 155 26.02 6.71 -28.15
C SER J 155 25.70 5.29 -28.56
N ARG J 156 26.11 4.30 -27.77
CA ARG J 156 25.58 2.95 -27.94
C ARG J 156 24.19 2.88 -27.29
N GLU J 157 24.02 3.67 -26.23
CA GLU J 157 22.75 3.80 -25.53
C GLU J 157 21.86 4.94 -26.05
N ILE J 158 22.39 6.17 -26.07
CA ILE J 158 21.64 7.31 -26.60
C ILE J 158 22.39 8.09 -27.67
N SER J 159 21.73 8.35 -28.78
CA SER J 159 22.33 9.09 -29.86
C SER J 159 21.59 10.40 -30.04
N VAL J 160 22.34 11.50 -30.06
CA VAL J 160 21.74 12.82 -30.19
C VAL J 160 21.86 13.39 -31.60
N ASP J 161 20.74 13.84 -32.14
CA ASP J 161 20.68 14.37 -33.50
C ASP J 161 19.97 15.72 -33.52
N PRO J 162 20.36 16.55 -34.47
CA PRO J 162 19.87 17.92 -34.59
C PRO J 162 19.00 18.00 -35.81
N THR J 163 17.70 18.21 -35.50
CA THR J 163 16.58 18.22 -36.48
C THR J 163 16.45 19.36 -37.51
N THR J 164 16.56 20.60 -37.05
CA THR J 164 16.72 21.71 -37.97
C THR J 164 18.17 22.14 -37.91
N GLU J 165 18.81 22.23 -39.07
CA GLU J 165 20.25 22.52 -39.10
C GLU J 165 20.56 24.01 -39.17
N ASN J 166 19.70 24.75 -39.86
CA ASN J 166 19.91 26.17 -40.07
C ASN J 166 18.63 27.01 -39.94
N SER J 167 18.40 27.57 -38.76
CA SER J 167 17.32 28.52 -38.50
C SER J 167 17.90 29.90 -38.23
N ASP J 168 17.04 30.91 -38.15
CA ASP J 168 17.39 32.19 -37.52
C ASP J 168 16.43 32.44 -36.34
N ASP J 169 15.48 31.56 -36.16
CA ASP J 169 14.64 31.60 -34.97
C ASP J 169 13.93 32.95 -34.87
N SER J 170 13.67 33.53 -36.03
CA SER J 170 12.87 34.76 -36.12
C SER J 170 11.40 34.50 -35.78
N GLU J 171 11.00 33.24 -35.88
CA GLU J 171 9.65 32.84 -35.53
C GLU J 171 9.34 33.07 -34.04
N TYR J 172 10.32 32.83 -33.18
CA TYR J 172 10.04 32.72 -31.75
C TYR J 172 10.68 33.78 -30.86
N PHE J 173 11.82 34.32 -31.28
CA PHE J 173 12.54 35.31 -30.47
C PHE J 173 11.74 36.56 -30.15
N SER J 174 11.84 37.01 -28.91
CA SER J 174 11.14 38.21 -28.48
C SER J 174 11.65 39.43 -29.22
N GLN J 175 10.71 40.18 -29.80
CA GLN J 175 11.04 41.42 -30.48
C GLN J 175 11.46 42.48 -29.44
N TYR J 176 10.94 42.35 -28.21
CA TYR J 176 11.14 43.36 -27.19
C TYR J 176 12.50 43.22 -26.51
N SER J 177 13.21 42.15 -26.84
CA SER J 177 14.55 41.91 -26.33
C SER J 177 15.49 43.05 -26.66
N ARG J 178 16.67 43.04 -26.05
CA ARG J 178 17.68 44.01 -26.39
C ARG J 178 18.62 43.56 -27.48
N PHE J 179 18.52 42.30 -27.85
CA PHE J 179 19.50 41.72 -28.77
C PHE J 179 18.80 41.19 -30.03
N GLU J 180 19.59 40.88 -31.05
CA GLU J 180 19.05 40.26 -32.25
C GLU J 180 19.88 39.05 -32.55
N ILE J 181 19.22 38.00 -33.00
CA ILE J 181 19.92 36.83 -33.50
C ILE J 181 20.20 37.04 -34.97
N LEU J 182 21.45 36.86 -35.34
CA LEU J 182 21.83 36.87 -36.74
C LEU J 182 21.64 35.49 -37.34
N ASP J 183 22.10 34.46 -36.63
CA ASP J 183 22.01 33.08 -37.13
C ASP J 183 22.25 32.02 -36.05
N VAL J 184 21.29 31.11 -35.88
CA VAL J 184 21.47 29.93 -35.04
C VAL J 184 21.81 28.69 -35.86
N THR J 185 22.94 28.06 -35.54
CA THR J 185 23.36 26.85 -36.23
C THR J 185 23.63 25.72 -35.23
N GLN J 186 23.01 24.56 -35.46
CA GLN J 186 23.18 23.41 -34.59
C GLN J 186 23.69 22.22 -35.37
N LYS J 187 24.74 21.57 -34.87
CA LYS J 187 25.36 20.43 -35.54
C LYS J 187 25.69 19.30 -34.56
N LYS J 188 25.91 18.08 -35.09
CA LYS J 188 26.33 16.92 -34.28
C LYS J 188 27.78 17.01 -33.78
N ASN J 189 28.13 16.16 -32.82
CA ASN J 189 29.44 16.22 -32.18
C ASN J 189 29.69 15.03 -31.24
N SER J 190 30.94 14.83 -30.80
CA SER J 190 31.29 13.84 -29.76
C SER J 190 32.04 14.51 -28.60
N GLU J 198 34.36 5.20 -24.92
CA GLU J 198 33.05 5.66 -24.53
C GLU J 198 32.96 7.13 -24.81
N ALA J 199 32.19 7.50 -25.80
CA ALA J 199 32.14 8.90 -26.05
C ALA J 199 30.69 9.38 -25.89
N TYR J 200 30.36 10.67 -25.88
CA TYR J 200 28.94 11.11 -25.72
C TYR J 200 28.44 12.01 -26.86
N GLU J 201 27.53 11.49 -27.67
CA GLU J 201 26.87 12.28 -28.71
C GLU J 201 26.18 13.49 -28.10
N ASP J 202 26.10 14.55 -28.89
CA ASP J 202 25.54 15.80 -28.44
C ASP J 202 25.31 16.74 -29.63
N VAL J 203 24.40 17.69 -29.44
CA VAL J 203 24.15 18.71 -30.43
C VAL J 203 24.77 20.04 -29.99
N GLU J 204 25.71 20.54 -30.79
CA GLU J 204 26.31 21.84 -30.53
C GLU J 204 25.44 22.92 -31.15
N VAL J 205 25.06 23.89 -30.34
CA VAL J 205 24.28 25.03 -30.84
C VAL J 205 25.13 26.29 -30.84
N SER J 206 25.20 26.95 -31.99
CA SER J 206 25.99 28.17 -32.14
C SER J 206 25.08 29.37 -32.38
N LEU J 207 25.08 30.31 -31.43
CA LEU J 207 24.13 31.43 -31.44
C LEU J 207 24.79 32.80 -31.66
N ASN J 208 24.68 33.29 -32.89
CA ASN J 208 25.24 34.58 -33.27
C ASN J 208 24.25 35.70 -32.97
N PHE J 209 24.67 36.65 -32.14
CA PHE J 209 23.80 37.74 -31.68
C PHE J 209 24.60 39.03 -31.46
N ARG J 210 23.91 40.17 -31.45
CA ARG J 210 24.51 41.49 -31.15
C ARG J 210 23.50 42.40 -30.47
N LYS J 211 23.97 43.42 -29.74
CA LYS J 211 23.05 44.38 -29.16
C LYS J 211 22.33 45.12 -30.28
N LYS J 212 21.10 45.56 -30.06
CA LYS J 212 20.36 46.25 -31.11
C LYS J 212 20.85 47.68 -31.32
N GLY J 213 20.76 48.14 -32.57
CA GLY J 213 21.06 49.51 -32.92
C GLY J 213 19.86 50.16 -33.59
C01 KK1 K . -25.16 -23.74 34.67
C02 KK1 K . -24.80 -24.04 33.19
C03 KK1 K . -23.29 -23.89 32.88
C04 KK1 K . -22.95 -23.99 31.35
C05 KK1 K . -21.95 -22.86 30.85
C06 KK1 K . -20.63 -22.73 31.72
C07 KK1 K . -19.81 -21.34 31.64
C08 KK1 K . -18.20 -21.51 31.58
N09 KK1 K . -17.37 -20.23 31.66
C10 KK1 K . -17.05 -19.37 30.54
C11 KK1 K . -15.65 -19.05 30.22
C12 KK1 K . -15.39 -18.17 29.09
N13 KK1 K . -16.45 -17.68 28.38
C14 KK1 K . -17.73 -18.00 28.73
N15 KK1 K . -18.80 -17.46 27.96
N16 KK1 K . -18.09 -18.84 29.79
C17 KK1 K . -13.95 -17.69 28.56
C18 KK1 K . -12.95 -17.16 29.42
C19 KK1 K . -11.65 -16.69 28.94
C20 KK1 K . -11.31 -16.74 27.57
O21 KK1 K . -10.08 -16.30 27.12
C22 KK1 K . -9.93 -16.08 25.68
C23 KK1 K . -12.29 -17.24 26.69
C24 KK1 K . -13.56 -17.69 27.19
C1 NAG L . -31.04 16.86 9.98
C2 NAG L . -31.04 18.01 10.97
C3 NAG L . -32.24 18.91 10.67
C4 NAG L . -32.05 19.45 9.25
C5 NAG L . -31.94 18.27 8.28
C6 NAG L . -31.76 18.72 6.83
C7 NAG L . -29.91 17.54 13.05
C8 NAG L . -29.94 16.92 14.40
N2 NAG L . -31.04 17.51 12.33
O3 NAG L . -32.33 19.96 11.60
O4 NAG L . -33.13 20.28 8.88
O5 NAG L . -30.88 17.41 8.68
O6 NAG L . -30.60 19.51 6.70
O7 NAG L . -28.87 18.05 12.61
P PO4 M . -12.40 -5.41 22.58
O1 PO4 M . -11.08 -5.00 22.02
O2 PO4 M . -12.24 -5.86 24.01
O3 PO4 M . -13.40 -4.27 22.56
O4 PO4 M . -12.91 -6.51 21.68
P PO4 N . -26.33 -1.32 0.33
O1 PO4 N . -25.35 -0.68 1.26
O2 PO4 N . -25.77 -2.64 -0.15
O3 PO4 N . -26.59 -0.46 -0.88
O4 PO4 N . -27.60 -1.53 1.13
P PO4 O . -32.00 -43.14 16.11
O1 PO4 O . -30.70 -43.82 16.50
O2 PO4 O . -31.83 -42.41 14.79
O3 PO4 O . -32.36 -42.12 17.16
O4 PO4 O . -33.07 -44.22 16.01
C01 KK1 P . 7.19 -40.56 23.28
C02 KK1 P . 6.26 -39.40 22.87
C03 KK1 P . 5.17 -39.81 21.85
C04 KK1 P . 4.99 -38.72 20.73
C05 KK1 P . 5.86 -39.02 19.43
C06 KK1 P . 6.87 -37.83 19.05
C07 KK1 P . 8.24 -38.27 18.36
C08 KK1 P . 9.15 -37.08 17.73
N09 KK1 P . 9.14 -35.79 18.53
C10 KK1 P . 8.81 -34.42 18.06
C11 KK1 P . 9.43 -33.83 16.83
C12 KK1 P . 9.04 -32.49 16.50
N13 KK1 P . 8.16 -31.80 17.30
C14 KK1 P . 7.64 -32.39 18.41
N15 KK1 P . 6.74 -31.64 19.20
N16 KK1 P . 7.93 -33.67 18.83
C17 KK1 P . 9.53 -31.60 15.24
C18 KK1 P . 10.89 -31.30 14.99
C19 KK1 P . 11.37 -30.46 13.88
C20 KK1 P . 10.44 -29.90 12.97
O21 KK1 P . 10.84 -29.13 11.92
C22 KK1 P . 9.83 -28.19 11.44
C23 KK1 P . 9.09 -30.17 13.21
C24 KK1 P . 8.66 -30.99 14.31
C1 NAG Q . 0.46 4.64 36.39
C2 NAG Q . 1.45 4.40 37.54
C3 NAG Q . 1.19 5.22 38.80
C4 NAG Q . 0.63 6.60 38.49
C5 NAG Q . -0.56 6.42 37.55
C6 NAG Q . -1.36 7.70 37.37
C7 NAG Q . 2.53 2.28 37.99
C8 NAG Q . 2.36 0.87 38.49
N2 NAG Q . 1.40 2.99 37.91
O3 NAG Q . 2.39 5.36 39.54
O4 NAG Q . 0.24 7.20 39.70
O5 NAG Q . -0.07 5.95 36.32
O6 NAG Q . -0.47 8.79 37.26
O7 NAG Q . 3.63 2.74 37.68
P PO4 R . -3.31 3.52 28.04
O1 PO4 R . -3.06 4.81 27.28
O2 PO4 R . -2.12 2.60 27.87
O3 PO4 R . -3.49 3.77 29.53
O4 PO4 R . -4.59 2.88 27.52
C01 KK1 S . -1.66 -44.31 -9.62
C02 KK1 S . -0.29 -43.60 -9.85
C03 KK1 S . 0.17 -43.53 -11.35
C04 KK1 S . 1.73 -43.21 -11.48
C05 KK1 S . 2.33 -43.06 -12.96
C06 KK1 S . 3.64 -42.12 -13.05
C07 KK1 S . 3.75 -41.12 -14.34
C08 KK1 S . 4.76 -39.82 -14.26
N09 KK1 S . 4.21 -38.48 -14.84
C10 KK1 S . 4.55 -37.16 -14.28
C11 KK1 S . 4.00 -35.90 -14.84
C12 KK1 S . 4.41 -34.64 -14.19
N13 KK1 S . 5.26 -34.68 -13.13
C14 KK1 S . 5.71 -35.88 -12.66
N15 KK1 S . 6.60 -35.90 -11.53
N16 KK1 S . 5.40 -37.13 -13.19
C17 KK1 S . 3.95 -33.15 -14.63
C18 KK1 S . 4.47 -32.51 -15.80
C19 KK1 S . 4.15 -31.16 -16.25
C20 KK1 S . 3.26 -30.37 -15.50
O21 KK1 S . 2.95 -29.09 -15.92
C22 KK1 S . 2.25 -28.19 -14.99
C23 KK1 S . 2.73 -30.93 -14.33
C24 KK1 S . 3.08 -32.28 -13.92
C1 NAG T . 30.75 -13.79 12.34
C2 NAG T . 31.76 -14.02 13.44
C3 NAG T . 33.10 -13.91 12.84
C4 NAG T . 33.31 -14.93 11.81
C5 NAG T . 32.28 -14.71 10.74
C6 NAG T . 32.31 -15.93 9.88
C7 NAG T . 30.78 -12.31 14.90
C8 NAG T . 29.48 -12.07 14.22
N2 NAG T . 31.80 -12.93 14.37
O3 NAG T . 34.05 -14.03 13.83
O4 NAG T . 34.64 -14.73 11.40
O5 NAG T . 30.98 -14.65 11.26
O6 NAG T . 32.20 -15.49 8.57
O7 NAG T . 30.90 -11.88 15.98
P PO4 U . 10.41 -17.70 16.02
O1 PO4 U . 10.91 -16.70 17.02
O2 PO4 U . 11.20 -18.99 16.10
O3 PO4 U . 10.53 -17.20 14.61
O4 PO4 U . 8.96 -17.98 16.32
P PO4 V . 10.47 -21.48 -10.48
O1 PO4 V . 11.91 -21.31 -10.02
O2 PO4 V . 9.88 -20.19 -10.96
O3 PO4 V . 9.66 -21.95 -9.31
O4 PO4 V . 10.44 -22.46 -11.62
P PO4 W . -8.95 -55.77 7.08
O1 PO4 W . -7.47 -56.06 7.24
O2 PO4 W . -9.17 -54.73 6.01
O3 PO4 W . -9.49 -55.24 8.40
O4 PO4 W . -9.67 -57.06 6.72
C01 KK1 X . -25.99 -33.32 -16.94
C02 KK1 X . -25.47 -32.03 -17.63
C03 KK1 X . -26.34 -31.60 -18.84
C04 KK1 X . -26.25 -30.06 -19.13
C05 KK1 X . -26.08 -29.68 -20.67
C06 KK1 X . -24.97 -28.58 -20.92
C07 KK1 X . -25.40 -27.36 -21.85
C08 KK1 X . -24.31 -26.24 -22.27
N09 KK1 X . -24.69 -24.74 -22.01
C10 KK1 X . -23.70 -23.77 -21.54
C11 KK1 X . -24.07 -22.42 -21.05
C12 KK1 X . -23.00 -21.54 -20.62
N13 KK1 X . -21.71 -22.00 -20.65
C14 KK1 X . -21.44 -23.28 -21.11
N15 KK1 X . -20.09 -23.74 -21.15
N16 KK1 X . -22.39 -24.17 -21.55
C17 KK1 X . -23.16 -20.00 -20.02
C18 KK1 X . -23.76 -18.94 -20.74
C19 KK1 X . -23.90 -17.57 -20.26
C20 KK1 X . -23.40 -17.22 -18.99
O21 KK1 X . -23.50 -15.93 -18.49
C22 KK1 X . -22.74 -15.67 -17.27
C23 KK1 X . -22.77 -18.24 -18.26
C24 KK1 X . -22.67 -19.57 -18.77
C1 NAG Y . 18.00 -13.65 -28.72
C2 NAG Y . 17.72 -12.98 -30.07
C3 NAG Y . 18.86 -13.25 -31.05
C4 NAG Y . 20.19 -12.87 -30.41
C5 NAG Y . 20.29 -13.56 -29.07
C6 NAG Y . 21.66 -13.38 -28.39
C7 NAG Y . 15.32 -12.64 -30.41
C8 NAG Y . 14.00 -13.37 -30.48
N2 NAG Y . 16.42 -13.37 -30.62
O3 NAG Y . 18.66 -12.54 -32.25
O4 NAG Y . 21.29 -13.22 -31.24
O5 NAG Y . 19.22 -13.08 -28.26
O6 NAG Y . 21.85 -14.34 -27.38
O7 NAG Y . 15.34 -11.44 -30.16
P PO4 Z . -19.62 -50.39 -4.82
O1 PO4 Z . -19.24 -49.07 -4.20
O2 PO4 Z . -19.29 -51.52 -3.88
O3 PO4 Z . -18.82 -50.58 -6.10
O4 PO4 Z . -21.12 -50.39 -5.07
P PO4 AA . -32.31 -50.64 -16.92
O1 PO4 AA . -31.75 -50.02 -15.67
O2 PO4 AA . -31.18 -51.21 -17.74
O3 PO4 AA . -33.04 -49.58 -17.72
O4 PO4 AA . -33.27 -51.74 -16.55
C01 KK1 BA . -45.06 -19.37 2.09
C02 KK1 BA . -44.29 -18.07 2.43
C03 KK1 BA . -42.84 -18.33 3.00
C04 KK1 BA . -42.19 -17.07 3.67
C05 KK1 BA . -41.50 -17.36 5.08
C06 KK1 BA . -40.24 -16.44 5.39
C07 KK1 BA . -40.44 -15.26 6.45
C08 KK1 BA . -39.11 -14.50 6.92
N09 KK1 BA . -38.92 -13.04 6.56
C10 KK1 BA . -37.67 -12.47 6.01
C11 KK1 BA . -36.71 -11.73 6.86
C12 KK1 BA . -35.50 -11.20 6.26
N13 KK1 BA . -35.27 -11.40 4.91
C14 KK1 BA . -36.20 -12.09 4.16
N15 KK1 BA . -35.97 -12.30 2.78
N16 KK1 BA . -37.39 -12.64 4.66
C17 KK1 BA . -34.34 -10.36 7.05
C18 KK1 BA . -34.63 -9.16 7.77
C19 KK1 BA . -33.65 -8.33 8.47
C20 KK1 BA . -32.29 -8.71 8.47
O21 KK1 BA . -31.33 -7.95 9.13
C22 KK1 BA . -29.95 -8.40 8.97
C23 KK1 BA . -31.95 -9.88 7.76
C24 KK1 BA . -32.96 -10.68 7.08
C1 NAG CA . -19.63 5.88 -29.77
C2 NAG CA . -18.85 6.25 -31.02
C3 NAG CA . -19.45 7.51 -31.64
C4 NAG CA . -20.93 7.31 -31.90
C5 NAG CA . -21.68 6.72 -30.71
C6 NAG CA . -23.07 6.19 -31.12
C7 NAG CA . -16.51 5.85 -31.48
C8 NAG CA . -15.42 5.13 -30.73
N2 NAG CA . -17.44 6.45 -30.75
O3 NAG CA . -18.78 7.83 -32.83
O4 NAG CA . -21.48 8.57 -32.22
O5 NAG CA . -20.99 5.62 -30.12
O6 NAG CA . -23.86 7.25 -31.62
O7 NAG CA . -16.51 5.88 -32.72
P PO4 DA . -12.23 -11.41 -20.18
O1 PO4 DA . -11.26 -11.17 -21.32
O2 PO4 DA . -11.59 -12.47 -19.33
O3 PO4 DA . -12.47 -10.18 -19.37
O4 PO4 DA . -13.58 -11.90 -20.67
P PO4 EA . -25.63 -34.60 2.92
O1 PO4 EA . -25.67 -33.15 3.36
O2 PO4 EA . -24.20 -35.12 2.95
O3 PO4 EA . -26.49 -35.46 3.83
O4 PO4 EA . -26.15 -34.71 1.50
P PO4 FA . -36.33 -23.09 -21.80
O1 PO4 FA . -35.70 -21.72 -21.85
O2 PO4 FA . -36.11 -23.76 -23.14
O3 PO4 FA . -35.70 -23.84 -20.64
O4 PO4 FA . -37.81 -22.98 -21.58
C01 KK1 GA . 42.60 20.43 8.34
C02 KK1 GA . 41.07 20.26 8.12
C03 KK1 GA . 40.23 21.28 8.97
C04 KK1 GA . 38.76 20.81 9.21
C05 KK1 GA . 38.25 21.00 10.70
C06 KK1 GA . 37.12 19.97 11.10
C07 KK1 GA . 37.15 19.36 12.57
C08 KK1 GA . 35.73 18.84 13.15
N09 KK1 GA . 35.51 17.32 13.19
C10 KK1 GA . 34.46 16.65 12.42
C11 KK1 GA . 33.18 16.26 13.06
C12 KK1 GA . 32.19 15.59 12.23
N13 KK1 GA . 32.46 15.37 10.90
C14 KK1 GA . 33.67 15.75 10.38
N15 KK1 GA . 33.93 15.49 9.01
N16 KK1 GA . 34.68 16.38 11.09
C17 KK1 GA . 30.72 15.09 12.75
C18 KK1 GA . 30.55 14.38 13.98
C19 KK1 GA . 29.27 13.92 14.49
C20 KK1 GA . 28.08 14.12 13.74
O21 KK1 GA . 26.87 13.67 14.20
C22 KK1 GA . 25.68 14.11 13.47
C23 KK1 GA . 28.21 14.79 12.51
C24 KK1 GA . 29.49 15.27 12.05
C1 NAG HA . 28.03 -16.26 -16.27
C2 NAG HA . 28.84 -17.43 -15.75
C3 NAG HA . 29.71 -17.88 -16.92
C4 NAG HA . 28.79 -18.30 -18.07
C5 NAG HA . 27.63 -17.33 -18.33
C6 NAG HA . 26.54 -17.98 -19.18
C7 NAG HA . 29.27 -17.56 -13.33
C8 NAG HA . 27.92 -18.19 -13.12
N2 NAG HA . 29.58 -17.10 -14.55
O3 NAG HA . 30.53 -18.95 -16.52
O4 NAG HA . 29.55 -18.45 -19.26
O5 NAG HA . 27.06 -16.82 -17.14
O6 NAG HA . 25.88 -16.99 -19.94
O7 NAG HA . 30.05 -17.49 -12.37
P PO4 IA . 18.90 2.81 -17.89
O1 PO4 IA . 20.41 2.98 -17.84
O2 PO4 IA . 18.26 4.14 -18.12
O3 PO4 IA . 18.47 2.27 -16.55
O4 PO4 IA . 18.53 1.87 -19.01
P PO4 JA . 20.63 -10.86 -15.91
O1 PO4 JA . 20.76 -9.87 -14.78
O2 PO4 JA . 21.95 -11.59 -16.02
O3 PO4 JA . 20.32 -10.10 -17.18
O4 PO4 JA . 19.54 -11.86 -15.59
N09 KK1 KA . 7.15 33.02 23.73
C10 KK1 KA . 7.27 31.72 23.09
C11 KK1 KA . 6.10 31.13 22.44
C12 KK1 KA . 6.22 29.84 21.82
N13 KK1 KA . 7.44 29.19 21.85
C14 KK1 KA . 8.52 29.82 22.49
N15 KK1 KA . 9.79 29.15 22.53
N16 KK1 KA . 8.48 31.06 23.11
C17 KK1 KA . 4.97 29.12 21.08
C18 KK1 KA . 3.69 29.08 21.67
C19 KK1 KA . 2.51 28.46 21.09
C20 KK1 KA . 2.59 27.83 19.83
O21 KK1 KA . 1.45 27.24 19.27
C22 KK1 KA . 1.60 26.43 18.09
C23 KK1 KA . 3.84 27.85 19.20
C24 KK1 KA . 4.99 28.48 19.82
C1 NAG LA . 24.94 -7.96 26.18
C2 NAG LA . 24.15 -8.53 27.35
C3 NAG LA . 24.92 -9.68 27.98
C4 NAG LA . 25.28 -10.71 26.90
C5 NAG LA . 25.90 -10.08 25.65
C6 NAG LA . 25.95 -11.11 24.53
C7 NAG LA . 22.61 -7.19 28.71
C8 NAG LA . 21.47 -7.83 27.97
N2 NAG LA . 23.85 -7.49 28.32
O3 NAG LA . 24.15 -10.25 29.01
O4 NAG LA . 26.19 -11.67 27.41
O5 NAG LA . 25.16 -8.96 25.20
O6 NAG LA . 26.29 -12.38 25.06
O7 NAG LA . 22.38 -6.42 29.64
P PO4 MA . 24.70 3.57 8.26
O1 PO4 MA . 25.52 4.14 9.40
O2 PO4 MA . 25.32 2.33 7.65
O3 PO4 MA . 24.55 4.61 7.16
O4 PO4 MA . 23.36 3.24 8.83
P PO4 NA . 21.75 -6.32 16.97
O1 PO4 NA . 23.10 -6.33 17.66
O2 PO4 NA . 21.87 -5.54 15.68
O3 PO4 NA . 20.76 -5.67 17.91
O4 PO4 NA . 21.31 -7.73 16.64
N09 KK1 OA . -11.38 39.39 -2.84
C10 KK1 OA . -11.10 38.05 -2.38
C11 KK1 OA . -11.27 36.93 -3.31
C12 KK1 OA . -10.97 35.59 -2.85
N13 KK1 OA . -10.56 35.40 -1.55
C14 KK1 OA . -10.42 36.52 -0.71
N15 KK1 OA . -9.99 36.34 0.64
N16 KK1 OA . -10.68 37.85 -1.09
C17 KK1 OA . -11.14 34.29 -3.81
C18 KK1 OA . -12.34 34.07 -4.54
C19 KK1 OA . -12.57 32.95 -5.43
C20 KK1 OA . -11.57 31.97 -5.62
O21 KK1 OA . -11.80 30.87 -6.48
C22 KK1 OA . -11.75 29.54 -5.93
C23 KK1 OA . -10.37 32.15 -4.91
C24 KK1 OA . -10.17 33.28 -4.04
C1 NAG PA . -12.77 11.62 32.68
C2 NAG PA . -14.19 11.76 33.24
C3 NAG PA . -14.18 11.61 34.77
C4 NAG PA . -13.40 10.34 35.20
C5 NAG PA . -12.09 10.23 34.43
C6 NAG PA . -11.29 8.96 34.75
C7 NAG PA . -16.11 13.19 32.73
C8 NAG PA . -16.71 13.02 31.36
N2 NAG PA . -14.79 13.02 32.84
O3 NAG PA . -15.49 11.62 35.30
O4 NAG PA . -13.15 10.39 36.58
O5 NAG PA . -12.34 10.32 33.05
O6 NAG PA . -12.13 7.83 34.85
O7 NAG PA . -16.82 13.46 33.70
P PO4 QA . 4.44 15.48 20.88
O1 PO4 QA . 5.48 16.09 19.96
O2 PO4 QA . 3.78 16.48 21.78
O3 PO4 QA . 5.15 14.48 21.77
O4 PO4 QA . 3.35 14.84 20.07
P PO4 RA . -13.74 22.28 2.50
O1 PO4 RA . -12.39 22.77 2.95
O2 PO4 RA . -13.52 21.15 1.54
O3 PO4 RA . -14.46 23.36 1.74
O4 PO4 RA . -14.49 21.88 3.74
C01 KK1 SA . 2.95 37.71 -32.46
C02 KK1 SA . 2.46 36.25 -32.32
C03 KK1 SA . 2.98 35.54 -31.01
C04 KK1 SA . 2.97 33.98 -31.12
C05 KK1 SA . 4.02 33.23 -30.19
C06 KK1 SA . 4.50 31.82 -30.76
C07 KK1 SA . 3.82 30.48 -30.16
C08 KK1 SA . 4.67 29.10 -30.34
N09 KK1 SA . 3.87 27.79 -30.50
C10 KK1 SA . 3.38 26.93 -29.41
C11 KK1 SA . 3.91 25.56 -29.22
C12 KK1 SA . 3.37 24.74 -28.14
N13 KK1 SA . 2.36 25.26 -27.35
C14 KK1 SA . 1.89 26.53 -27.57
N15 KK1 SA . 0.86 27.04 -26.73
N16 KK1 SA . 2.36 27.40 -28.58
C17 KK1 SA . 3.85 23.24 -27.77
C18 KK1 SA . 3.77 22.16 -28.69
C19 KK1 SA . 4.17 20.79 -28.37
C20 KK1 SA . 4.68 20.45 -27.09
O21 KK1 SA . 5.07 19.14 -26.79
C22 KK1 SA . 4.72 18.60 -25.48
C23 KK1 SA . 4.76 21.49 -26.15
C24 KK1 SA . 4.35 22.84 -26.50
C1 NAG TA . -32.17 16.84 -6.35
C2 NAG TA . -33.24 16.26 -7.24
C3 NAG TA . -34.61 16.33 -6.54
C4 NAG TA . -34.45 15.47 -5.33
C5 NAG TA . -33.60 16.27 -4.43
C6 NAG TA . -33.55 15.66 -3.07
C7 NAG TA . -32.38 16.14 -9.44
C8 NAG TA . -32.74 16.21 -10.88
N2 NAG TA . -33.11 16.82 -8.57
O3 NAG TA . -35.72 15.70 -7.16
O4 NAG TA . -35.70 15.23 -4.77
O5 NAG TA . -32.34 16.24 -5.08
O6 NAG TA . -33.55 16.74 -2.14
O7 NAG TA . -31.47 15.44 -9.12
N09 KK1 UA . 32.86 13.87 -20.54
C10 KK1 UA . 31.52 13.45 -20.22
C11 KK1 UA . 31.27 12.65 -19.02
C12 KK1 UA . 29.92 12.24 -18.72
N13 KK1 UA . 28.89 12.61 -19.57
C14 KK1 UA . 29.20 13.38 -20.70
N15 KK1 UA . 28.15 13.78 -21.59
N16 KK1 UA . 30.48 13.82 -21.06
C17 KK1 UA . 29.56 11.36 -17.41
C18 KK1 UA . 30.29 10.18 -17.10
C19 KK1 UA . 30.05 9.32 -15.96
C20 KK1 UA . 29.02 9.63 -15.04
O21 KK1 UA . 28.79 8.80 -13.93
C22 KK1 UA . 28.03 9.32 -12.83
C23 KK1 UA . 28.27 10.79 -15.31
C24 KK1 UA . 28.54 11.62 -16.46
C1 NAG VA . -7.86 -0.74 -35.30
C2 NAG VA . -7.14 -1.93 -35.95
C3 NAG VA . -8.09 -2.94 -36.59
C4 NAG VA . -9.13 -2.19 -37.41
C5 NAG VA . -9.95 -1.29 -36.48
C6 NAG VA . -11.30 -1.97 -36.19
C7 NAG VA . -4.98 -1.85 -36.98
C8 NAG VA . -4.05 -1.09 -37.88
N2 NAG VA . -6.24 -1.47 -36.98
O3 NAG VA . -8.72 -3.75 -35.61
O4 NAG VA . -8.47 -1.43 -38.41
O5 NAG VA . -9.27 -0.98 -35.26
O6 NAG VA . -12.24 -1.05 -35.65
O7 NAG VA . -4.57 -2.78 -36.29
P PO4 WA . -4.61 14.54 -21.43
O1 PO4 WA . -4.15 15.39 -20.28
O2 PO4 WA . -4.03 13.16 -21.37
O3 PO4 WA . -4.12 15.12 -22.73
O4 PO4 WA . -6.12 14.50 -21.38
#